data_2WU0
#
_entry.id   2WU0
#
_cell.length_a   81.713
_cell.length_b   122.929
_cell.length_c   205.402
_cell.angle_alpha   90.00
_cell.angle_beta   90.00
_cell.angle_gamma   90.00
#
_symmetry.space_group_name_H-M   'P 21 21 21'
#
loop_
_entity.id
_entity.type
_entity.pdbx_description
1 polymer PHYTASE
2 non-polymer 'SULFATE ION'
3 water water
#
_entity_poly.entity_id   1
_entity_poly.type   'polypeptide(L)'
_entity_poly.pdbx_seq_one_letter_code
;MDIGINSDPPPRDWQLEKVVELSRAGIRPPTAGNREAIEAATGRPWTEWTTHDGELTGHGYAAVVNKGREEGQHYRQLGL
LQAGCPTAESIYVRASPLQRTRATAQALVDGAFPGCGVAIHYANGDADPLFQTDKFAATQTDPARQLAAVKEKAGDLAQR
RQALAPTIQLLKQAVCQADKPCPIFDTPWRVEQSKSGKTTISGLSVMANMVETLRLGWSENLPLSQLAWGKIAQASQITA
LLPLLTENYDLSNDVLYTAQKRGSVLLNAMLDGVKPEASPNVRWLLLVAHDTNIAMVRTLMNFSWQLPGYSRGNIPPGSS
LVLERWRDAKSGERYLRVYFQAQGLDDLRRLQTPDAQHPMLRQEWRQPGCRQTDVGTLCPFQAAITALGQRIDRPSAPAV
AMVLPKLAAALEHHHHHH
;
_entity_poly.pdbx_strand_id   A,B,C,D
#
loop_
_chem_comp.id
_chem_comp.type
_chem_comp.name
_chem_comp.formula
SO4 non-polymer 'SULFATE ION' 'O4 S -2'
#
# COMPACT_ATOMS: atom_id res chain seq x y z
N ARG A 12 -22.75 28.98 -21.19
CA ARG A 12 -22.17 27.63 -20.85
C ARG A 12 -22.57 26.62 -21.92
N ASP A 13 -21.56 25.97 -22.52
CA ASP A 13 -21.80 25.09 -23.65
C ASP A 13 -22.27 23.71 -23.21
N TRP A 14 -21.86 23.29 -22.02
CA TRP A 14 -22.11 21.94 -21.54
C TRP A 14 -22.50 21.97 -20.07
N GLN A 15 -23.55 21.23 -19.72
CA GLN A 15 -24.00 21.17 -18.34
C GLN A 15 -23.93 19.75 -17.81
N LEU A 16 -23.13 19.57 -16.77
CA LEU A 16 -23.05 18.33 -16.03
C LEU A 16 -24.34 18.15 -15.24
N GLU A 17 -24.97 16.98 -15.43
CA GLU A 17 -26.27 16.68 -14.83
C GLU A 17 -26.19 15.71 -13.66
N LYS A 18 -25.33 14.70 -13.75
CA LYS A 18 -25.31 13.58 -12.81
C LYS A 18 -23.89 12.97 -12.78
N VAL A 19 -23.39 12.73 -11.57
CA VAL A 19 -22.20 11.96 -11.40
C VAL A 19 -22.57 10.63 -10.72
N VAL A 20 -22.03 9.54 -11.26
CA VAL A 20 -22.00 8.24 -10.57
C VAL A 20 -20.54 7.85 -10.43
N GLU A 21 -20.09 7.58 -9.21
CA GLU A 21 -18.66 7.32 -8.95
C GLU A 21 -18.44 6.09 -8.10
N LEU A 22 -17.48 5.26 -8.52
CA LEU A 22 -17.08 4.07 -7.79
C LEU A 22 -15.64 4.27 -7.35
N SER A 23 -15.48 4.58 -6.07
CA SER A 23 -14.19 4.79 -5.46
C SER A 23 -13.65 3.49 -4.87
N ARG A 24 -12.34 3.32 -4.96
CA ARG A 24 -11.66 2.34 -4.14
C ARG A 24 -11.43 2.92 -2.74
N ALA A 25 -11.40 2.05 -1.74
CA ALA A 25 -10.93 2.41 -0.41
C ALA A 25 -9.57 3.04 -0.54
N GLY A 26 -9.23 3.83 0.46
CA GLY A 26 -7.92 4.46 0.51
C GLY A 26 -6.84 3.50 0.98
N ILE A 27 -5.69 4.08 1.29
CA ILE A 27 -4.51 3.33 1.66
C ILE A 27 -4.78 2.50 2.90
N ARG A 28 -4.53 1.21 2.81
CA ARG A 28 -4.61 0.31 3.95
C ARG A 28 -3.27 -0.37 4.15
N PRO A 29 -3.03 -0.89 5.35
CA PRO A 29 -1.94 -1.85 5.47
C PRO A 29 -2.43 -3.12 4.82
N PRO A 30 -1.59 -4.14 4.73
CA PRO A 30 -2.11 -5.37 4.16
C PRO A 30 -3.26 -5.91 5.00
N THR A 31 -4.17 -6.66 4.39
CA THR A 31 -5.19 -7.37 5.15
C THR A 31 -4.54 -8.48 6.01
N ALA A 32 -5.29 -9.03 6.96
CA ALA A 32 -4.74 -10.08 7.85
C ALA A 32 -4.24 -11.29 7.03
N GLY A 33 -5.07 -11.73 6.07
CA GLY A 33 -4.74 -12.83 5.17
C GLY A 33 -3.54 -12.56 4.29
N ASN A 34 -3.49 -11.34 3.72
CA ASN A 34 -2.35 -10.91 2.94
C ASN A 34 -1.09 -11.05 3.78
N ARG A 35 -1.13 -10.51 4.99
CA ARG A 35 0.07 -10.46 5.81
C ARG A 35 0.63 -11.84 6.01
N GLU A 36 -0.26 -12.78 6.33
CA GLU A 36 0.15 -14.14 6.60
C GLU A 36 0.76 -14.76 5.34
N ALA A 37 0.08 -14.61 4.21
CA ALA A 37 0.59 -15.15 2.96
C ALA A 37 1.96 -14.55 2.62
N ILE A 38 2.11 -13.23 2.73
CA ILE A 38 3.34 -12.59 2.30
C ILE A 38 4.51 -12.83 3.26
N GLU A 39 4.21 -12.96 4.56
CA GLU A 39 5.24 -13.27 5.55
C GLU A 39 5.70 -14.72 5.44
N ALA A 40 4.76 -15.62 5.17
CA ALA A 40 5.09 -17.01 4.85
C ALA A 40 5.96 -17.06 3.59
N ALA A 41 5.54 -16.32 2.57
CA ALA A 41 6.17 -16.37 1.24
C ALA A 41 7.61 -15.84 1.25
N THR A 42 7.93 -14.96 2.20
CA THR A 42 9.24 -14.33 2.25
C THR A 42 10.07 -14.81 3.46
N GLY A 43 9.52 -15.72 4.27
CA GLY A 43 10.19 -16.21 5.48
C GLY A 43 10.60 -15.11 6.46
N ARG A 44 9.82 -14.04 6.51
CA ARG A 44 10.16 -12.92 7.39
C ARG A 44 8.90 -12.10 7.74
N PRO A 45 8.93 -11.40 8.87
CA PRO A 45 7.79 -10.56 9.20
C PRO A 45 7.87 -9.23 8.45
N TRP A 46 6.72 -8.64 8.14
CA TRP A 46 6.68 -7.36 7.44
C TRP A 46 6.23 -6.32 8.42
N THR A 47 6.50 -5.07 8.08
CA THR A 47 6.22 -3.97 8.96
C THR A 47 4.78 -3.98 9.46
N GLU A 48 4.63 -3.85 10.78
CA GLU A 48 3.34 -3.57 11.38
C GLU A 48 3.12 -2.06 11.29
N TRP A 49 1.99 -1.65 10.72
CA TRP A 49 1.77 -0.23 10.52
C TRP A 49 1.15 0.30 11.79
N THR A 50 1.06 1.62 11.92
CA THR A 50 0.35 2.21 13.06
C THR A 50 -1.15 2.07 12.89
N THR A 51 -1.58 1.73 11.67
CA THR A 51 -2.96 1.37 11.41
C THR A 51 -3.11 -0.14 11.50
N HIS A 52 -4.25 -0.62 12.01
CA HIS A 52 -4.51 -2.05 12.05
C HIS A 52 -4.64 -2.60 10.65
N ASP A 53 -4.25 -3.86 10.48
CA ASP A 53 -4.33 -4.50 9.18
C ASP A 53 -5.75 -4.36 8.62
N GLY A 54 -5.83 -3.95 7.36
CA GLY A 54 -7.10 -3.87 6.65
C GLY A 54 -7.86 -2.56 6.81
N GLU A 55 -7.42 -1.69 7.71
CA GLU A 55 -8.14 -0.46 7.94
C GLU A 55 -7.52 0.71 7.20
N LEU A 56 -8.30 1.78 7.07
CA LEU A 56 -7.85 2.96 6.35
C LEU A 56 -6.84 3.67 7.22
N THR A 57 -5.64 3.88 6.69
CA THR A 57 -4.59 4.60 7.36
C THR A 57 -4.96 6.07 7.40
N GLY A 58 -4.40 6.83 8.32
CA GLY A 58 -4.65 8.27 8.40
C GLY A 58 -4.09 8.99 7.19
N HIS A 59 -2.93 8.56 6.74
CA HIS A 59 -2.34 9.06 5.51
C HIS A 59 -3.36 8.82 4.40
N GLY A 60 -3.91 7.62 4.37
CA GLY A 60 -4.93 7.26 3.38
C GLY A 60 -6.14 8.18 3.40
N TYR A 61 -6.63 8.45 4.59
CA TYR A 61 -7.69 9.40 4.81
C TYR A 61 -7.24 10.78 4.29
N ALA A 62 -6.02 11.19 4.60
CA ALA A 62 -5.51 12.48 4.13
C ALA A 62 -5.60 12.56 2.62
N ALA A 63 -5.06 11.55 1.94
CA ALA A 63 -5.02 11.53 0.48
C ALA A 63 -6.43 11.58 -0.09
N VAL A 64 -7.35 10.82 0.51
CA VAL A 64 -8.73 10.79 0.04
C VAL A 64 -9.44 12.12 0.26
N VAL A 65 -9.16 12.77 1.39
CA VAL A 65 -9.69 14.11 1.67
C VAL A 65 -9.23 15.10 0.61
N ASN A 66 -8.00 14.97 0.16
CA ASN A 66 -7.47 15.86 -0.85
C ASN A 66 -8.15 15.71 -2.21
N LYS A 67 -8.49 14.47 -2.55
CA LYS A 67 -9.19 14.21 -3.81
C LYS A 67 -10.63 14.71 -3.69
N GLY A 68 -11.24 14.45 -2.55
CA GLY A 68 -12.60 14.88 -2.29
C GLY A 68 -12.74 16.39 -2.27
N ARG A 69 -11.73 17.09 -1.79
CA ARG A 69 -11.77 18.55 -1.73
C ARG A 69 -11.76 19.14 -3.14
N GLU A 70 -10.83 18.68 -3.98
CA GLU A 70 -10.75 19.12 -5.38
C GLU A 70 -12.05 18.76 -6.11
N GLU A 71 -12.58 17.58 -5.81
CA GLU A 71 -13.77 17.09 -6.47
C GLU A 71 -15.01 17.89 -6.05
N GLY A 72 -15.08 18.27 -4.78
CA GLY A 72 -16.17 19.10 -4.30
C GLY A 72 -16.10 20.46 -4.98
N GLN A 73 -14.90 20.99 -5.10
CA GLN A 73 -14.69 22.28 -5.76
C GLN A 73 -15.02 22.20 -7.23
N HIS A 74 -14.51 21.15 -7.87
CA HIS A 74 -14.75 20.91 -9.30
C HIS A 74 -16.24 20.91 -9.58
N TYR A 75 -16.99 20.08 -8.86
CA TYR A 75 -18.41 19.89 -9.13
C TYR A 75 -19.35 21.06 -8.72
N ARG A 76 -18.91 21.88 -7.77
CA ARG A 76 -19.60 23.15 -7.48
C ARG A 76 -19.37 24.17 -8.61
N GLN A 77 -18.12 24.32 -9.02
CA GLN A 77 -17.77 25.17 -10.15
C GLN A 77 -18.59 24.77 -11.38
N LEU A 78 -18.80 23.47 -11.61
CA LEU A 78 -19.58 23.00 -12.75
C LEU A 78 -21.09 23.07 -12.55
N GLY A 79 -21.54 23.53 -11.38
CA GLY A 79 -22.96 23.78 -11.12
C GLY A 79 -23.78 22.55 -10.81
N LEU A 80 -23.10 21.42 -10.61
CA LEU A 80 -23.77 20.17 -10.28
C LEU A 80 -24.19 20.26 -8.85
N LEU A 81 -23.28 20.72 -8.01
CA LEU A 81 -23.53 20.81 -6.58
C LEU A 81 -23.81 22.25 -6.19
N GLN A 82 -24.82 22.44 -5.35
CA GLN A 82 -25.10 23.71 -4.70
C GLN A 82 -23.88 24.24 -3.97
N ALA A 83 -23.82 25.54 -3.72
CA ALA A 83 -22.83 26.12 -2.80
C ALA A 83 -23.17 25.72 -1.38
N GLY A 84 -22.15 25.66 -0.51
CA GLY A 84 -22.33 25.33 0.90
C GLY A 84 -22.52 23.85 1.15
N CYS A 85 -23.34 23.52 2.14
CA CYS A 85 -23.53 22.11 2.54
C CYS A 85 -24.60 21.43 1.72
N PRO A 86 -24.39 20.16 1.41
CA PRO A 86 -25.24 19.44 0.51
C PRO A 86 -26.50 18.97 1.20
N THR A 87 -27.53 18.69 0.41
CA THR A 87 -28.78 18.16 0.89
C THR A 87 -28.89 16.71 0.46
N ALA A 88 -29.99 16.08 0.86
CA ALA A 88 -30.37 14.78 0.30
C ALA A 88 -30.39 14.80 -1.25
N GLU A 89 -30.68 15.94 -1.88
CA GLU A 89 -30.68 15.99 -3.37
C GLU A 89 -29.27 16.11 -3.97
N SER A 90 -28.30 16.56 -3.18
CA SER A 90 -26.97 16.79 -3.71
C SER A 90 -26.23 15.48 -3.97
N ILE A 91 -26.24 14.57 -2.99
CA ILE A 91 -25.33 13.42 -2.98
C ILE A 91 -25.89 12.28 -2.14
N TYR A 92 -25.63 11.05 -2.55
CA TYR A 92 -25.89 9.89 -1.70
C TYR A 92 -24.66 9.02 -1.75
N VAL A 93 -24.07 8.77 -0.60
CA VAL A 93 -22.86 7.97 -0.49
C VAL A 93 -23.20 6.61 0.10
N ARG A 94 -22.75 5.56 -0.57
CA ARG A 94 -22.98 4.20 -0.13
C ARG A 94 -21.68 3.45 -0.17
N ALA A 95 -21.22 3.04 1.01
CA ALA A 95 -19.91 2.39 1.17
C ALA A 95 -20.07 0.93 1.55
N SER A 96 -19.15 0.10 1.04
CA SER A 96 -18.99 -1.27 1.51
C SER A 96 -18.83 -1.22 3.03
N PRO A 97 -19.45 -2.16 3.76
CA PRO A 97 -19.43 -2.10 5.23
C PRO A 97 -18.06 -2.23 5.91
N LEU A 98 -17.03 -2.70 5.21
CA LEU A 98 -15.72 -2.76 5.83
C LEU A 98 -15.35 -1.37 6.38
N GLN A 99 -14.50 -1.39 7.40
CA GLN A 99 -14.07 -0.19 8.06
C GLN A 99 -13.42 0.77 7.06
N ARG A 100 -12.53 0.24 6.24
CA ARG A 100 -11.74 1.10 5.36
C ARG A 100 -12.57 1.82 4.30
N THR A 101 -13.60 1.16 3.80
CA THR A 101 -14.43 1.78 2.79
C THR A 101 -15.36 2.81 3.43
N ARG A 102 -15.90 2.50 4.61
CA ARG A 102 -16.65 3.50 5.34
C ARG A 102 -15.81 4.73 5.62
N ALA A 103 -14.63 4.52 6.18
CA ALA A 103 -13.75 5.64 6.48
C ALA A 103 -13.41 6.44 5.20
N THR A 104 -13.22 5.74 4.08
CA THR A 104 -12.91 6.38 2.82
C THR A 104 -14.11 7.20 2.33
N ALA A 105 -15.30 6.64 2.43
CA ALA A 105 -16.52 7.37 2.16
C ALA A 105 -16.52 8.66 3.00
N GLN A 106 -16.27 8.53 4.30
CA GLN A 106 -16.27 9.69 5.19
C GLN A 106 -15.21 10.71 4.77
N ALA A 107 -14.05 10.23 4.33
CA ALA A 107 -12.97 11.12 3.92
C ALA A 107 -13.31 11.89 2.64
N LEU A 108 -13.99 11.25 1.70
CA LEU A 108 -14.36 11.90 0.44
C LEU A 108 -15.30 13.08 0.70
N VAL A 109 -16.34 12.83 1.49
CA VAL A 109 -17.31 13.87 1.81
C VAL A 109 -16.75 14.86 2.83
N ASP A 110 -15.75 14.43 3.60
CA ASP A 110 -15.02 15.32 4.50
C ASP A 110 -14.32 16.41 3.68
N GLY A 111 -13.63 16.01 2.62
CA GLY A 111 -12.99 16.95 1.70
C GLY A 111 -13.98 17.75 0.87
N ALA A 112 -14.95 17.06 0.28
CA ALA A 112 -15.90 17.65 -0.67
C ALA A 112 -16.87 18.64 -0.04
N PHE A 113 -17.13 18.51 1.26
CA PHE A 113 -18.09 19.35 1.95
C PHE A 113 -17.54 19.70 3.31
N PRO A 114 -16.57 20.62 3.34
CA PRO A 114 -15.86 20.97 4.56
C PRO A 114 -16.78 21.35 5.71
N GLY A 115 -16.65 20.61 6.81
CA GLY A 115 -17.39 20.90 8.03
C GLY A 115 -18.87 20.60 8.00
N CYS A 116 -19.36 19.92 6.97
CA CYS A 116 -20.81 19.70 6.84
C CYS A 116 -21.32 18.42 7.52
N GLY A 117 -20.47 17.73 8.26
CA GLY A 117 -20.86 16.47 8.88
C GLY A 117 -21.74 15.61 7.98
N VAL A 118 -21.30 15.36 6.76
CA VAL A 118 -22.13 14.63 5.83
C VAL A 118 -22.08 13.13 6.15
N ALA A 119 -23.25 12.53 6.22
CA ALA A 119 -23.41 11.12 6.56
C ALA A 119 -23.12 10.29 5.35
N ILE A 120 -22.57 9.10 5.58
CA ILE A 120 -22.46 8.08 4.54
C ILE A 120 -23.30 6.87 4.97
N HIS A 121 -23.55 5.96 4.04
CA HIS A 121 -24.46 4.85 4.31
C HIS A 121 -23.83 3.49 3.98
N TYR A 122 -24.13 2.49 4.80
CA TYR A 122 -23.61 1.16 4.53
C TYR A 122 -24.55 0.13 5.11
N ALA A 123 -24.50 -1.07 4.57
CA ALA A 123 -25.39 -2.17 4.96
C ALA A 123 -25.18 -2.52 6.42
N ASN A 124 -26.27 -2.92 7.08
CA ASN A 124 -26.26 -3.24 8.51
C ASN A 124 -25.50 -4.53 8.86
N GLY A 125 -25.24 -5.39 7.87
CA GLY A 125 -24.44 -6.62 8.07
C GLY A 125 -23.02 -6.51 7.55
N ASP A 126 -22.51 -7.63 7.01
CA ASP A 126 -21.15 -7.67 6.43
C ASP A 126 -21.14 -7.84 4.92
N ALA A 127 -22.34 -7.96 4.34
CA ALA A 127 -22.49 -8.15 2.90
C ALA A 127 -23.38 -7.06 2.32
N ASP A 128 -22.85 -6.36 1.31
CA ASP A 128 -23.66 -5.45 0.50
C ASP A 128 -23.88 -6.13 -0.82
N PRO A 129 -25.13 -6.23 -1.26
CA PRO A 129 -25.37 -6.94 -2.52
C PRO A 129 -24.65 -6.35 -3.75
N LEU A 130 -24.29 -5.06 -3.70
CA LEU A 130 -23.46 -4.47 -4.76
C LEU A 130 -21.96 -4.86 -4.71
N PHE A 131 -21.47 -5.34 -3.57
CA PHE A 131 -20.02 -5.41 -3.37
C PHE A 131 -19.52 -6.79 -2.95
N GLN A 132 -20.10 -7.30 -1.88
CA GLN A 132 -19.78 -8.64 -1.42
C GLN A 132 -20.73 -9.56 -2.18
N THR A 133 -20.60 -9.54 -3.50
CA THR A 133 -21.55 -10.18 -4.39
C THR A 133 -21.47 -11.72 -4.34
N ASP A 134 -20.36 -12.25 -3.83
CA ASP A 134 -20.25 -13.69 -3.67
C ASP A 134 -21.03 -14.21 -2.46
N LYS A 135 -21.77 -13.34 -1.77
CA LYS A 135 -22.58 -13.76 -0.64
C LYS A 135 -24.07 -13.88 -1.00
N PHE A 136 -24.39 -13.77 -2.29
CA PHE A 136 -25.78 -13.78 -2.74
C PHE A 136 -25.98 -14.82 -3.86
N ALA A 137 -27.14 -15.47 -3.88
CA ALA A 137 -27.37 -16.57 -4.83
C ALA A 137 -27.19 -16.07 -6.26
N ALA A 138 -27.94 -15.03 -6.60
CA ALA A 138 -27.95 -14.50 -7.94
C ALA A 138 -26.53 -14.12 -8.45
N THR A 139 -25.63 -13.71 -7.55
CA THR A 139 -24.35 -13.10 -7.97
C THR A 139 -23.07 -13.87 -7.54
N GLN A 140 -23.18 -15.18 -7.38
CA GLN A 140 -22.00 -16.03 -7.12
C GLN A 140 -21.50 -16.73 -8.38
N THR A 141 -20.21 -17.03 -8.43
CA THR A 141 -19.65 -17.87 -9.49
C THR A 141 -19.94 -19.35 -9.24
N ASP A 142 -20.22 -20.07 -10.32
CA ASP A 142 -20.23 -21.53 -10.27
C ASP A 142 -18.76 -21.98 -10.30
N PRO A 143 -18.32 -22.70 -9.27
CA PRO A 143 -16.95 -23.22 -9.21
C PRO A 143 -16.45 -23.83 -10.51
N ALA A 144 -17.22 -24.76 -11.08
CA ALA A 144 -16.80 -25.47 -12.29
C ALA A 144 -16.51 -24.46 -13.42
N ARG A 145 -17.49 -23.60 -13.68
CA ARG A 145 -17.38 -22.57 -14.71
C ARG A 145 -16.24 -21.61 -14.44
N GLN A 146 -16.07 -21.25 -13.18
CA GLN A 146 -14.99 -20.36 -12.76
C GLN A 146 -13.62 -20.94 -13.11
N LEU A 147 -13.45 -22.22 -12.77
CA LEU A 147 -12.19 -22.93 -13.02
C LEU A 147 -11.89 -23.03 -14.50
N ALA A 148 -12.89 -23.35 -15.30
CA ALA A 148 -12.70 -23.47 -16.73
C ALA A 148 -12.26 -22.13 -17.27
N ALA A 149 -12.91 -21.06 -16.80
CA ALA A 149 -12.71 -19.71 -17.33
C ALA A 149 -11.35 -19.15 -16.97
N VAL A 150 -10.92 -19.33 -15.72
CA VAL A 150 -9.59 -18.95 -15.31
C VAL A 150 -8.53 -19.76 -16.07
N LYS A 151 -8.64 -21.09 -16.02
CA LYS A 151 -7.73 -21.97 -16.77
C LYS A 151 -7.63 -21.61 -18.25
N GLU A 152 -8.75 -21.16 -18.82
CA GLU A 152 -8.80 -20.82 -20.23
C GLU A 152 -8.10 -19.50 -20.52
N LYS A 153 -8.32 -18.47 -19.70
CA LYS A 153 -7.61 -17.21 -19.91
C LYS A 153 -6.12 -17.36 -19.59
N ALA A 154 -5.82 -18.12 -18.53
CA ALA A 154 -4.44 -18.34 -18.14
C ALA A 154 -3.62 -19.01 -19.26
N GLY A 155 -4.14 -20.07 -19.86
CA GLY A 155 -3.42 -20.78 -20.93
C GLY A 155 -2.12 -21.38 -20.41
N ASP A 156 -1.04 -21.24 -21.18
CA ASP A 156 0.28 -21.70 -20.73
C ASP A 156 0.77 -20.77 -19.63
N LEU A 157 0.65 -21.23 -18.38
CA LEU A 157 1.07 -20.45 -17.21
C LEU A 157 2.58 -20.42 -17.06
N ALA A 158 3.29 -21.46 -17.51
CA ALA A 158 4.76 -21.45 -17.48
C ALA A 158 5.28 -20.38 -18.42
N GLN A 159 4.56 -20.17 -19.52
CA GLN A 159 4.91 -19.15 -20.49
C GLN A 159 4.63 -17.77 -19.90
N ARG A 160 3.56 -17.65 -19.11
CA ARG A 160 3.24 -16.39 -18.45
C ARG A 160 4.27 -16.02 -17.38
N ARG A 161 4.81 -17.02 -16.69
CA ARG A 161 5.78 -16.82 -15.62
C ARG A 161 7.12 -16.40 -16.19
N GLN A 162 7.48 -17.03 -17.31
CA GLN A 162 8.71 -16.69 -18.00
C GLN A 162 8.64 -15.25 -18.50
N ALA A 163 7.50 -14.84 -19.04
CA ALA A 163 7.37 -13.49 -19.58
C ALA A 163 7.55 -12.44 -18.49
N LEU A 164 7.13 -12.76 -17.27
CA LEU A 164 7.28 -11.84 -16.15
C LEU A 164 8.56 -12.06 -15.33
N ALA A 165 9.45 -12.95 -15.80
CA ALA A 165 10.71 -13.27 -15.08
C ALA A 165 11.46 -12.05 -14.53
N PRO A 166 11.68 -11.01 -15.37
CA PRO A 166 12.37 -9.80 -14.89
C PRO A 166 11.65 -9.11 -13.74
N THR A 167 10.34 -8.99 -13.84
CA THR A 167 9.53 -8.40 -12.78
C THR A 167 9.55 -9.28 -11.51
N ILE A 168 9.45 -10.60 -11.71
CA ILE A 168 9.58 -11.55 -10.60
C ILE A 168 10.93 -11.40 -9.91
N GLN A 169 11.96 -11.10 -10.68
CA GLN A 169 13.28 -10.93 -10.10
C GLN A 169 13.37 -9.63 -9.28
N LEU A 170 12.81 -8.54 -9.81
CA LEU A 170 12.82 -7.26 -9.09
C LEU A 170 12.06 -7.38 -7.76
N LEU A 171 10.94 -8.09 -7.78
CA LEU A 171 10.20 -8.36 -6.56
C LEU A 171 11.06 -9.15 -5.57
N LYS A 172 11.72 -10.20 -6.07
CA LYS A 172 12.60 -11.03 -5.26
C LYS A 172 13.78 -10.23 -4.67
N GLN A 173 14.42 -9.38 -5.48
CA GLN A 173 15.49 -8.47 -4.99
C GLN A 173 15.01 -7.54 -3.88
N ALA A 174 13.71 -7.23 -3.88
CA ALA A 174 13.12 -6.29 -2.94
C ALA A 174 12.68 -6.94 -1.62
N VAL A 175 12.11 -8.14 -1.71
CA VAL A 175 11.44 -8.74 -0.55
C VAL A 175 12.15 -9.94 0.06
N CYS A 176 13.15 -10.49 -0.60
CA CYS A 176 13.87 -11.65 -0.06
C CYS A 176 15.17 -11.25 0.59
N GLN A 177 15.54 -12.00 1.63
CA GLN A 177 16.85 -11.84 2.26
C GLN A 177 17.82 -12.68 1.46
N ALA A 178 19.03 -12.19 1.25
CA ALA A 178 20.06 -12.99 0.57
C ALA A 178 20.42 -14.14 1.50
N ASP A 179 20.76 -15.28 0.90
CA ASP A 179 21.14 -16.51 1.63
C ASP A 179 19.99 -17.27 2.29
N LYS A 180 18.88 -16.58 2.57
CA LYS A 180 17.75 -17.21 3.26
C LYS A 180 16.66 -17.55 2.24
N PRO A 181 15.95 -18.67 2.44
CA PRO A 181 15.04 -19.17 1.41
C PRO A 181 13.90 -18.21 1.14
N CYS A 182 13.37 -18.27 -0.07
CA CYS A 182 12.26 -17.44 -0.45
C CYS A 182 11.29 -18.34 -1.24
N PRO A 183 10.46 -19.10 -0.50
CA PRO A 183 9.71 -20.21 -1.11
C PRO A 183 8.79 -19.82 -2.28
N ILE A 184 8.04 -18.74 -2.13
CA ILE A 184 7.04 -18.35 -3.14
C ILE A 184 7.59 -18.29 -4.56
N PHE A 185 8.84 -17.88 -4.72
CA PHE A 185 9.46 -17.73 -6.03
C PHE A 185 9.88 -19.07 -6.64
N ASP A 186 9.72 -20.14 -5.86
CA ASP A 186 10.14 -21.48 -6.28
C ASP A 186 8.98 -22.32 -6.77
N THR A 187 7.74 -21.84 -6.57
CA THR A 187 6.56 -22.65 -6.90
C THR A 187 5.98 -22.27 -8.26
N PRO A 188 5.94 -23.24 -9.20
CA PRO A 188 5.36 -22.98 -10.53
C PRO A 188 3.90 -22.60 -10.45
N TRP A 189 3.41 -21.95 -11.50
CA TRP A 189 2.10 -21.29 -11.46
C TRP A 189 0.96 -22.19 -11.93
N ARG A 190 0.10 -22.59 -11.01
CA ARG A 190 -1.05 -23.40 -11.35
C ARG A 190 -2.32 -22.70 -10.93
N VAL A 191 -3.40 -22.97 -11.65
CA VAL A 191 -4.72 -22.56 -11.17
C VAL A 191 -5.09 -23.52 -10.05
N GLU A 192 -5.53 -22.95 -8.92
CA GLU A 192 -5.98 -23.73 -7.78
C GLU A 192 -7.36 -23.27 -7.39
N GLN A 193 -8.13 -24.14 -6.77
CA GLN A 193 -9.47 -23.78 -6.36
C GLN A 193 -9.79 -24.31 -4.97
N SER A 194 -9.98 -23.38 -4.04
CA SER A 194 -10.36 -23.70 -2.69
C SER A 194 -11.74 -24.33 -2.68
N LYS A 195 -12.06 -24.94 -1.54
CA LYS A 195 -13.35 -25.61 -1.33
C LYS A 195 -14.52 -24.60 -1.53
N SER A 196 -14.31 -23.33 -1.21
CA SER A 196 -15.33 -22.30 -1.45
C SER A 196 -15.46 -21.90 -2.95
N GLY A 197 -14.64 -22.50 -3.80
CA GLY A 197 -14.65 -22.20 -5.23
C GLY A 197 -13.84 -20.98 -5.66
N LYS A 198 -13.18 -20.29 -4.71
CA LYS A 198 -12.27 -19.20 -5.08
C LYS A 198 -11.11 -19.79 -5.85
N THR A 199 -10.78 -19.18 -6.98
CA THR A 199 -9.65 -19.64 -7.76
C THR A 199 -8.51 -18.66 -7.53
N THR A 200 -7.29 -19.16 -7.68
CA THR A 200 -6.09 -18.37 -7.44
C THR A 200 -4.98 -19.00 -8.24
N ILE A 201 -3.95 -18.20 -8.55
CA ILE A 201 -2.80 -18.70 -9.27
C ILE A 201 -1.66 -18.90 -8.29
N SER A 202 -1.22 -20.14 -8.13
CA SER A 202 -0.19 -20.44 -7.14
C SER A 202 1.01 -19.58 -7.44
N GLY A 203 1.57 -18.94 -6.42
CA GLY A 203 2.76 -18.12 -6.55
C GLY A 203 2.47 -16.71 -7.01
N LEU A 204 1.78 -16.61 -8.15
CA LEU A 204 1.44 -15.33 -8.75
C LEU A 204 0.57 -14.50 -7.82
N SER A 205 -0.49 -15.10 -7.30
CA SER A 205 -1.41 -14.37 -6.44
C SER A 205 -0.73 -13.73 -5.23
N VAL A 206 0.01 -14.53 -4.48
CA VAL A 206 0.75 -14.03 -3.32
C VAL A 206 1.80 -12.99 -3.73
N MET A 207 2.45 -13.18 -4.88
CA MET A 207 3.34 -12.15 -5.39
C MET A 207 2.56 -10.84 -5.63
N ALA A 208 1.36 -10.96 -6.20
CA ALA A 208 0.48 -9.81 -6.43
C ALA A 208 0.17 -9.16 -5.10
N ASN A 209 -0.19 -9.96 -4.10
CA ASN A 209 -0.45 -9.46 -2.76
C ASN A 209 0.76 -8.72 -2.20
N MET A 210 1.94 -9.26 -2.45
CA MET A 210 3.18 -8.61 -2.03
C MET A 210 3.33 -7.27 -2.71
N VAL A 211 3.03 -7.24 -4.01
CA VAL A 211 3.22 -6.04 -4.82
C VAL A 211 2.22 -4.98 -4.41
N GLU A 212 0.98 -5.40 -4.17
CA GLU A 212 -0.02 -4.47 -3.67
C GLU A 212 0.43 -3.86 -2.35
N THR A 213 1.07 -4.66 -1.50
CA THR A 213 1.46 -4.19 -0.17
C THR A 213 2.61 -3.20 -0.26
N LEU A 214 3.55 -3.49 -1.16
CA LEU A 214 4.63 -2.57 -1.44
C LEU A 214 4.13 -1.25 -2.02
N ARG A 215 3.21 -1.33 -2.97
CA ARG A 215 2.63 -0.12 -3.55
C ARG A 215 1.93 0.71 -2.50
N LEU A 216 1.11 0.07 -1.67
CA LEU A 216 0.43 0.77 -0.59
C LEU A 216 1.42 1.32 0.42
N GLY A 217 2.50 0.60 0.67
CA GLY A 217 3.53 1.05 1.60
C GLY A 217 4.21 2.31 1.08
N TRP A 218 4.55 2.28 -0.21
CA TRP A 218 5.05 3.47 -0.88
C TRP A 218 4.08 4.65 -0.72
N SER A 219 2.85 4.42 -1.18
CA SER A 219 1.79 5.43 -1.20
C SER A 219 1.52 5.97 0.20
N GLU A 220 1.66 5.09 1.19
CA GLU A 220 1.44 5.40 2.60
C GLU A 220 2.43 6.40 3.18
N ASN A 221 3.54 6.62 2.48
CA ASN A 221 4.71 7.29 3.03
C ASN A 221 5.36 6.56 4.19
N LEU A 222 5.37 5.23 4.15
CA LEU A 222 6.17 4.45 5.12
C LEU A 222 7.64 4.83 4.96
N PRO A 223 8.42 4.85 6.05
CA PRO A 223 9.85 4.98 5.84
C PRO A 223 10.38 3.87 4.92
N LEU A 224 11.42 4.19 4.16
CA LEU A 224 12.02 3.23 3.23
C LEU A 224 12.46 1.97 3.98
N SER A 225 12.95 2.15 5.20
CA SER A 225 13.41 1.03 6.03
C SER A 225 12.29 0.06 6.41
N GLN A 226 11.05 0.55 6.47
CA GLN A 226 9.89 -0.29 6.80
C GLN A 226 9.05 -0.70 5.59
N LEU A 227 9.42 -0.24 4.40
CA LEU A 227 8.65 -0.58 3.18
C LEU A 227 9.13 -1.92 2.62
N ALA A 228 10.40 -1.96 2.21
CA ALA A 228 11.05 -3.15 1.69
C ALA A 228 12.49 -3.20 2.15
N TRP A 229 12.71 -2.90 3.43
CA TRP A 229 14.02 -3.01 4.08
C TRP A 229 15.09 -2.24 3.32
N GLY A 230 14.78 -1.00 2.96
CA GLY A 230 15.71 -0.13 2.24
C GLY A 230 15.83 -0.36 0.74
N LYS A 231 15.26 -1.45 0.23
CA LYS A 231 15.50 -1.87 -1.15
C LYS A 231 14.76 -1.00 -2.17
N ILE A 232 13.58 -0.50 -1.79
CA ILE A 232 12.76 0.32 -2.67
C ILE A 232 12.87 1.79 -2.27
N ALA A 233 13.56 2.55 -3.11
CA ALA A 233 13.92 3.94 -2.80
C ALA A 233 13.20 4.98 -3.65
N GLN A 234 12.65 4.58 -4.81
CA GLN A 234 12.01 5.53 -5.72
C GLN A 234 10.77 4.95 -6.39
N ALA A 235 9.83 5.82 -6.76
CA ALA A 235 8.54 5.40 -7.28
C ALA A 235 8.67 4.43 -8.46
N SER A 236 9.64 4.67 -9.34
CA SER A 236 9.85 3.80 -10.49
C SER A 236 10.01 2.30 -10.11
N GLN A 237 10.58 2.01 -8.93
CA GLN A 237 10.74 0.62 -8.50
C GLN A 237 9.41 -0.05 -8.15
N ILE A 238 8.44 0.72 -7.66
CA ILE A 238 7.10 0.21 -7.46
C ILE A 238 6.44 -0.03 -8.82
N THR A 239 6.56 0.95 -9.72
CA THR A 239 5.99 0.83 -11.08
C THR A 239 6.47 -0.43 -11.80
N ALA A 240 7.76 -0.75 -11.66
CA ALA A 240 8.35 -1.93 -12.30
C ALA A 240 7.80 -3.28 -11.76
N LEU A 241 7.25 -3.28 -10.54
CA LEU A 241 6.64 -4.48 -9.91
C LEU A 241 5.15 -4.68 -10.25
N LEU A 242 4.49 -3.62 -10.72
CA LEU A 242 3.04 -3.67 -10.89
C LEU A 242 2.51 -4.63 -11.96
N PRO A 243 3.35 -4.97 -12.97
CA PRO A 243 2.88 -6.00 -13.92
C PRO A 243 2.51 -7.35 -13.32
N LEU A 244 3.07 -7.72 -12.17
CA LEU A 244 2.59 -8.93 -11.46
C LEU A 244 1.16 -8.73 -10.95
N LEU A 245 0.86 -7.54 -10.45
CA LEU A 245 -0.49 -7.22 -9.99
C LEU A 245 -1.46 -7.23 -11.19
N THR A 246 -1.03 -6.66 -12.31
CA THR A 246 -1.85 -6.69 -13.52
C THR A 246 -2.09 -8.14 -13.93
N GLU A 247 -1.05 -8.95 -13.90
CA GLU A 247 -1.19 -10.35 -14.27
C GLU A 247 -2.25 -11.05 -13.42
N ASN A 248 -2.21 -10.85 -12.11
CA ASN A 248 -3.15 -11.54 -11.25
C ASN A 248 -4.60 -11.07 -11.47
N TYR A 249 -4.76 -9.76 -11.68
CA TYR A 249 -6.07 -9.19 -12.02
C TYR A 249 -6.59 -9.81 -13.34
N ASP A 250 -5.74 -9.89 -14.35
CA ASP A 250 -6.11 -10.55 -15.61
C ASP A 250 -6.62 -11.97 -15.41
N LEU A 251 -6.15 -12.66 -14.38
CA LEU A 251 -6.55 -14.05 -14.19
C LEU A 251 -7.48 -14.27 -13.01
N SER A 252 -8.04 -13.19 -12.46
CA SER A 252 -9.06 -13.30 -11.44
C SER A 252 -10.23 -12.39 -11.74
N ASN A 253 -10.15 -11.17 -11.25
CA ASN A 253 -11.27 -10.24 -11.28
C ASN A 253 -11.66 -9.82 -12.69
N ASP A 254 -10.67 -9.75 -13.59
CA ASP A 254 -10.91 -9.34 -14.97
C ASP A 254 -11.08 -10.51 -15.90
N VAL A 255 -11.29 -11.72 -15.36
CA VAL A 255 -11.78 -12.80 -16.19
C VAL A 255 -13.23 -12.46 -16.43
N LEU A 256 -13.62 -12.43 -17.69
CA LEU A 256 -14.96 -11.96 -18.09
C LEU A 256 -16.05 -12.65 -17.27
N TYR A 257 -16.01 -13.98 -17.24
CA TYR A 257 -17.06 -14.74 -16.56
C TYR A 257 -17.19 -14.32 -15.10
N THR A 258 -16.06 -14.22 -14.39
CA THR A 258 -16.07 -13.80 -13.00
C THR A 258 -16.66 -12.40 -12.87
N ALA A 259 -16.19 -11.50 -13.72
CA ALA A 259 -16.72 -10.13 -13.78
C ALA A 259 -18.23 -10.12 -14.00
N GLN A 260 -18.71 -10.99 -14.89
CA GLN A 260 -20.14 -11.03 -15.22
C GLN A 260 -20.99 -11.50 -14.04
N LYS A 261 -20.57 -12.58 -13.38
CA LYS A 261 -21.34 -13.13 -12.25
C LYS A 261 -21.27 -12.25 -11.02
N ARG A 262 -20.08 -11.73 -10.73
CA ARG A 262 -19.85 -10.97 -9.51
C ARG A 262 -19.91 -9.44 -9.65
N GLY A 263 -19.81 -8.94 -10.88
CA GLY A 263 -19.74 -7.49 -11.14
C GLY A 263 -20.95 -6.88 -11.84
N SER A 264 -21.82 -7.71 -12.41
CA SER A 264 -22.94 -7.20 -13.19
C SER A 264 -23.84 -6.33 -12.34
N VAL A 265 -24.14 -6.79 -11.12
CA VAL A 265 -25.12 -6.07 -10.29
C VAL A 265 -24.66 -4.64 -10.03
N LEU A 266 -23.34 -4.45 -9.92
CA LEU A 266 -22.74 -3.14 -9.63
C LEU A 266 -22.77 -2.26 -10.85
N LEU A 267 -22.32 -2.79 -11.97
CA LEU A 267 -22.34 -2.02 -13.20
C LEU A 267 -23.77 -1.62 -13.54
N ASN A 268 -24.71 -2.53 -13.33
CA ASN A 268 -26.10 -2.25 -13.63
C ASN A 268 -26.63 -1.13 -12.74
N ALA A 269 -26.33 -1.21 -11.46
CA ALA A 269 -26.71 -0.16 -10.52
C ALA A 269 -26.06 1.16 -10.91
N MET A 270 -24.83 1.12 -11.40
CA MET A 270 -24.13 2.34 -11.82
C MET A 270 -24.74 2.95 -13.08
N LEU A 271 -25.01 2.14 -14.11
CA LEU A 271 -25.60 2.65 -15.35
C LEU A 271 -27.01 3.19 -15.11
N ASP A 272 -27.80 2.46 -14.35
CA ASP A 272 -29.14 2.94 -14.00
C ASP A 272 -29.08 4.22 -13.16
N GLY A 273 -27.99 4.41 -12.43
CA GLY A 273 -27.80 5.58 -11.59
C GLY A 273 -27.47 6.80 -12.42
N VAL A 274 -26.72 6.60 -13.51
CA VAL A 274 -26.42 7.70 -14.43
C VAL A 274 -27.54 7.97 -15.42
N LYS A 275 -28.55 7.10 -15.46
CA LYS A 275 -29.71 7.30 -16.32
C LYS A 275 -30.67 8.33 -15.72
N PRO A 276 -31.36 9.09 -16.59
CA PRO A 276 -32.42 9.97 -16.11
C PRO A 276 -33.54 9.22 -15.41
N GLU A 277 -34.31 9.95 -14.59
CA GLU A 277 -35.35 9.37 -13.75
C GLU A 277 -34.74 8.38 -12.73
N ALA A 278 -33.46 8.51 -12.41
CA ALA A 278 -32.79 7.56 -11.51
C ALA A 278 -33.30 7.71 -10.07
N SER A 279 -33.19 6.62 -9.32
CA SER A 279 -33.53 6.62 -7.89
C SER A 279 -32.36 6.12 -7.03
N PRO A 280 -31.89 6.95 -6.09
CA PRO A 280 -32.54 8.18 -5.66
C PRO A 280 -32.26 9.37 -6.60
N ASN A 281 -33.02 10.44 -6.38
CA ASN A 281 -32.84 11.67 -7.11
C ASN A 281 -31.67 12.42 -6.46
N VAL A 282 -30.48 12.25 -7.02
CA VAL A 282 -29.29 12.87 -6.51
C VAL A 282 -28.39 13.27 -7.65
N ARG A 283 -27.62 14.34 -7.46
CA ARG A 283 -26.72 14.82 -8.48
C ARG A 283 -25.45 14.01 -8.49
N TRP A 284 -25.14 13.40 -7.35
CA TRP A 284 -23.89 12.65 -7.22
C TRP A 284 -24.15 11.37 -6.42
N LEU A 285 -23.98 10.22 -7.07
CA LEU A 285 -24.10 8.93 -6.41
C LEU A 285 -22.68 8.45 -6.29
N LEU A 286 -22.21 8.31 -5.05
CA LEU A 286 -20.84 7.93 -4.77
C LEU A 286 -20.86 6.55 -4.12
N LEU A 287 -20.22 5.59 -4.78
CA LEU A 287 -20.11 4.23 -4.26
C LEU A 287 -18.66 4.04 -3.92
N VAL A 288 -18.41 3.62 -2.68
CA VAL A 288 -17.06 3.38 -2.19
C VAL A 288 -16.91 1.92 -1.81
N ALA A 289 -16.06 1.22 -2.55
CA ALA A 289 -15.88 -0.22 -2.39
C ALA A 289 -14.43 -0.58 -2.67
N HIS A 290 -14.19 -1.73 -3.31
CA HIS A 290 -12.84 -2.29 -3.37
C HIS A 290 -12.34 -2.36 -4.80
N ASP A 291 -11.02 -2.58 -4.90
CA ASP A 291 -10.37 -2.73 -6.17
C ASP A 291 -10.99 -3.87 -6.98
N THR A 292 -11.31 -4.97 -6.31
CA THR A 292 -11.92 -6.08 -7.00
C THR A 292 -13.23 -5.65 -7.69
N ASN A 293 -14.00 -4.80 -7.02
CA ASN A 293 -15.25 -4.28 -7.58
C ASN A 293 -15.02 -3.38 -8.80
N ILE A 294 -14.07 -2.45 -8.70
CA ILE A 294 -13.75 -1.56 -9.81
C ILE A 294 -13.30 -2.43 -10.98
N ALA A 295 -12.43 -3.40 -10.70
CA ALA A 295 -11.89 -4.29 -11.72
C ALA A 295 -13.00 -4.99 -12.49
N MET A 296 -13.95 -5.56 -11.77
CA MET A 296 -15.02 -6.31 -12.44
C MET A 296 -15.86 -5.41 -13.32
N VAL A 297 -16.21 -4.22 -12.80
CA VAL A 297 -17.02 -3.24 -13.51
C VAL A 297 -16.35 -2.77 -14.82
N ARG A 298 -15.11 -2.34 -14.72
CA ARG A 298 -14.39 -1.85 -15.91
C ARG A 298 -14.17 -2.94 -16.96
N THR A 299 -14.13 -4.20 -16.51
CA THR A 299 -13.96 -5.34 -17.40
C THR A 299 -15.26 -5.59 -18.12
N LEU A 300 -16.38 -5.44 -17.41
CA LEU A 300 -17.70 -5.48 -18.04
C LEU A 300 -17.88 -4.29 -18.99
N MET A 301 -17.30 -3.13 -18.63
CA MET A 301 -17.31 -1.93 -19.49
C MET A 301 -16.39 -2.10 -20.66
N ASN A 302 -15.57 -3.15 -20.63
CA ASN A 302 -14.49 -3.34 -21.59
C ASN A 302 -13.65 -2.10 -21.70
N PHE A 303 -13.30 -1.56 -20.53
CA PHE A 303 -12.57 -0.32 -20.42
C PHE A 303 -11.21 -0.63 -19.83
N SER A 304 -10.18 -0.53 -20.67
CA SER A 304 -8.80 -0.76 -20.29
C SER A 304 -8.10 0.57 -20.19
N TRP A 305 -7.34 0.77 -19.12
CA TRP A 305 -6.57 2.00 -18.99
C TRP A 305 -5.15 1.71 -18.56
N GLN A 306 -4.27 2.67 -18.80
CA GLN A 306 -2.94 2.64 -18.25
C GLN A 306 -2.53 4.07 -17.93
N LEU A 307 -2.49 4.40 -16.65
CA LEU A 307 -2.09 5.73 -16.21
C LEU A 307 -0.57 5.78 -16.00
N PRO A 308 0.04 6.95 -16.27
CA PRO A 308 1.50 7.01 -16.16
C PRO A 308 1.98 6.70 -14.74
N GLY A 309 3.05 5.93 -14.63
CA GLY A 309 3.54 5.45 -13.35
C GLY A 309 2.89 4.17 -12.86
N TYR A 310 1.83 3.74 -13.55
CA TYR A 310 1.12 2.52 -13.20
C TYR A 310 1.08 1.57 -14.38
N SER A 311 0.76 0.32 -14.10
CA SER A 311 0.65 -0.68 -15.14
C SER A 311 -0.82 -0.82 -15.53
N ARG A 312 -1.07 -1.62 -16.57
CA ARG A 312 -2.36 -1.69 -17.17
C ARG A 312 -3.42 -2.10 -16.14
N GLY A 313 -4.55 -1.40 -16.19
CA GLY A 313 -5.70 -1.69 -15.35
C GLY A 313 -5.51 -1.37 -13.88
N ASN A 314 -4.36 -0.81 -13.50
CA ASN A 314 -4.08 -0.66 -12.08
C ASN A 314 -5.06 0.27 -11.39
N ILE A 315 -5.52 -0.13 -10.21
CA ILE A 315 -6.54 0.58 -9.45
C ILE A 315 -5.91 1.06 -8.15
N PRO A 316 -5.32 2.26 -8.15
CA PRO A 316 -4.69 2.76 -6.92
C PRO A 316 -5.67 3.04 -5.80
N PRO A 317 -5.15 3.12 -4.56
CA PRO A 317 -5.99 3.49 -3.44
C PRO A 317 -6.60 4.87 -3.66
N GLY A 318 -7.87 5.02 -3.32
CA GLY A 318 -8.59 6.27 -3.49
C GLY A 318 -8.83 6.67 -4.94
N SER A 319 -8.58 5.75 -5.87
CA SER A 319 -8.84 5.99 -7.28
C SER A 319 -10.33 5.82 -7.46
N SER A 320 -10.83 6.17 -8.65
CA SER A 320 -12.25 6.00 -8.96
C SER A 320 -12.60 5.97 -10.44
N LEU A 321 -13.64 5.20 -10.73
CA LEU A 321 -14.27 5.12 -12.04
C LEU A 321 -15.46 6.09 -11.98
N VAL A 322 -15.55 7.00 -12.94
CA VAL A 322 -16.60 8.00 -12.92
C VAL A 322 -17.45 7.95 -14.19
N LEU A 323 -18.75 8.11 -14.02
CA LEU A 323 -19.72 8.28 -15.11
C LEU A 323 -20.38 9.61 -14.88
N GLU A 324 -20.26 10.49 -15.87
CA GLU A 324 -20.88 11.81 -15.82
C GLU A 324 -21.85 11.90 -16.99
N ARG A 325 -23.11 12.23 -16.70
CA ARG A 325 -24.05 12.56 -17.75
C ARG A 325 -24.02 14.07 -17.96
N TRP A 326 -23.74 14.46 -19.20
CA TRP A 326 -23.67 15.85 -19.56
C TRP A 326 -24.79 16.19 -20.55
N ARG A 327 -25.07 17.48 -20.68
CA ARG A 327 -26.09 17.99 -21.58
C ARG A 327 -25.61 19.20 -22.38
N ASP A 328 -25.72 19.07 -23.70
CA ASP A 328 -25.38 20.14 -24.63
C ASP A 328 -26.36 21.30 -24.41
N ALA A 329 -25.82 22.51 -24.30
CA ALA A 329 -26.65 23.68 -24.04
C ALA A 329 -27.45 24.10 -25.28
N LYS A 330 -26.98 23.72 -26.47
CA LYS A 330 -27.63 24.07 -27.72
C LYS A 330 -28.78 23.12 -27.98
N SER A 331 -28.43 21.87 -28.22
CA SER A 331 -29.34 20.88 -28.76
C SER A 331 -30.18 20.22 -27.68
N GLY A 332 -29.70 20.27 -26.43
CA GLY A 332 -30.34 19.57 -25.33
C GLY A 332 -30.05 18.07 -25.33
N GLU A 333 -29.17 17.63 -26.22
CA GLU A 333 -28.86 16.21 -26.30
C GLU A 333 -28.03 15.79 -25.10
N ARG A 334 -28.16 14.54 -24.69
CA ARG A 334 -27.39 14.05 -23.56
C ARG A 334 -26.17 13.24 -23.99
N TYR A 335 -25.12 13.33 -23.19
CA TYR A 335 -23.85 12.61 -23.42
C TYR A 335 -23.39 11.98 -22.12
N LEU A 336 -22.66 10.89 -22.26
CA LEU A 336 -22.03 10.24 -21.15
C LEU A 336 -20.53 10.40 -21.29
N ARG A 337 -19.89 10.83 -20.22
CA ARG A 337 -18.44 10.83 -20.12
C ARG A 337 -18.02 9.78 -19.08
N VAL A 338 -17.01 9.00 -19.41
CA VAL A 338 -16.58 7.93 -18.54
C VAL A 338 -15.08 8.02 -18.40
N TYR A 339 -14.58 8.07 -17.16
CA TYR A 339 -13.14 8.03 -16.96
C TYR A 339 -12.71 7.35 -15.69
N PHE A 340 -11.45 6.98 -15.65
CA PHE A 340 -10.82 6.47 -14.45
C PHE A 340 -9.82 7.50 -13.96
N GLN A 341 -9.78 7.76 -12.66
CA GLN A 341 -8.87 8.77 -12.14
C GLN A 341 -8.14 8.24 -10.92
N ALA A 342 -6.92 8.73 -10.73
CA ALA A 342 -6.13 8.33 -9.60
C ALA A 342 -5.03 9.35 -9.40
N GLN A 343 -4.34 9.28 -8.26
CA GLN A 343 -3.08 10.00 -8.12
C GLN A 343 -1.88 9.08 -8.34
N GLY A 344 -0.79 9.69 -8.79
CA GLY A 344 0.45 8.99 -9.04
C GLY A 344 1.07 8.61 -7.73
N LEU A 345 2.04 7.70 -7.82
CA LEU A 345 2.68 7.10 -6.66
C LEU A 345 3.27 8.13 -5.68
N ASP A 346 4.07 9.04 -6.21
CA ASP A 346 4.70 10.05 -5.35
C ASP A 346 3.70 11.06 -4.81
N ASP A 347 2.72 11.41 -5.61
CA ASP A 347 1.67 12.34 -5.16
C ASP A 347 0.93 11.81 -3.92
N LEU A 348 0.62 10.51 -3.91
CA LEU A 348 -0.02 9.89 -2.77
C LEU A 348 0.95 9.86 -1.59
N ARG A 349 2.21 9.53 -1.87
CA ARG A 349 3.23 9.53 -0.86
C ARG A 349 3.43 10.91 -0.22
N ARG A 350 3.26 11.95 -1.03
CA ARG A 350 3.55 13.31 -0.58
C ARG A 350 2.31 14.03 -0.06
N LEU A 351 1.17 13.34 -0.07
CA LEU A 351 -0.15 13.93 0.20
C LEU A 351 -0.33 15.19 -0.62
N GLN A 352 0.08 15.11 -1.88
CA GLN A 352 -0.03 16.19 -2.80
C GLN A 352 -1.50 16.45 -3.04
N THR A 353 -1.87 17.70 -2.82
CA THR A 353 -3.15 18.25 -3.22
C THR A 353 -3.10 18.39 -4.76
N PRO A 354 -4.05 17.79 -5.47
CA PRO A 354 -4.03 17.91 -6.92
C PRO A 354 -4.31 19.34 -7.43
N ASP A 355 -3.58 19.76 -8.46
CA ASP A 355 -3.64 21.14 -8.96
C ASP A 355 -2.97 21.22 -10.34
N ALA A 356 -2.82 22.44 -10.88
CA ALA A 356 -2.28 22.63 -12.22
C ALA A 356 -0.94 21.91 -12.42
N GLN A 357 0.00 22.13 -11.50
CA GLN A 357 1.33 21.55 -11.64
C GLN A 357 1.38 20.05 -11.22
N HIS A 358 0.34 19.54 -10.56
CA HIS A 358 0.34 18.12 -10.15
C HIS A 358 -1.06 17.54 -10.33
N PRO A 359 -1.52 17.42 -11.57
CA PRO A 359 -2.94 17.11 -11.79
C PRO A 359 -3.28 15.66 -11.48
N MET A 360 -4.55 15.37 -11.20
CA MET A 360 -5.00 13.99 -11.11
C MET A 360 -4.70 13.30 -12.44
N LEU A 361 -4.26 12.06 -12.38
CA LEU A 361 -4.07 11.27 -13.58
C LEU A 361 -5.45 10.79 -13.98
N ARG A 362 -5.71 10.73 -15.28
CA ARG A 362 -7.03 10.43 -15.75
C ARG A 362 -6.98 9.89 -17.14
N GLN A 363 -7.73 8.82 -17.37
CA GLN A 363 -7.96 8.33 -18.73
C GLN A 363 -9.45 8.21 -19.02
N GLU A 364 -9.83 8.72 -20.17
CA GLU A 364 -11.22 8.69 -20.59
C GLU A 364 -11.50 7.49 -21.48
N TRP A 365 -12.60 6.82 -21.21
CA TRP A 365 -13.15 5.81 -22.10
C TRP A 365 -13.62 6.49 -23.37
N ARG A 366 -13.60 5.77 -24.48
CA ARG A 366 -14.10 6.32 -25.74
C ARG A 366 -14.49 5.20 -26.68
N GLN A 367 -15.36 5.56 -27.63
CA GLN A 367 -15.74 4.68 -28.73
C GLN A 367 -16.08 5.55 -29.93
N PRO A 368 -16.09 4.95 -31.13
CA PRO A 368 -16.65 5.65 -32.29
C PRO A 368 -17.93 6.41 -31.94
N GLY A 369 -17.96 7.69 -32.24
CA GLY A 369 -19.14 8.53 -31.99
C GLY A 369 -18.87 9.59 -30.95
N CYS A 370 -17.96 9.32 -30.03
CA CYS A 370 -17.67 10.30 -28.99
C CYS A 370 -17.06 11.52 -29.61
N ARG A 371 -17.20 12.64 -28.91
CA ARG A 371 -16.61 13.86 -29.36
C ARG A 371 -15.82 14.55 -28.30
N GLN A 372 -14.84 15.29 -28.77
CA GLN A 372 -13.98 16.07 -27.94
C GLN A 372 -14.70 17.39 -27.64
N THR A 373 -14.73 17.76 -26.37
CA THR A 373 -15.31 19.03 -25.92
C THR A 373 -14.42 19.69 -24.89
N ASP A 374 -14.75 20.93 -24.55
CA ASP A 374 -14.12 21.69 -23.46
C ASP A 374 -14.10 20.92 -22.15
N VAL A 375 -15.13 20.11 -21.88
CA VAL A 375 -15.24 19.42 -20.58
C VAL A 375 -14.82 17.93 -20.62
N GLY A 376 -14.28 17.49 -21.75
CA GLY A 376 -13.77 16.12 -21.88
C GLY A 376 -14.43 15.37 -23.03
N THR A 377 -14.07 14.10 -23.16
CA THR A 377 -14.64 13.24 -24.18
C THR A 377 -16.06 12.88 -23.79
N LEU A 378 -17.00 13.23 -24.66
CA LEU A 378 -18.42 13.07 -24.40
C LEU A 378 -19.02 12.18 -25.48
N CYS A 379 -19.78 11.17 -25.06
CA CYS A 379 -20.30 10.16 -25.95
C CYS A 379 -21.81 10.14 -25.97
N PRO A 380 -22.43 10.12 -27.17
CA PRO A 380 -23.89 10.12 -27.18
C PRO A 380 -24.41 9.12 -26.17
N PHE A 381 -25.41 9.52 -25.41
CA PHE A 381 -25.79 8.81 -24.20
C PHE A 381 -26.25 7.39 -24.45
N GLN A 382 -27.30 7.23 -25.25
CA GLN A 382 -27.83 5.91 -25.44
C GLN A 382 -26.79 4.96 -26.05
N ALA A 383 -26.00 5.42 -27.02
CA ALA A 383 -24.98 4.56 -27.61
C ALA A 383 -23.91 4.20 -26.58
N ALA A 384 -23.64 5.10 -25.65
CA ALA A 384 -22.66 4.86 -24.60
C ALA A 384 -23.20 3.86 -23.57
N ILE A 385 -24.42 4.05 -23.09
CA ILE A 385 -25.02 3.15 -22.12
C ILE A 385 -25.12 1.72 -22.70
N THR A 386 -25.59 1.60 -23.94
CA THR A 386 -25.67 0.31 -24.63
C THR A 386 -24.30 -0.35 -24.73
N ALA A 387 -23.26 0.42 -25.00
CA ALA A 387 -21.94 -0.16 -25.25
C ALA A 387 -21.32 -0.67 -23.95
N LEU A 388 -21.46 0.13 -22.91
CA LEU A 388 -20.90 -0.21 -21.60
C LEU A 388 -21.59 -1.41 -20.99
N GLY A 389 -22.84 -1.65 -21.39
CA GLY A 389 -23.68 -2.66 -20.77
C GLY A 389 -23.70 -3.98 -21.48
N GLN A 390 -23.25 -4.04 -22.73
CA GLN A 390 -23.29 -5.27 -23.55
C GLN A 390 -22.96 -6.52 -22.75
N ARG A 391 -21.86 -6.44 -22.00
CA ARG A 391 -21.29 -7.61 -21.35
C ARG A 391 -21.97 -8.02 -20.03
N ILE A 392 -22.91 -7.20 -19.54
CA ILE A 392 -23.69 -7.51 -18.34
C ILE A 392 -24.49 -8.81 -18.46
N ASP A 393 -24.33 -9.72 -17.48
CA ASP A 393 -25.17 -10.91 -17.39
C ASP A 393 -26.46 -10.56 -16.63
N ARG A 394 -27.58 -10.56 -17.33
CA ARG A 394 -28.83 -10.05 -16.76
C ARG A 394 -29.29 -10.83 -15.52
N PRO A 395 -29.25 -12.18 -15.56
CA PRO A 395 -29.56 -12.98 -14.37
C PRO A 395 -28.68 -12.69 -13.13
N SER A 396 -27.45 -12.22 -13.36
CA SER A 396 -26.55 -11.80 -12.28
C SER A 396 -26.62 -10.30 -11.98
N ALA A 397 -27.61 -9.61 -12.57
CA ALA A 397 -27.83 -8.20 -12.32
C ALA A 397 -29.23 -7.96 -11.76
N PRO A 398 -29.49 -8.43 -10.53
CA PRO A 398 -30.78 -8.12 -9.94
C PRO A 398 -30.87 -6.62 -9.66
N ALA A 399 -32.10 -6.11 -9.55
CA ALA A 399 -32.31 -4.70 -9.21
C ALA A 399 -31.97 -4.55 -7.73
N VAL A 400 -31.22 -3.51 -7.39
CA VAL A 400 -30.92 -3.20 -6.00
C VAL A 400 -31.49 -1.84 -5.63
N ALA A 401 -32.14 -1.76 -4.48
CA ALA A 401 -32.61 -0.48 -3.96
C ALA A 401 -31.34 0.27 -3.59
N MET A 402 -31.08 1.39 -4.25
CA MET A 402 -29.81 2.12 -4.04
C MET A 402 -29.79 2.81 -2.68
N VAL A 403 -30.92 3.33 -2.26
CA VAL A 403 -31.01 3.89 -0.93
C VAL A 403 -31.16 2.75 0.07
N LEU A 404 -30.13 2.58 0.90
CA LEU A 404 -30.17 1.61 2.00
C LEU A 404 -31.06 2.15 3.11
N PRO A 405 -31.50 1.27 4.03
CA PRO A 405 -32.21 1.73 5.23
C PRO A 405 -31.28 2.36 6.29
N LYS A 406 -31.86 2.89 7.38
CA LYS A 406 -31.08 3.40 8.52
C LYS A 406 -30.01 4.42 8.07
N ASP B 13 17.63 41.45 12.52
CA ASP B 13 17.86 40.09 11.95
C ASP B 13 17.95 39.00 13.03
N TRP B 14 17.06 38.02 12.93
CA TRP B 14 16.93 36.96 13.92
C TRP B 14 17.13 35.61 13.28
N GLN B 15 17.92 34.76 13.92
CA GLN B 15 18.14 33.40 13.43
C GLN B 15 17.57 32.43 14.46
N LEU B 16 16.74 31.52 13.99
CA LEU B 16 16.15 30.46 14.81
C LEU B 16 17.13 29.29 14.92
N GLU B 17 17.49 28.93 16.15
CA GLU B 17 18.52 27.95 16.44
C GLU B 17 17.97 26.59 16.76
N LYS B 18 16.83 26.55 17.44
CA LYS B 18 16.33 25.30 18.02
C LYS B 18 14.84 25.38 18.35
N VAL B 19 14.10 24.37 17.92
CA VAL B 19 12.72 24.20 18.35
C VAL B 19 12.58 22.95 19.22
N VAL B 20 11.86 23.10 20.33
CA VAL B 20 11.41 21.99 21.15
C VAL B 20 9.88 22.12 21.24
N GLU B 21 9.17 21.07 20.85
CA GLU B 21 7.73 21.13 20.72
C GLU B 21 7.06 19.94 21.39
N LEU B 22 5.99 20.21 22.12
CA LEU B 22 5.18 19.18 22.74
C LEU B 22 3.79 19.24 22.14
N SER B 23 3.47 18.26 21.31
CA SER B 23 2.18 18.21 20.66
C SER B 23 1.24 17.32 21.44
N ARG B 24 -0.04 17.68 21.45
CA ARG B 24 -1.07 16.75 21.83
C ARG B 24 -1.32 15.86 20.65
N ALA B 25 -1.78 14.65 20.93
CA ALA B 25 -2.29 13.76 19.92
C ALA B 25 -3.39 14.45 19.12
N GLY B 26 -3.60 13.99 17.90
CA GLY B 26 -4.69 14.46 17.07
C GLY B 26 -6.02 13.91 17.57
N ILE B 27 -7.05 14.10 16.78
CA ILE B 27 -8.40 13.79 17.18
C ILE B 27 -8.58 12.27 17.32
N ARG B 28 -9.14 11.88 18.45
CA ARG B 28 -9.52 10.51 18.70
C ARG B 28 -11.02 10.45 19.00
N PRO B 29 -11.62 9.26 18.89
CA PRO B 29 -12.87 9.04 19.59
C PRO B 29 -12.59 8.98 21.09
N PRO B 30 -13.62 8.80 21.92
CA PRO B 30 -13.34 8.71 23.35
C PRO B 30 -12.52 7.46 23.65
N THR B 31 -11.79 7.48 24.75
CA THR B 31 -11.02 6.29 25.17
C THR B 31 -12.00 5.21 25.59
N ALA B 32 -11.55 3.97 25.74
CA ALA B 32 -12.44 2.88 26.16
C ALA B 32 -13.07 3.19 27.54
N GLY B 33 -12.24 3.63 28.48
CA GLY B 33 -12.72 4.09 29.78
C GLY B 33 -13.71 5.24 29.69
N ASN B 34 -13.38 6.28 28.94
CA ASN B 34 -14.31 7.39 28.72
C ASN B 34 -15.68 6.90 28.25
N ARG B 35 -15.69 6.01 27.26
CA ARG B 35 -16.95 5.53 26.70
C ARG B 35 -17.74 4.89 27.81
N GLU B 36 -17.13 3.97 28.54
CA GLU B 36 -17.83 3.31 29.63
C GLU B 36 -18.45 4.33 30.63
N ALA B 37 -17.67 5.36 30.99
CA ALA B 37 -18.10 6.36 31.94
C ALA B 37 -19.23 7.24 31.40
N ILE B 38 -19.10 7.74 30.18
CA ILE B 38 -20.11 8.65 29.65
C ILE B 38 -21.42 7.93 29.29
N GLU B 39 -21.34 6.68 28.85
CA GLU B 39 -22.55 5.88 28.57
C GLU B 39 -23.30 5.51 29.87
N ALA B 40 -22.54 5.29 30.93
CA ALA B 40 -23.09 5.05 32.25
C ALA B 40 -23.79 6.31 32.77
N ALA B 41 -23.09 7.44 32.72
CA ALA B 41 -23.59 8.73 33.21
C ALA B 41 -24.84 9.23 32.48
N THR B 42 -24.95 8.90 31.19
CA THR B 42 -26.07 9.35 30.36
C THR B 42 -27.11 8.26 30.04
N GLY B 43 -26.88 7.02 30.47
CA GLY B 43 -27.84 5.93 30.31
C GLY B 43 -28.12 5.54 28.87
N ARG B 44 -27.17 5.82 27.98
CA ARG B 44 -27.40 5.65 26.56
C ARG B 44 -26.06 5.37 25.93
N PRO B 45 -26.04 4.65 24.80
CA PRO B 45 -24.79 4.51 24.06
C PRO B 45 -24.47 5.78 23.28
N TRP B 46 -23.18 6.04 23.11
CA TRP B 46 -22.72 7.15 22.25
C TRP B 46 -22.26 6.56 20.93
N THR B 47 -22.10 7.41 19.93
CA THR B 47 -21.72 6.96 18.61
C THR B 47 -20.42 6.17 18.65
N GLU B 48 -20.42 5.01 17.98
CA GLU B 48 -19.19 4.31 17.64
C GLU B 48 -18.63 4.91 16.34
N TRP B 49 -17.38 5.35 16.38
CA TRP B 49 -16.77 6.00 15.24
C TRP B 49 -16.19 4.92 14.34
N THR B 50 -15.78 5.33 13.15
CA THR B 50 -15.13 4.43 12.22
C THR B 50 -13.73 4.10 12.74
N THR B 51 -13.22 4.97 13.61
CA THR B 51 -11.96 4.75 14.30
C THR B 51 -12.23 4.05 15.62
N HIS B 52 -11.38 3.10 15.94
CA HIS B 52 -11.42 2.44 17.24
C HIS B 52 -11.21 3.43 18.37
N ASP B 53 -11.92 3.21 19.47
CA ASP B 53 -11.85 4.08 20.64
C ASP B 53 -10.41 4.28 21.06
N GLY B 54 -10.03 5.53 21.31
CA GLY B 54 -8.68 5.84 21.78
C GLY B 54 -7.62 6.01 20.70
N GLU B 55 -7.97 5.70 19.45
CA GLU B 55 -7.01 5.79 18.35
C GLU B 55 -7.17 7.09 17.60
N LEU B 56 -6.17 7.43 16.79
CA LEU B 56 -6.21 8.67 16.02
C LEU B 56 -7.09 8.44 14.82
N THR B 57 -8.07 9.33 14.62
CA THR B 57 -9.01 9.24 13.53
C THR B 57 -8.31 9.67 12.26
N GLY B 58 -8.83 9.24 11.13
CA GLY B 58 -8.32 9.67 9.82
C GLY B 58 -8.43 11.17 9.64
N HIS B 59 -9.58 11.73 10.02
CA HIS B 59 -9.78 13.17 10.06
C HIS B 59 -8.71 13.81 10.92
N GLY B 60 -8.43 13.19 12.05
CA GLY B 60 -7.42 13.71 12.95
C GLY B 60 -6.04 13.73 12.34
N TYR B 61 -5.71 12.67 11.62
CA TYR B 61 -4.44 12.60 10.89
C TYR B 61 -4.36 13.75 9.88
N ALA B 62 -5.39 13.92 9.06
CA ALA B 62 -5.41 15.00 8.08
C ALA B 62 -5.17 16.35 8.76
N ALA B 63 -5.86 16.60 9.86
CA ALA B 63 -5.70 17.86 10.59
C ALA B 63 -4.25 18.06 11.05
N VAL B 64 -3.65 17.02 11.63
CA VAL B 64 -2.25 17.11 12.04
C VAL B 64 -1.31 17.32 10.86
N VAL B 65 -1.56 16.62 9.76
CA VAL B 65 -0.81 16.87 8.53
C VAL B 65 -0.89 18.35 8.17
N ASN B 66 -2.10 18.90 8.12
CA ASN B 66 -2.26 20.30 7.74
C ASN B 66 -1.38 21.21 8.57
N LYS B 67 -1.31 20.96 9.86
CA LYS B 67 -0.41 21.70 10.74
C LYS B 67 1.08 21.44 10.45
N GLY B 68 1.44 20.17 10.26
CA GLY B 68 2.84 19.80 10.00
C GLY B 68 3.35 20.40 8.71
N ARG B 69 2.47 20.48 7.71
CA ARG B 69 2.83 21.10 6.43
C ARG B 69 3.25 22.55 6.61
N GLU B 70 2.40 23.35 7.24
CA GLU B 70 2.70 24.76 7.48
C GLU B 70 3.96 24.90 8.32
N GLU B 71 4.08 24.04 9.33
CA GLU B 71 5.21 24.09 10.26
C GLU B 71 6.52 23.81 9.53
N GLY B 72 6.50 22.84 8.63
CA GLY B 72 7.67 22.52 7.82
C GLY B 72 8.07 23.68 6.93
N GLN B 73 7.07 24.25 6.25
CA GLN B 73 7.30 25.37 5.36
C GLN B 73 7.82 26.56 6.15
N HIS B 74 7.24 26.75 7.33
CA HIS B 74 7.59 27.84 8.22
C HIS B 74 9.06 27.74 8.65
N TYR B 75 9.44 26.57 9.17
CA TYR B 75 10.80 26.39 9.70
C TYR B 75 11.86 26.25 8.60
N ARG B 76 11.46 25.81 7.41
CA ARG B 76 12.33 25.96 6.23
C ARG B 76 12.53 27.43 5.87
N GLN B 77 11.44 28.18 5.82
CA GLN B 77 11.48 29.61 5.49
C GLN B 77 12.38 30.38 6.46
N LEU B 78 12.42 29.97 7.73
CA LEU B 78 13.25 30.64 8.73
C LEU B 78 14.67 30.10 8.75
N GLY B 79 14.96 29.11 7.89
CA GLY B 79 16.28 28.53 7.81
C GLY B 79 16.67 27.62 8.95
N LEU B 80 15.72 27.14 9.74
CA LEU B 80 16.02 26.19 10.81
C LEU B 80 16.21 24.81 10.23
N LEU B 81 15.34 24.46 9.28
CA LEU B 81 15.42 23.22 8.55
C LEU B 81 15.96 23.50 7.15
N GLN B 82 16.72 22.57 6.63
CA GLN B 82 17.25 22.67 5.28
C GLN B 82 16.14 22.28 4.28
N ALA B 83 16.35 22.59 3.01
CA ALA B 83 15.44 22.13 1.97
C ALA B 83 15.40 20.59 1.93
N GLY B 84 14.27 20.06 1.51
CA GLY B 84 14.14 18.64 1.23
C GLY B 84 13.96 17.80 2.47
N CYS B 85 14.53 16.60 2.47
CA CYS B 85 14.30 15.65 3.56
C CYS B 85 15.28 15.82 4.70
N PRO B 86 14.83 15.49 5.90
CA PRO B 86 15.64 15.69 7.08
C PRO B 86 16.73 14.66 7.18
N THR B 87 17.84 15.03 7.80
CA THR B 87 18.83 14.07 8.28
C THR B 87 18.59 13.82 9.79
N ALA B 88 19.52 13.15 10.44
CA ALA B 88 19.44 12.90 11.89
C ALA B 88 19.61 14.20 12.70
N GLU B 89 20.33 15.15 12.12
CA GLU B 89 20.58 16.45 12.76
C GLU B 89 19.41 17.42 12.60
N SER B 90 18.46 17.11 11.72
CA SER B 90 17.29 17.96 11.50
C SER B 90 16.25 17.81 12.61
N ILE B 91 15.70 16.61 12.74
CA ILE B 91 14.56 16.39 13.63
C ILE B 91 14.69 15.07 14.37
N TYR B 92 14.31 15.07 15.63
CA TYR B 92 14.11 13.84 16.37
C TYR B 92 12.70 13.90 16.96
N VAL B 93 11.87 12.92 16.60
CA VAL B 93 10.50 12.88 17.02
C VAL B 93 10.33 11.74 18.04
N ARG B 94 9.80 12.05 19.21
CA ARG B 94 9.58 11.05 20.25
C ARG B 94 8.11 11.08 20.71
N ALA B 95 7.39 10.02 20.37
CA ALA B 95 5.97 9.95 20.64
C ALA B 95 5.73 9.08 21.86
N SER B 96 4.73 9.46 22.64
CA SER B 96 4.17 8.54 23.62
C SER B 96 3.84 7.25 22.85
N PRO B 97 4.05 6.10 23.50
CA PRO B 97 3.91 4.83 22.79
C PRO B 97 2.49 4.42 22.43
N LEU B 98 1.47 5.22 22.75
CA LEU B 98 0.11 4.85 22.36
C LEU B 98 -0.07 5.00 20.85
N GLN B 99 -1.00 4.21 20.31
CA GLN B 99 -1.29 4.27 18.88
C GLN B 99 -1.49 5.72 18.44
N ARG B 100 -2.35 6.45 19.14
CA ARG B 100 -2.75 7.77 18.67
C ARG B 100 -1.61 8.82 18.63
N THR B 101 -0.69 8.71 19.57
CA THR B 101 0.43 9.63 19.59
C THR B 101 1.49 9.20 18.59
N ARG B 102 1.64 7.91 18.37
CA ARG B 102 2.58 7.48 17.34
C ARG B 102 2.09 7.99 15.99
N ALA B 103 0.80 7.75 15.73
CA ALA B 103 0.19 8.15 14.49
C ALA B 103 0.25 9.68 14.32
N THR B 104 0.06 10.42 15.41
CA THR B 104 0.09 11.88 15.35
C THR B 104 1.50 12.35 15.00
N ALA B 105 2.49 11.68 15.59
CA ALA B 105 3.89 11.94 15.32
C ALA B 105 4.19 11.75 13.85
N GLN B 106 3.77 10.62 13.29
CA GLN B 106 3.92 10.33 11.86
C GLN B 106 3.21 11.37 11.00
N ALA B 107 2.02 11.81 11.44
CA ALA B 107 1.26 12.83 10.72
C ALA B 107 2.05 14.14 10.62
N LEU B 108 2.56 14.62 11.76
CA LEU B 108 3.35 15.85 11.79
C LEU B 108 4.51 15.80 10.78
N VAL B 109 5.30 14.73 10.80
CA VAL B 109 6.40 14.63 9.87
C VAL B 109 5.92 14.32 8.45
N ASP B 110 4.78 13.65 8.33
CA ASP B 110 4.18 13.36 7.02
C ASP B 110 3.88 14.67 6.23
N GLY B 111 3.40 15.69 6.94
CA GLY B 111 3.14 16.97 6.33
C GLY B 111 4.36 17.86 6.32
N ALA B 112 5.16 17.78 7.39
CA ALA B 112 6.32 18.63 7.52
C ALA B 112 7.43 18.30 6.54
N PHE B 113 7.49 17.05 6.09
CA PHE B 113 8.52 16.59 5.16
C PHE B 113 7.91 15.67 4.09
N PRO B 114 7.07 16.24 3.21
CA PRO B 114 6.26 15.48 2.25
C PRO B 114 7.03 14.36 1.55
N GLY B 115 6.60 13.12 1.76
CA GLY B 115 7.15 11.98 1.05
C GLY B 115 8.51 11.49 1.50
N CYS B 116 8.99 11.96 2.64
CA CYS B 116 10.33 11.59 3.10
C CYS B 116 10.37 10.35 3.97
N GLY B 117 9.23 9.70 4.18
CA GLY B 117 9.19 8.55 5.06
C GLY B 117 10.04 8.77 6.31
N VAL B 118 9.81 9.89 6.98
CA VAL B 118 10.57 10.22 8.18
C VAL B 118 10.08 9.33 9.31
N ALA B 119 11.00 8.60 9.95
CA ALA B 119 10.64 7.70 11.05
C ALA B 119 10.39 8.50 12.33
N ILE B 120 9.53 7.98 13.20
CA ILE B 120 9.36 8.54 14.53
C ILE B 120 9.74 7.48 15.55
N HIS B 121 10.13 7.89 16.76
CA HIS B 121 10.58 6.95 17.77
C HIS B 121 9.64 6.91 18.98
N TYR B 122 9.57 5.75 19.60
CA TYR B 122 8.77 5.58 20.80
C TYR B 122 9.33 4.42 21.61
N ALA B 123 9.04 4.41 22.91
CA ALA B 123 9.52 3.37 23.81
C ALA B 123 8.93 2.00 23.47
N ASN B 124 9.72 0.95 23.71
CA ASN B 124 9.31 -0.43 23.43
C ASN B 124 8.20 -0.94 24.37
N GLY B 125 8.08 -0.36 25.56
CA GLY B 125 7.06 -0.77 26.51
C GLY B 125 5.72 -0.07 26.28
N ASP B 126 4.95 0.05 27.36
CA ASP B 126 3.72 0.82 27.35
C ASP B 126 3.86 2.12 28.16
N ALA B 127 5.09 2.42 28.55
CA ALA B 127 5.41 3.54 29.43
C ALA B 127 6.71 4.21 28.98
N ASP B 128 6.64 5.52 28.85
CA ASP B 128 7.78 6.35 28.53
C ASP B 128 7.99 7.26 29.74
N PRO B 129 9.21 7.32 30.27
CA PRO B 129 9.38 8.08 31.53
C PRO B 129 9.04 9.59 31.43
N LEU B 130 9.00 10.14 30.22
CA LEU B 130 8.59 11.52 30.00
C LEU B 130 7.10 11.70 30.04
N PHE B 131 6.34 10.65 29.71
CA PHE B 131 4.92 10.83 29.45
C PHE B 131 4.02 10.04 30.37
N GLN B 132 4.27 8.75 30.52
CA GLN B 132 3.50 7.91 31.43
C GLN B 132 4.18 7.93 32.79
N THR B 133 4.22 9.10 33.41
CA THR B 133 5.11 9.35 34.54
C THR B 133 4.67 8.62 35.78
N ASP B 134 3.37 8.37 35.94
CA ASP B 134 2.87 7.63 37.10
C ASP B 134 3.30 6.13 37.12
N LYS B 135 4.00 5.67 36.08
CA LYS B 135 4.56 4.31 36.04
C LYS B 135 5.99 4.22 36.55
N PHE B 136 6.51 5.29 37.15
CA PHE B 136 7.87 5.31 37.66
C PHE B 136 7.92 5.98 39.05
N ALA B 137 8.74 5.43 39.93
CA ALA B 137 8.73 5.82 41.35
C ALA B 137 9.03 7.31 41.52
N ALA B 138 10.07 7.80 40.85
CA ALA B 138 10.53 9.18 41.05
C ALA B 138 9.48 10.24 40.67
N THR B 139 8.53 9.86 39.82
CA THR B 139 7.55 10.80 39.26
C THR B 139 6.09 10.35 39.53
N GLN B 140 5.88 9.53 40.55
CA GLN B 140 4.54 9.23 41.04
C GLN B 140 4.13 10.35 41.97
N THR B 141 2.84 10.47 42.24
CA THR B 141 2.40 11.28 43.37
C THR B 141 2.27 10.41 44.62
N ASP B 142 2.32 11.04 45.79
CA ASP B 142 1.99 10.40 47.04
C ASP B 142 0.48 10.53 47.22
N PRO B 143 -0.21 9.43 47.51
CA PRO B 143 -1.64 9.48 47.79
C PRO B 143 -2.09 10.58 48.75
N ALA B 144 -1.53 10.65 49.94
CA ALA B 144 -1.98 11.62 50.93
C ALA B 144 -1.73 13.05 50.44
N ARG B 145 -0.54 13.29 49.90
CA ARG B 145 -0.18 14.62 49.41
C ARG B 145 -1.10 15.03 48.28
N GLN B 146 -1.36 14.08 47.39
CA GLN B 146 -2.20 14.31 46.22
C GLN B 146 -3.63 14.69 46.61
N LEU B 147 -4.20 13.94 47.54
CA LEU B 147 -5.56 14.20 47.99
C LEU B 147 -5.63 15.55 48.71
N ALA B 148 -4.60 15.86 49.49
CA ALA B 148 -4.54 17.15 50.16
C ALA B 148 -4.43 18.30 49.12
N ALA B 149 -3.58 18.19 48.11
CA ALA B 149 -3.42 19.31 47.17
C ALA B 149 -4.72 19.62 46.41
N VAL B 150 -5.36 18.55 45.91
CA VAL B 150 -6.63 18.64 45.19
C VAL B 150 -7.78 19.16 46.05
N LYS B 151 -7.92 18.67 47.27
CA LYS B 151 -8.96 19.18 48.19
C LYS B 151 -8.69 20.63 48.47
N GLU B 152 -7.43 20.92 48.75
CA GLU B 152 -6.99 22.26 49.03
C GLU B 152 -7.30 23.22 47.85
N LYS B 153 -6.99 22.85 46.61
CA LYS B 153 -7.36 23.70 45.47
C LYS B 153 -8.86 23.64 45.16
N ALA B 154 -9.46 22.46 45.30
CA ALA B 154 -10.90 22.35 45.07
C ALA B 154 -11.63 23.29 46.00
N GLY B 155 -11.31 23.20 47.29
CA GLY B 155 -12.00 24.00 48.30
C GLY B 155 -13.46 23.62 48.33
N ASP B 156 -14.31 24.63 48.24
CA ASP B 156 -15.76 24.45 48.33
C ASP B 156 -16.29 23.98 46.99
N LEU B 157 -16.55 22.68 46.85
CA LEU B 157 -16.97 22.13 45.57
C LEU B 157 -18.46 22.36 45.26
N ALA B 158 -19.28 22.53 46.31
CA ALA B 158 -20.67 22.98 46.15
C ALA B 158 -20.71 24.35 45.48
N GLN B 159 -19.80 25.23 45.89
CA GLN B 159 -19.69 26.57 45.31
C GLN B 159 -19.22 26.50 43.85
N ARG B 160 -18.21 25.69 43.56
CA ARG B 160 -17.71 25.54 42.19
C ARG B 160 -18.80 25.04 41.24
N ARG B 161 -19.58 24.08 41.73
CA ARG B 161 -20.66 23.48 40.97
C ARG B 161 -21.81 24.44 40.70
N GLN B 162 -22.06 25.37 41.62
CA GLN B 162 -23.11 26.36 41.43
C GLN B 162 -22.73 27.36 40.34
N ALA B 163 -21.48 27.82 40.34
CA ALA B 163 -20.99 28.75 39.32
C ALA B 163 -21.01 28.11 37.94
N LEU B 164 -20.86 26.79 37.87
CA LEU B 164 -20.87 26.10 36.58
C LEU B 164 -22.25 25.59 36.21
N ALA B 165 -23.26 25.87 37.04
CA ALA B 165 -24.62 25.32 36.88
C ALA B 165 -25.22 25.54 35.50
N PRO B 166 -25.01 26.72 34.90
CA PRO B 166 -25.46 26.95 33.52
C PRO B 166 -24.71 26.12 32.50
N THR B 167 -23.43 25.83 32.72
CA THR B 167 -22.68 25.00 31.77
C THR B 167 -23.13 23.55 31.94
N ILE B 168 -23.33 23.13 33.18
CA ILE B 168 -23.88 21.79 33.47
C ILE B 168 -25.21 21.59 32.74
N GLN B 169 -26.05 22.61 32.74
CA GLN B 169 -27.39 22.51 32.18
C GLN B 169 -27.32 22.45 30.65
N LEU B 170 -26.47 23.28 30.04
CA LEU B 170 -26.17 23.16 28.60
C LEU B 170 -25.65 21.76 28.21
N LEU B 171 -24.80 21.15 29.06
CA LEU B 171 -24.36 19.77 28.83
C LEU B 171 -25.51 18.77 28.95
N LYS B 172 -26.33 18.94 29.98
CA LYS B 172 -27.50 18.09 30.20
C LYS B 172 -28.46 18.12 29.00
N GLN B 173 -28.83 19.30 28.51
CA GLN B 173 -29.72 19.40 27.34
C GLN B 173 -29.13 18.66 26.14
N ALA B 174 -27.80 18.74 25.98
CA ALA B 174 -27.14 18.13 24.85
C ALA B 174 -27.07 16.60 24.95
N VAL B 175 -26.81 16.07 26.14
CA VAL B 175 -26.49 14.63 26.23
C VAL B 175 -27.54 13.75 26.90
N CYS B 176 -28.50 14.38 27.58
CA CYS B 176 -29.60 13.61 28.21
C CYS B 176 -30.79 13.50 27.31
N GLN B 177 -31.48 12.36 27.42
CA GLN B 177 -32.74 12.15 26.70
C GLN B 177 -33.83 12.48 27.69
N ALA B 178 -34.93 13.07 27.19
CA ALA B 178 -35.98 13.60 28.07
C ALA B 178 -36.68 12.47 28.82
N ASP B 179 -36.97 12.75 30.09
CA ASP B 179 -37.66 11.81 30.99
C ASP B 179 -36.79 10.65 31.43
N LYS B 180 -35.73 10.35 30.69
CA LYS B 180 -34.75 9.35 31.11
C LYS B 180 -33.84 9.96 32.18
N PRO B 181 -33.56 9.20 33.25
CA PRO B 181 -32.74 9.77 34.30
C PRO B 181 -31.29 9.97 33.85
N CYS B 182 -30.70 11.06 34.31
CA CYS B 182 -29.30 11.38 34.06
C CYS B 182 -28.68 11.70 35.40
N PRO B 183 -28.23 10.67 36.12
CA PRO B 183 -27.95 10.86 37.54
C PRO B 183 -26.75 11.81 37.75
N ILE B 184 -25.74 11.68 36.89
CA ILE B 184 -24.48 12.43 37.03
C ILE B 184 -24.69 13.93 37.20
N PHE B 185 -25.73 14.48 36.59
CA PHE B 185 -25.94 15.93 36.59
C PHE B 185 -26.56 16.49 37.88
N ASP B 186 -27.02 15.59 38.76
CA ASP B 186 -27.61 15.99 40.04
C ASP B 186 -26.73 15.64 41.26
N THR B 187 -25.73 14.77 41.06
CA THR B 187 -24.92 14.29 42.20
C THR B 187 -23.86 15.33 42.58
N PRO B 188 -23.63 15.52 43.89
CA PRO B 188 -22.65 16.54 44.28
C PRO B 188 -21.24 16.20 43.86
N TRP B 189 -20.36 17.19 43.95
CA TRP B 189 -18.96 17.04 43.57
C TRP B 189 -18.09 16.79 44.82
N ARG B 190 -17.56 15.57 44.93
CA ARG B 190 -16.63 15.22 46.01
C ARG B 190 -15.31 14.84 45.38
N VAL B 191 -14.20 15.09 46.09
CA VAL B 191 -12.89 14.54 45.71
C VAL B 191 -12.89 13.07 46.09
N GLU B 192 -12.65 12.20 45.13
CA GLU B 192 -12.60 10.76 45.39
C GLU B 192 -11.23 10.30 44.97
N GLN B 193 -10.67 9.35 45.70
CA GLN B 193 -9.34 8.84 45.41
C GLN B 193 -9.40 7.32 45.34
N SER B 194 -8.86 6.75 44.28
CA SER B 194 -8.92 5.31 44.06
C SER B 194 -7.83 4.58 44.82
N LYS B 195 -7.89 3.25 44.82
CA LYS B 195 -6.89 2.42 45.48
C LYS B 195 -5.46 2.68 44.97
N SER B 196 -5.33 3.10 43.72
CA SER B 196 -4.04 3.48 43.14
C SER B 196 -3.59 4.91 43.52
N GLY B 197 -4.46 5.69 44.14
CA GLY B 197 -4.13 7.07 44.53
C GLY B 197 -4.49 8.17 43.52
N LYS B 198 -5.04 7.77 42.37
CA LYS B 198 -5.55 8.74 41.39
C LYS B 198 -6.75 9.48 41.99
N THR B 199 -6.76 10.80 41.91
CA THR B 199 -7.90 11.58 42.37
C THR B 199 -8.78 12.05 41.21
N THR B 200 -10.08 12.07 41.43
CA THR B 200 -11.03 12.61 40.46
C THR B 200 -12.12 13.33 41.24
N ILE B 201 -13.00 14.03 40.54
CA ILE B 201 -14.10 14.75 41.16
C ILE B 201 -15.40 14.15 40.65
N SER B 202 -16.20 13.63 41.56
CA SER B 202 -17.44 12.99 41.22
C SER B 202 -18.28 13.99 40.46
N GLY B 203 -18.94 13.53 39.40
CA GLY B 203 -19.73 14.39 38.54
C GLY B 203 -18.83 15.12 37.56
N LEU B 204 -17.96 15.98 38.07
CA LEU B 204 -17.17 16.87 37.23
C LEU B 204 -16.36 16.11 36.21
N SER B 205 -15.57 15.15 36.67
CA SER B 205 -14.62 14.44 35.81
C SER B 205 -15.31 13.74 34.64
N VAL B 206 -16.35 12.99 34.93
CA VAL B 206 -17.10 12.30 33.90
C VAL B 206 -17.76 13.33 32.99
N MET B 207 -18.19 14.46 33.54
CA MET B 207 -18.76 15.55 32.75
C MET B 207 -17.70 16.14 31.83
N ALA B 208 -16.49 16.23 32.35
CA ALA B 208 -15.37 16.77 31.59
C ALA B 208 -15.05 15.82 30.44
N ASN B 209 -15.17 14.53 30.70
CA ASN B 209 -14.95 13.53 29.65
C ASN B 209 -16.02 13.62 28.57
N MET B 210 -17.25 13.95 28.96
CA MET B 210 -18.32 14.19 27.97
C MET B 210 -17.96 15.39 27.13
N VAL B 211 -17.56 16.48 27.78
CA VAL B 211 -17.26 17.70 27.04
C VAL B 211 -16.12 17.44 26.07
N GLU B 212 -15.06 16.79 26.54
CA GLU B 212 -13.93 16.48 25.67
C GLU B 212 -14.36 15.56 24.52
N THR B 213 -15.28 14.63 24.76
CA THR B 213 -15.74 13.75 23.69
C THR B 213 -16.56 14.53 22.66
N LEU B 214 -17.43 15.43 23.14
CA LEU B 214 -18.22 16.25 22.25
C LEU B 214 -17.33 17.22 21.42
N ARG B 215 -16.31 17.78 22.07
CA ARG B 215 -15.37 18.67 21.38
C ARG B 215 -14.61 17.94 20.30
N LEU B 216 -14.17 16.73 20.61
CA LEU B 216 -13.49 15.91 19.62
C LEU B 216 -14.45 15.51 18.49
N GLY B 217 -15.67 15.14 18.84
CA GLY B 217 -16.70 14.85 17.85
C GLY B 217 -16.96 16.01 16.90
N TRP B 218 -17.05 17.21 17.46
CA TRP B 218 -17.20 18.41 16.66
C TRP B 218 -16.02 18.55 15.71
N SER B 219 -14.83 18.60 16.30
CA SER B 219 -13.57 18.66 15.57
C SER B 219 -13.39 17.54 14.53
N GLU B 220 -14.00 16.39 14.77
CA GLU B 220 -13.93 15.22 13.89
C GLU B 220 -14.71 15.39 12.59
N ASN B 221 -15.58 16.39 12.53
CA ASN B 221 -16.61 16.51 11.51
C ASN B 221 -17.57 15.32 11.53
N LEU B 222 -17.86 14.79 12.71
CA LEU B 222 -18.97 13.84 12.87
C LEU B 222 -20.27 14.48 12.43
N PRO B 223 -21.17 13.73 11.78
CA PRO B 223 -22.48 14.30 11.53
C PRO B 223 -23.15 14.73 12.84
N LEU B 224 -23.93 15.81 12.76
CA LEU B 224 -24.58 16.37 13.94
C LEU B 224 -25.48 15.34 14.62
N SER B 225 -26.08 14.45 13.84
CA SER B 225 -26.91 13.38 14.43
C SER B 225 -26.10 12.37 15.28
N GLN B 226 -24.80 12.24 15.00
CA GLN B 226 -23.91 11.32 15.72
C GLN B 226 -23.07 12.03 16.79
N LEU B 227 -23.14 13.36 16.81
CA LEU B 227 -22.33 14.15 17.74
C LEU B 227 -23.03 14.19 19.10
N ALA B 228 -24.19 14.86 19.17
CA ALA B 228 -25.03 14.83 20.36
C ALA B 228 -26.52 14.69 20.00
N TRP B 229 -26.83 13.65 19.23
CA TRP B 229 -28.20 13.37 18.79
C TRP B 229 -28.91 14.61 18.22
N GLY B 230 -28.16 15.37 17.42
CA GLY B 230 -28.65 16.60 16.80
C GLY B 230 -28.64 17.87 17.64
N LYS B 231 -28.30 17.78 18.93
CA LYS B 231 -28.47 18.90 19.86
C LYS B 231 -27.40 20.00 19.77
N ILE B 232 -26.22 19.64 19.29
CA ILE B 232 -25.12 20.58 19.12
C ILE B 232 -24.94 20.84 17.62
N ALA B 233 -25.25 22.05 17.18
CA ALA B 233 -25.25 22.38 15.75
C ALA B 233 -24.21 23.42 15.34
N GLN B 234 -23.56 24.08 16.29
CA GLN B 234 -22.57 25.11 15.93
C GLN B 234 -21.47 25.19 16.96
N ALA B 235 -20.28 25.60 16.50
CA ALA B 235 -19.07 25.57 17.32
C ALA B 235 -19.25 26.23 18.67
N SER B 236 -20.04 27.30 18.72
CA SER B 236 -20.20 28.08 19.93
C SER B 236 -20.83 27.24 21.05
N GLN B 237 -21.65 26.26 20.67
CA GLN B 237 -22.21 25.34 21.66
C GLN B 237 -21.14 24.49 22.34
N ILE B 238 -20.14 24.07 21.57
CA ILE B 238 -19.03 23.34 22.13
C ILE B 238 -18.26 24.26 23.06
N THR B 239 -17.96 25.47 22.58
CA THR B 239 -17.23 26.47 23.35
C THR B 239 -17.90 26.70 24.72
N ALA B 240 -19.23 26.68 24.75
CA ALA B 240 -20.00 26.96 25.96
C ALA B 240 -19.92 25.84 26.99
N LEU B 241 -19.53 24.65 26.55
CA LEU B 241 -19.39 23.48 27.44
C LEU B 241 -17.98 23.37 28.02
N LEU B 242 -17.02 23.99 27.34
CA LEU B 242 -15.62 23.81 27.66
C LEU B 242 -15.21 24.29 29.07
N PRO B 243 -15.94 25.25 29.65
CA PRO B 243 -15.58 25.57 31.04
C PRO B 243 -15.62 24.39 32.02
N LEU B 244 -16.45 23.37 31.77
CA LEU B 244 -16.42 22.17 32.63
C LEU B 244 -15.09 21.41 32.48
N LEU B 245 -14.46 21.52 31.32
CA LEU B 245 -13.21 20.83 31.03
C LEU B 245 -12.05 21.56 31.71
N THR B 246 -12.06 22.88 31.63
CA THR B 246 -11.07 23.70 32.33
C THR B 246 -11.13 23.42 33.83
N GLU B 247 -12.35 23.33 34.34
CA GLU B 247 -12.55 23.13 35.77
C GLU B 247 -11.88 21.85 36.21
N ASN B 248 -12.09 20.77 35.45
CA ASN B 248 -11.53 19.50 35.83
C ASN B 248 -10.01 19.50 35.70
N TYR B 249 -9.51 20.16 34.66
CA TYR B 249 -8.07 20.32 34.52
C TYR B 249 -7.51 21.10 35.69
N ASP B 250 -8.18 22.18 36.09
CA ASP B 250 -7.75 22.96 37.25
C ASP B 250 -7.60 22.11 38.49
N LEU B 251 -8.54 21.19 38.68
CA LEU B 251 -8.55 20.35 39.88
C LEU B 251 -7.81 19.00 39.73
N SER B 252 -7.09 18.80 38.62
CA SER B 252 -6.34 17.57 38.45
C SER B 252 -4.91 17.84 37.94
N ASN B 253 -4.74 17.89 36.63
CA ASN B 253 -3.42 18.03 36.02
C ASN B 253 -2.78 19.39 36.30
N ASP B 254 -3.59 20.42 36.46
CA ASP B 254 -3.09 21.76 36.76
C ASP B 254 -2.98 22.12 38.26
N VAL B 255 -3.20 21.15 39.16
CA VAL B 255 -2.88 21.33 40.56
C VAL B 255 -1.37 21.27 40.67
N LEU B 256 -0.76 22.27 41.33
CA LEU B 256 0.71 22.38 41.32
C LEU B 256 1.39 21.09 41.76
N TYR B 257 1.00 20.54 42.89
CA TYR B 257 1.66 19.37 43.41
C TYR B 257 1.67 18.24 42.38
N THR B 258 0.51 17.98 41.81
CA THR B 258 0.33 16.91 40.83
C THR B 258 1.20 17.17 39.62
N ALA B 259 1.16 18.41 39.11
CA ALA B 259 1.98 18.78 37.95
C ALA B 259 3.48 18.68 38.27
N GLN B 260 3.86 19.03 39.49
CA GLN B 260 5.24 18.90 39.94
C GLN B 260 5.74 17.45 39.92
N LYS B 261 5.01 16.55 40.55
CA LYS B 261 5.42 15.15 40.60
C LYS B 261 5.37 14.47 39.24
N ARG B 262 4.28 14.69 38.50
CA ARG B 262 4.04 14.00 37.26
C ARG B 262 4.50 14.75 35.99
N GLY B 263 4.93 16.00 36.14
CA GLY B 263 5.24 16.83 34.99
C GLY B 263 6.67 17.35 34.94
N SER B 264 7.32 17.47 36.10
CA SER B 264 8.66 18.03 36.15
C SER B 264 9.61 17.34 35.19
N VAL B 265 9.53 16.01 35.11
CA VAL B 265 10.41 15.24 34.24
C VAL B 265 10.33 15.72 32.79
N LEU B 266 9.12 16.05 32.35
CA LEU B 266 8.89 16.50 30.96
C LEU B 266 9.37 17.93 30.70
N LEU B 267 9.06 18.86 31.63
CA LEU B 267 9.44 20.26 31.45
C LEU B 267 10.96 20.35 31.50
N ASN B 268 11.54 19.68 32.48
CA ASN B 268 12.98 19.66 32.62
C ASN B 268 13.62 19.11 31.36
N ALA B 269 12.97 18.13 30.74
CA ALA B 269 13.50 17.55 29.50
C ALA B 269 13.38 18.55 28.35
N MET B 270 12.29 19.32 28.34
CA MET B 270 12.06 20.32 27.29
C MET B 270 13.03 21.50 27.43
N LEU B 271 13.15 22.02 28.65
CA LEU B 271 14.11 23.08 28.94
C LEU B 271 15.53 22.66 28.58
N ASP B 272 15.92 21.44 28.90
CA ASP B 272 17.28 20.98 28.55
C ASP B 272 17.45 20.79 27.04
N GLY B 273 16.35 20.50 26.37
CA GLY B 273 16.35 20.29 24.94
C GLY B 273 16.56 21.59 24.19
N VAL B 274 16.12 22.69 24.78
CA VAL B 274 16.21 24.00 24.13
C VAL B 274 17.53 24.69 24.45
N LYS B 275 18.19 24.28 25.53
CA LYS B 275 19.52 24.80 25.88
C LYS B 275 20.59 24.45 24.84
N PRO B 276 21.59 25.32 24.68
CA PRO B 276 22.75 24.98 23.88
C PRO B 276 23.41 23.69 24.35
N GLU B 277 24.21 23.06 23.49
CA GLU B 277 24.90 21.82 23.85
C GLU B 277 23.94 20.72 24.33
N ALA B 278 22.73 20.71 23.78
CA ALA B 278 21.73 19.69 24.07
C ALA B 278 22.07 18.40 23.33
N SER B 279 21.55 17.29 23.87
CA SER B 279 21.63 15.98 23.21
C SER B 279 20.22 15.38 23.07
N PRO B 280 19.85 14.98 21.86
CA PRO B 280 20.65 14.98 20.64
C PRO B 280 20.87 16.38 20.08
N ASN B 281 21.82 16.46 19.16
CA ASN B 281 22.01 17.64 18.34
C ASN B 281 20.99 17.57 17.21
N VAL B 282 19.87 18.23 17.39
CA VAL B 282 18.87 18.33 16.35
C VAL B 282 18.34 19.75 16.33
N ARG B 283 17.86 20.18 15.17
CA ARG B 283 17.28 21.51 15.07
C ARG B 283 15.86 21.55 15.62
N TRP B 284 15.19 20.41 15.63
CA TRP B 284 13.79 20.34 16.04
C TRP B 284 13.58 19.07 16.83
N LEU B 285 13.32 19.21 18.13
CA LEU B 285 12.96 18.08 18.97
C LEU B 285 11.43 18.08 19.11
N LEU B 286 10.78 17.02 18.65
CA LEU B 286 9.32 16.94 18.63
C LEU B 286 8.86 15.84 19.56
N LEU B 287 8.09 16.22 20.57
CA LEU B 287 7.55 15.31 21.54
C LEU B 287 6.05 15.28 21.34
N VAL B 288 5.50 14.10 21.13
CA VAL B 288 4.06 13.96 20.91
C VAL B 288 3.48 13.12 22.04
N ALA B 289 2.55 13.71 22.79
CA ALA B 289 2.05 13.08 23.99
C ALA B 289 0.60 13.52 24.22
N HIS B 290 0.20 13.68 25.47
CA HIS B 290 -1.21 13.86 25.78
C HIS B 290 -1.50 15.21 26.44
N ASP B 291 -2.77 15.60 26.40
CA ASP B 291 -3.20 16.85 27.03
C ASP B 291 -2.78 16.90 28.48
N THR B 292 -2.87 15.78 29.19
CA THR B 292 -2.50 15.77 30.60
C THR B 292 -1.03 16.21 30.73
N ASN B 293 -0.18 15.73 29.82
CA ASN B 293 1.22 16.15 29.84
C ASN B 293 1.35 17.63 29.57
N ILE B 294 0.57 18.14 28.62
CA ILE B 294 0.75 19.54 28.24
C ILE B 294 0.30 20.40 29.40
N ALA B 295 -0.78 19.98 30.06
CA ALA B 295 -1.37 20.74 31.15
C ALA B 295 -0.38 20.88 32.29
N MET B 296 0.26 19.76 32.63
CA MET B 296 1.22 19.75 33.72
C MET B 296 2.44 20.62 33.41
N VAL B 297 2.94 20.54 32.17
CA VAL B 297 4.09 21.36 31.81
C VAL B 297 3.76 22.83 31.86
N ARG B 298 2.63 23.23 31.28
CA ARG B 298 2.26 24.65 31.22
C ARG B 298 1.96 25.22 32.60
N THR B 299 1.42 24.37 33.49
CA THR B 299 1.21 24.73 34.88
C THR B 299 2.55 25.01 35.54
N LEU B 300 3.53 24.17 35.25
CA LEU B 300 4.87 24.37 35.81
C LEU B 300 5.47 25.66 35.29
N MET B 301 5.21 25.98 34.02
CA MET B 301 5.66 27.23 33.41
C MET B 301 4.90 28.46 33.92
N ASN B 302 3.77 28.25 34.59
CA ASN B 302 2.83 29.33 34.95
C ASN B 302 2.36 30.10 33.70
N PHE B 303 2.07 29.33 32.66
CA PHE B 303 1.71 29.84 31.37
C PHE B 303 0.24 29.53 31.15
N SER B 304 -0.58 30.55 31.27
CA SER B 304 -2.01 30.40 31.07
C SER B 304 -2.39 31.02 29.73
N TRP B 305 -3.18 30.33 28.95
CA TRP B 305 -3.64 30.87 27.70
C TRP B 305 -5.14 30.70 27.58
N GLN B 306 -5.75 31.60 26.82
CA GLN B 306 -7.11 31.41 26.37
C GLN B 306 -7.18 31.86 24.93
N LEU B 307 -7.33 30.90 24.02
CA LEU B 307 -7.43 31.17 22.60
C LEU B 307 -8.90 31.28 22.12
N PRO B 308 -9.16 32.14 21.14
CA PRO B 308 -10.52 32.36 20.63
C PRO B 308 -11.34 31.09 20.46
N GLY B 309 -12.56 31.08 20.98
CA GLY B 309 -13.44 29.93 20.83
C GLY B 309 -13.12 28.73 21.72
N TYR B 310 -12.24 28.95 22.69
CA TYR B 310 -11.82 27.90 23.62
C TYR B 310 -11.82 28.47 25.02
N SER B 311 -11.98 27.63 26.02
CA SER B 311 -11.99 28.09 27.39
C SER B 311 -10.55 28.09 27.88
N ARG B 312 -10.31 28.77 28.99
CA ARG B 312 -8.96 28.97 29.48
C ARG B 312 -8.19 27.65 29.60
N GLY B 313 -6.97 27.65 29.07
CA GLY B 313 -6.06 26.53 29.22
C GLY B 313 -6.42 25.32 28.40
N ASN B 314 -7.36 25.46 27.48
CA ASN B 314 -7.81 24.31 26.72
C ASN B 314 -6.74 23.86 25.73
N ILE B 315 -6.57 22.53 25.66
CA ILE B 315 -5.52 21.92 24.86
C ILE B 315 -6.17 21.12 23.74
N PRO B 316 -6.43 21.74 22.58
CA PRO B 316 -7.08 21.01 21.51
C PRO B 316 -6.25 19.89 20.90
N PRO B 317 -6.92 18.97 20.19
CA PRO B 317 -6.22 17.92 19.46
C PRO B 317 -5.22 18.49 18.47
N GLY B 318 -4.02 17.92 18.46
CA GLY B 318 -2.97 18.36 17.55
C GLY B 318 -2.43 19.73 17.86
N SER B 319 -2.78 20.27 19.03
CA SER B 319 -2.23 21.55 19.48
C SER B 319 -0.86 21.25 20.03
N SER B 320 -0.07 22.31 20.27
CA SER B 320 1.29 22.10 20.75
C SER B 320 1.85 23.30 21.49
N LEU B 321 2.81 23.01 22.36
CA LEU B 321 3.50 23.98 23.19
C LEU B 321 4.92 24.00 22.62
N VAL B 322 5.41 25.18 22.25
CA VAL B 322 6.68 25.27 21.55
C VAL B 322 7.65 26.19 22.28
N LEU B 323 8.90 25.74 22.40
CA LEU B 323 10.00 26.58 22.88
C LEU B 323 10.92 26.77 21.69
N GLU B 324 11.26 28.00 21.35
CA GLU B 324 12.21 28.31 20.28
C GLU B 324 13.36 29.10 20.87
N ARG B 325 14.59 28.69 20.54
CA ARG B 325 15.77 29.46 20.93
C ARG B 325 16.16 30.32 19.76
N TRP B 326 16.18 31.63 19.97
CA TRP B 326 16.59 32.55 18.94
C TRP B 326 17.91 33.18 19.31
N ARG B 327 18.54 33.76 18.30
CA ARG B 327 19.79 34.46 18.45
C ARG B 327 19.73 35.74 17.65
N ASP B 328 20.19 36.82 18.26
CA ASP B 328 20.39 38.09 17.56
C ASP B 328 21.63 37.97 16.69
N ALA B 329 21.45 38.12 15.37
CA ALA B 329 22.58 38.12 14.42
C ALA B 329 23.69 39.06 14.87
N LYS B 330 23.30 40.30 15.22
CA LYS B 330 24.25 41.32 15.67
C LYS B 330 24.90 40.97 17.01
N SER B 331 24.17 41.14 18.11
CA SER B 331 24.76 41.06 19.46
C SER B 331 25.18 39.64 19.88
N GLY B 332 24.72 38.62 19.15
CA GLY B 332 24.93 37.23 19.56
C GLY B 332 24.04 36.80 20.74
N GLU B 333 23.21 37.70 21.25
CA GLU B 333 22.43 37.40 22.43
C GLU B 333 21.38 36.38 22.09
N ARG B 334 21.23 35.40 22.97
CA ARG B 334 20.19 34.39 22.85
C ARG B 334 18.89 34.82 23.52
N TYR B 335 17.78 34.41 22.91
CA TYR B 335 16.45 34.67 23.44
C TYR B 335 15.65 33.40 23.38
N LEU B 336 14.57 33.36 24.16
CA LEU B 336 13.63 32.28 24.11
C LEU B 336 12.27 32.81 23.67
N ARG B 337 11.59 32.04 22.83
CA ARG B 337 10.20 32.32 22.50
C ARG B 337 9.41 31.12 22.93
N VAL B 338 8.27 31.35 23.57
CA VAL B 338 7.43 30.30 24.06
C VAL B 338 6.00 30.62 23.70
N TYR B 339 5.30 29.63 23.17
CA TYR B 339 3.89 29.81 22.83
C TYR B 339 3.16 28.52 22.72
N PHE B 340 1.85 28.64 22.81
CA PHE B 340 0.97 27.52 22.59
C PHE B 340 0.20 27.85 21.32
N GLN B 341 -0.06 26.83 20.52
CA GLN B 341 -0.79 27.00 19.27
C GLN B 341 -1.80 25.89 19.07
N ALA B 342 -2.90 26.22 18.39
CA ALA B 342 -3.99 25.29 18.11
C ALA B 342 -4.73 25.76 16.89
N GLN B 343 -5.55 24.88 16.32
CA GLN B 343 -6.56 25.29 15.36
C GLN B 343 -7.89 25.43 16.08
N GLY B 344 -8.74 26.30 15.56
CA GLY B 344 -10.04 26.57 16.13
C GLY B 344 -10.97 25.42 15.86
N LEU B 345 -12.13 25.46 16.51
CA LEU B 345 -13.11 24.40 16.43
C LEU B 345 -13.54 24.12 15.01
N ASP B 346 -13.97 25.15 14.29
CA ASP B 346 -14.44 24.93 12.93
C ASP B 346 -13.29 24.70 11.97
N ASP B 347 -12.14 25.27 12.26
CA ASP B 347 -10.98 25.01 11.41
C ASP B 347 -10.68 23.51 11.44
N LEU B 348 -10.69 22.91 12.63
CA LEU B 348 -10.46 21.47 12.79
C LEU B 348 -11.55 20.66 12.07
N ARG B 349 -12.80 20.99 12.33
CA ARG B 349 -13.92 20.31 11.70
C ARG B 349 -13.90 20.43 10.18
N ARG B 350 -13.48 21.59 9.68
CA ARG B 350 -13.44 21.82 8.24
C ARG B 350 -12.15 21.33 7.61
N LEU B 351 -11.23 20.79 8.41
CA LEU B 351 -9.87 20.45 7.93
C LEU B 351 -9.24 21.64 7.20
N GLN B 352 -9.55 22.84 7.70
CA GLN B 352 -8.99 24.07 7.21
C GLN B 352 -7.47 24.00 7.24
N THR B 353 -6.87 24.39 6.13
CA THR B 353 -5.43 24.47 6.06
C THR B 353 -5.02 25.89 6.54
N PRO B 354 -4.14 25.98 7.56
CA PRO B 354 -3.77 27.30 8.12
C PRO B 354 -3.13 28.28 7.13
N ASP B 355 -3.74 29.45 6.98
CA ASP B 355 -3.26 30.46 6.04
C ASP B 355 -3.63 31.87 6.54
N ALA B 356 -3.24 32.90 5.79
CA ALA B 356 -3.50 34.29 6.19
C ALA B 356 -4.94 34.51 6.66
N GLN B 357 -5.90 33.99 5.91
CA GLN B 357 -7.32 34.15 6.23
C GLN B 357 -7.81 33.25 7.38
N HIS B 358 -7.11 32.15 7.62
CA HIS B 358 -7.52 31.20 8.68
C HIS B 358 -6.27 30.78 9.47
N PRO B 359 -5.69 31.71 10.22
CA PRO B 359 -4.39 31.47 10.85
C PRO B 359 -4.49 30.53 12.04
N MET B 360 -3.38 29.89 12.39
CA MET B 360 -3.30 29.10 13.60
C MET B 360 -3.53 30.03 14.77
N LEU B 361 -4.33 29.59 15.73
CA LEU B 361 -4.52 30.34 16.94
C LEU B 361 -3.21 30.20 17.70
N ARG B 362 -2.84 31.24 18.41
CA ARG B 362 -1.57 31.27 19.09
C ARG B 362 -1.53 32.31 20.19
N GLN B 363 -0.97 31.91 21.33
CA GLN B 363 -0.67 32.83 22.41
C GLN B 363 0.75 32.59 22.84
N GLU B 364 1.49 33.68 22.94
CA GLU B 364 2.85 33.65 23.41
C GLU B 364 2.87 33.85 24.90
N TRP B 365 3.82 33.20 25.55
CA TRP B 365 4.21 33.50 26.91
C TRP B 365 5.15 34.72 26.89
N ARG B 366 5.16 35.46 27.97
CA ARG B 366 5.95 36.68 28.05
C ARG B 366 6.23 36.96 29.50
N GLN B 367 7.30 37.70 29.78
CA GLN B 367 7.56 38.21 31.13
C GLN B 367 8.30 39.54 30.97
N PRO B 368 8.47 40.30 32.05
CA PRO B 368 9.24 41.51 31.94
C PRO B 368 10.59 41.22 31.32
N GLY B 369 11.02 42.09 30.43
CA GLY B 369 12.30 41.95 29.75
C GLY B 369 12.18 41.39 28.36
N CYS B 370 11.04 40.79 28.03
CA CYS B 370 10.82 40.29 26.70
C CYS B 370 10.59 41.47 25.78
N ARG B 371 10.88 41.27 24.50
CA ARG B 371 10.72 42.32 23.50
C ARG B 371 9.93 41.82 22.32
N GLN B 372 9.02 42.66 21.84
CA GLN B 372 8.30 42.36 20.61
C GLN B 372 9.23 42.50 19.40
N THR B 373 9.27 41.46 18.55
CA THR B 373 10.01 41.48 17.29
C THR B 373 9.13 41.00 16.14
N ASP B 374 9.68 41.04 14.93
CA ASP B 374 9.02 40.52 13.72
C ASP B 374 8.87 39.01 13.75
N VAL B 375 9.70 38.31 14.54
CA VAL B 375 9.53 36.86 14.67
C VAL B 375 8.76 36.46 15.92
N GLY B 376 8.32 37.45 16.69
CA GLY B 376 7.47 37.20 17.87
C GLY B 376 8.08 37.79 19.14
N THR B 377 7.50 37.43 20.27
CA THR B 377 7.99 37.88 21.57
C THR B 377 9.19 37.03 21.96
N LEU B 378 10.34 37.68 22.03
CA LEU B 378 11.58 37.04 22.37
C LEU B 378 11.96 37.49 23.77
N CYS B 379 12.49 36.56 24.57
CA CYS B 379 12.74 36.77 25.99
C CYS B 379 14.17 36.40 26.33
N PRO B 380 14.93 37.32 26.95
CA PRO B 380 16.34 36.99 27.21
C PRO B 380 16.43 35.56 27.71
N PHE B 381 17.34 34.78 27.12
CA PHE B 381 17.30 33.33 27.27
C PHE B 381 17.43 32.83 28.71
N GLN B 382 18.50 33.22 29.39
CA GLN B 382 18.76 32.68 30.73
C GLN B 382 17.65 33.02 31.73
N ALA B 383 17.19 34.28 31.71
CA ALA B 383 16.12 34.69 32.60
C ALA B 383 14.82 33.95 32.26
N ALA B 384 14.66 33.57 31.00
CA ALA B 384 13.46 32.82 30.58
C ALA B 384 13.52 31.42 31.14
N ILE B 385 14.68 30.77 31.02
CA ILE B 385 14.86 29.39 31.49
C ILE B 385 14.74 29.32 33.02
N THR B 386 15.37 30.24 33.72
CA THR B 386 15.19 30.35 35.15
C THR B 386 13.70 30.49 35.50
N ALA B 387 13.00 31.44 34.89
CA ALA B 387 11.58 31.66 35.19
C ALA B 387 10.79 30.38 34.96
N LEU B 388 10.99 29.75 33.82
CA LEU B 388 10.19 28.58 33.45
C LEU B 388 10.48 27.32 34.29
N GLY B 389 11.70 27.22 34.85
CA GLY B 389 12.09 26.05 35.65
C GLY B 389 11.85 26.20 37.14
N GLN B 390 11.41 27.38 37.56
CA GLN B 390 11.28 27.76 38.96
C GLN B 390 10.44 26.76 39.76
N ARG B 391 9.42 26.19 39.13
CA ARG B 391 8.48 25.33 39.82
C ARG B 391 8.73 23.81 39.63
N ILE B 392 9.76 23.47 38.85
CA ILE B 392 10.21 22.09 38.77
C ILE B 392 10.56 21.53 40.16
N ASP B 393 10.17 20.29 40.41
CA ASP B 393 10.59 19.56 41.58
C ASP B 393 11.74 18.67 41.12
N ARG B 394 12.96 19.09 41.43
CA ARG B 394 14.18 18.42 40.99
C ARG B 394 14.14 16.90 41.21
N PRO B 395 13.81 16.43 42.43
CA PRO B 395 13.76 14.97 42.67
C PRO B 395 12.77 14.22 41.78
N SER B 396 11.77 14.94 41.27
CA SER B 396 10.83 14.37 40.30
C SER B 396 11.21 14.68 38.85
N ALA B 397 12.42 15.18 38.64
CA ALA B 397 12.84 15.53 37.28
C ALA B 397 14.09 14.75 36.94
N PRO B 398 14.00 13.42 36.88
CA PRO B 398 15.22 12.69 36.56
C PRO B 398 15.67 12.99 35.14
N ALA B 399 16.98 13.07 34.93
CA ALA B 399 17.50 13.27 33.59
C ALA B 399 17.11 12.05 32.80
N VAL B 400 16.64 12.24 31.58
CA VAL B 400 16.31 11.12 30.72
C VAL B 400 17.05 11.32 29.42
N ALA B 401 17.60 10.22 28.87
CA ALA B 401 18.25 10.23 27.57
C ALA B 401 17.17 10.47 26.53
N MET B 402 17.17 11.64 25.90
CA MET B 402 16.11 11.99 24.94
C MET B 402 16.04 11.06 23.74
N VAL B 403 17.20 10.60 23.29
CA VAL B 403 17.28 9.64 22.19
C VAL B 403 16.99 8.25 22.74
N LEU B 404 15.86 7.68 22.31
CA LEU B 404 15.45 6.32 22.72
C LEU B 404 16.30 5.22 22.07
N PRO B 405 16.20 3.98 22.58
CA PRO B 405 16.75 2.82 21.88
C PRO B 405 15.96 2.40 20.63
N LYS B 406 16.36 1.25 20.07
CA LYS B 406 15.76 0.63 18.85
C LYS B 406 16.24 1.35 17.62
N ARG C 12 -21.60 4.58 -39.48
CA ARG C 12 -20.75 5.58 -40.19
C ARG C 12 -19.89 4.89 -41.27
N ASP C 13 -19.79 5.55 -42.43
CA ASP C 13 -18.91 5.10 -43.52
C ASP C 13 -18.01 6.26 -43.99
N TRP C 14 -16.69 6.03 -43.95
CA TRP C 14 -15.72 7.08 -44.20
C TRP C 14 -14.90 6.80 -45.45
N GLN C 15 -14.60 7.87 -46.18
CA GLN C 15 -13.77 7.80 -47.36
C GLN C 15 -12.63 8.82 -47.27
N LEU C 16 -11.40 8.32 -47.34
CA LEU C 16 -10.22 9.15 -47.36
C LEU C 16 -10.06 9.74 -48.75
N GLU C 17 -9.94 11.06 -48.81
CA GLU C 17 -9.92 11.75 -50.09
C GLU C 17 -8.51 12.19 -50.48
N LYS C 18 -7.75 12.73 -49.53
CA LYS C 18 -6.45 13.28 -49.83
C LYS C 18 -5.54 13.18 -48.62
N VAL C 19 -4.31 12.75 -48.85
CA VAL C 19 -3.30 12.76 -47.83
C VAL C 19 -2.23 13.79 -48.18
N VAL C 20 -1.91 14.65 -47.23
CA VAL C 20 -0.74 15.52 -47.37
C VAL C 20 0.20 15.11 -46.24
N GLU C 21 1.45 14.84 -46.60
CA GLU C 21 2.41 14.29 -45.66
C GLU C 21 3.75 15.02 -45.74
N LEU C 22 4.26 15.47 -44.61
CA LEU C 22 5.59 16.04 -44.54
C LEU C 22 6.43 15.06 -43.75
N SER C 23 7.44 14.51 -44.42
CA SER C 23 8.31 13.49 -43.86
C SER C 23 9.72 14.01 -43.62
N ARG C 24 10.32 13.60 -42.51
CA ARG C 24 11.72 13.83 -42.28
C ARG C 24 12.53 12.87 -43.14
N ALA C 25 13.73 13.29 -43.49
CA ALA C 25 14.75 12.39 -44.06
C ALA C 25 14.89 11.15 -43.16
N GLY C 26 15.36 10.07 -43.76
CA GLY C 26 15.70 8.86 -43.02
C GLY C 26 17.03 9.02 -42.31
N ILE C 27 17.50 7.95 -41.67
CA ILE C 27 18.67 8.00 -40.84
C ILE C 27 19.88 8.47 -41.63
N ARG C 28 20.58 9.47 -41.11
CA ARG C 28 21.84 9.91 -41.68
C ARG C 28 22.98 9.88 -40.64
N PRO C 29 24.25 9.91 -41.12
CA PRO C 29 25.30 10.23 -40.19
C PRO C 29 25.18 11.69 -39.80
N PRO C 30 26.01 12.15 -38.86
CA PRO C 30 26.05 13.58 -38.61
C PRO C 30 26.28 14.32 -39.94
N THR C 31 25.75 15.54 -40.06
CA THR C 31 26.07 16.40 -41.19
C THR C 31 27.55 16.79 -41.14
N ALA C 32 28.08 17.36 -42.22
CA ALA C 32 29.47 17.81 -42.24
C ALA C 32 29.68 18.84 -41.13
N GLY C 33 28.67 19.70 -40.92
CA GLY C 33 28.70 20.73 -39.89
C GLY C 33 28.58 20.17 -38.48
N ASN C 34 27.72 19.17 -38.34
CA ASN C 34 27.59 18.47 -37.06
C ASN C 34 28.96 17.91 -36.63
N ARG C 35 29.64 17.21 -37.52
CA ARG C 35 30.91 16.56 -37.19
C ARG C 35 31.94 17.57 -36.68
N GLU C 36 32.13 18.64 -37.43
CA GLU C 36 33.02 19.71 -37.01
C GLU C 36 32.67 20.11 -35.57
N ALA C 37 31.40 20.42 -35.34
CA ALA C 37 30.94 20.89 -34.03
C ALA C 37 31.10 19.87 -32.92
N ILE C 38 30.70 18.62 -33.14
CA ILE C 38 30.69 17.64 -32.06
C ILE C 38 32.09 17.06 -31.77
N GLU C 39 32.98 17.07 -32.76
CA GLU C 39 34.36 16.60 -32.56
C GLU C 39 35.20 17.65 -31.82
N ALA C 40 34.98 18.93 -32.10
CA ALA C 40 35.60 20.02 -31.34
C ALA C 40 35.02 20.09 -29.92
N ALA C 41 33.71 19.93 -29.79
CA ALA C 41 33.05 19.95 -28.49
C ALA C 41 33.59 18.86 -27.53
N THR C 42 33.94 17.69 -28.08
CA THR C 42 34.43 16.57 -27.28
C THR C 42 35.93 16.32 -27.46
N GLY C 43 36.57 17.08 -28.34
CA GLY C 43 38.02 16.95 -28.59
C GLY C 43 38.44 15.53 -28.89
N ARG C 44 37.63 14.83 -29.67
CA ARG C 44 37.92 13.48 -30.09
C ARG C 44 37.22 13.23 -31.43
N PRO C 45 37.82 12.40 -32.28
CA PRO C 45 37.09 12.02 -33.49
C PRO C 45 35.93 11.12 -33.13
N TRP C 46 34.83 11.28 -33.87
CA TRP C 46 33.65 10.42 -33.77
C TRP C 46 33.67 9.49 -34.97
N THR C 47 32.85 8.46 -34.91
CA THR C 47 32.83 7.42 -35.95
C THR C 47 32.47 7.96 -37.33
N GLU C 48 33.28 7.61 -38.33
CA GLU C 48 32.93 7.79 -39.73
C GLU C 48 32.08 6.60 -40.14
N TRP C 49 30.85 6.84 -40.58
CA TRP C 49 29.98 5.72 -40.92
C TRP C 49 30.40 5.23 -42.31
N THR C 50 29.71 4.23 -42.83
CA THR C 50 29.99 3.78 -44.18
C THR C 50 29.32 4.74 -45.20
N THR C 51 28.37 5.53 -44.72
CA THR C 51 27.66 6.51 -45.54
C THR C 51 28.30 7.87 -45.33
N HIS C 52 28.53 8.59 -46.42
CA HIS C 52 29.09 9.94 -46.34
C HIS C 52 28.25 10.79 -45.43
N ASP C 53 28.90 11.67 -44.67
CA ASP C 53 28.22 12.57 -43.74
C ASP C 53 27.01 13.22 -44.41
N GLY C 54 25.88 13.24 -43.72
CA GLY C 54 24.70 13.97 -44.19
C GLY C 54 23.88 13.27 -45.26
N GLU C 55 24.33 12.11 -45.73
CA GLU C 55 23.58 11.38 -46.73
C GLU C 55 22.73 10.32 -46.07
N LEU C 56 21.79 9.75 -46.82
CA LEU C 56 20.90 8.73 -46.28
C LEU C 56 21.66 7.42 -46.24
N THR C 57 21.70 6.79 -45.08
CA THR C 57 22.37 5.51 -44.96
C THR C 57 21.48 4.44 -45.59
N GLY C 58 22.08 3.35 -46.05
CA GLY C 58 21.31 2.20 -46.50
C GLY C 58 20.33 1.74 -45.42
N HIS C 59 20.81 1.62 -44.19
CA HIS C 59 19.94 1.23 -43.09
C HIS C 59 18.74 2.15 -43.05
N GLY C 60 19.01 3.46 -43.17
CA GLY C 60 17.95 4.46 -43.18
C GLY C 60 16.98 4.27 -44.33
N TYR C 61 17.52 3.92 -45.49
CA TYR C 61 16.71 3.58 -46.67
C TYR C 61 15.84 2.35 -46.39
N ALA C 62 16.45 1.27 -45.94
CA ALA C 62 15.70 0.08 -45.56
C ALA C 62 14.60 0.44 -44.56
N ALA C 63 14.91 1.30 -43.60
CA ALA C 63 13.90 1.73 -42.62
C ALA C 63 12.76 2.47 -43.32
N VAL C 64 13.09 3.48 -44.15
CA VAL C 64 12.08 4.29 -44.80
C VAL C 64 11.25 3.43 -45.76
N VAL C 65 11.90 2.46 -46.43
CA VAL C 65 11.16 1.54 -47.28
C VAL C 65 10.13 0.77 -46.46
N ASN C 66 10.53 0.24 -45.33
CA ASN C 66 9.59 -0.49 -44.49
C ASN C 66 8.32 0.30 -44.22
N LYS C 67 8.48 1.61 -43.99
CA LYS C 67 7.37 2.47 -43.61
C LYS C 67 6.50 2.71 -44.83
N GLY C 68 7.16 3.00 -45.94
CA GLY C 68 6.49 3.22 -47.23
C GLY C 68 5.67 2.02 -47.65
N ARG C 69 6.30 0.85 -47.59
CA ARG C 69 5.60 -0.40 -47.83
C ARG C 69 4.29 -0.45 -47.08
N GLU C 70 4.31 -0.20 -45.77
CA GLU C 70 3.09 -0.29 -44.96
C GLU C 70 2.12 0.81 -45.37
N GLU C 71 2.66 2.02 -45.53
CA GLU C 71 1.86 3.17 -45.93
C GLU C 71 1.10 2.96 -47.26
N GLY C 72 1.79 2.42 -48.25
CA GLY C 72 1.15 2.14 -49.54
C GLY C 72 0.07 1.08 -49.42
N GLN C 73 0.31 0.07 -48.61
CA GLN C 73 -0.68 -0.97 -48.39
C GLN C 73 -1.86 -0.34 -47.69
N HIS C 74 -1.57 0.46 -46.68
CA HIS C 74 -2.62 1.11 -45.88
C HIS C 74 -3.55 1.94 -46.76
N TYR C 75 -2.96 2.81 -47.58
CA TYR C 75 -3.75 3.71 -48.39
C TYR C 75 -4.44 3.05 -49.57
N ARG C 76 -3.99 1.85 -49.95
CA ARG C 76 -4.71 1.03 -50.92
C ARG C 76 -5.90 0.33 -50.28
N GLN C 77 -5.71 -0.09 -49.03
CA GLN C 77 -6.76 -0.76 -48.27
C GLN C 77 -7.90 0.22 -48.06
N LEU C 78 -7.57 1.47 -47.75
CA LEU C 78 -8.59 2.51 -47.55
C LEU C 78 -9.19 3.07 -48.85
N GLY C 79 -8.66 2.65 -49.99
CA GLY C 79 -9.19 3.10 -51.28
C GLY C 79 -8.70 4.45 -51.76
N LEU C 80 -7.74 5.06 -51.07
CA LEU C 80 -7.14 6.31 -51.55
C LEU C 80 -6.36 6.06 -52.83
N LEU C 81 -5.54 5.03 -52.81
CA LEU C 81 -4.72 4.68 -53.95
C LEU C 81 -5.34 3.49 -54.64
N GLN C 82 -5.23 3.43 -55.95
CA GLN C 82 -5.69 2.26 -56.68
C GLN C 82 -4.60 1.18 -56.65
N ALA C 83 -4.94 -0.02 -57.10
CA ALA C 83 -3.95 -1.11 -57.15
C ALA C 83 -2.81 -0.75 -58.10
N GLY C 84 -1.69 -1.43 -57.96
CA GLY C 84 -0.56 -1.26 -58.87
C GLY C 84 0.14 0.09 -58.83
N CYS C 85 0.68 0.50 -59.98
CA CYS C 85 1.54 1.69 -60.06
C CYS C 85 0.79 2.99 -60.18
N PRO C 86 1.28 4.00 -59.49
CA PRO C 86 0.57 5.28 -59.42
C PRO C 86 0.67 6.03 -60.73
N THR C 87 -0.36 6.81 -61.04
CA THR C 87 -0.33 7.75 -62.17
C THR C 87 0.11 9.08 -61.58
N ALA C 88 0.11 10.14 -62.39
CA ALA C 88 0.49 11.47 -61.89
C ALA C 88 -0.60 12.03 -60.97
N GLU C 89 -1.79 11.41 -61.02
CA GLU C 89 -2.92 11.77 -60.16
C GLU C 89 -2.96 11.01 -58.81
N SER C 90 -2.18 9.95 -58.67
CA SER C 90 -2.20 9.18 -57.43
C SER C 90 -1.31 9.84 -56.39
N ILE C 91 -0.07 10.12 -56.78
CA ILE C 91 0.90 10.71 -55.87
C ILE C 91 1.72 11.79 -56.59
N TYR C 92 2.18 12.77 -55.83
CA TYR C 92 3.22 13.69 -56.29
C TYR C 92 4.19 13.87 -55.13
N VAL C 93 5.45 13.52 -55.35
CA VAL C 93 6.46 13.62 -54.32
C VAL C 93 7.39 14.80 -54.60
N ARG C 94 7.52 15.68 -53.61
CA ARG C 94 8.45 16.79 -53.69
C ARG C 94 9.45 16.73 -52.54
N ALA C 95 10.73 16.59 -52.87
CA ALA C 95 11.80 16.41 -51.88
C ALA C 95 12.72 17.61 -51.89
N SER C 96 13.09 18.07 -50.68
CA SER C 96 14.20 18.98 -50.51
C SER C 96 15.36 18.43 -51.35
N PRO C 97 16.11 19.31 -52.03
CA PRO C 97 17.11 18.87 -53.00
C PRO C 97 18.36 18.17 -52.46
N LEU C 98 18.56 18.14 -51.14
CA LEU C 98 19.70 17.43 -50.57
C LEU C 98 19.57 15.94 -50.85
N GLN C 99 20.72 15.28 -50.94
CA GLN C 99 20.75 13.85 -51.27
C GLN C 99 19.84 13.04 -50.34
N ARG C 100 19.99 13.22 -49.03
CA ARG C 100 19.26 12.40 -48.07
C ARG C 100 17.76 12.55 -48.17
N THR C 101 17.27 13.71 -48.61
CA THR C 101 15.81 13.89 -48.71
C THR C 101 15.30 13.36 -50.03
N ARG C 102 16.11 13.47 -51.08
CA ARG C 102 15.77 12.83 -52.35
C ARG C 102 15.71 11.33 -52.20
N ALA C 103 16.75 10.77 -51.58
CA ALA C 103 16.91 9.34 -51.43
C ALA C 103 15.78 8.78 -50.56
N THR C 104 15.44 9.54 -49.51
CA THR C 104 14.31 9.22 -48.63
C THR C 104 12.96 9.23 -49.38
N ALA C 105 12.76 10.24 -50.22
CA ALA C 105 11.58 10.26 -51.10
C ALA C 105 11.59 9.04 -52.04
N GLN C 106 12.74 8.73 -52.62
CA GLN C 106 12.88 7.52 -53.42
C GLN C 106 12.57 6.26 -52.59
N ALA C 107 12.99 6.26 -51.33
CA ALA C 107 12.75 5.12 -50.44
C ALA C 107 11.26 4.90 -50.19
N LEU C 108 10.54 5.96 -49.86
CA LEU C 108 9.09 5.83 -49.57
C LEU C 108 8.30 5.22 -50.74
N VAL C 109 8.51 5.76 -51.94
CA VAL C 109 7.77 5.29 -53.13
C VAL C 109 8.27 3.94 -53.62
N ASP C 110 9.50 3.59 -53.24
CA ASP C 110 10.07 2.28 -53.53
C ASP C 110 9.31 1.24 -52.70
N GLY C 111 9.05 1.57 -51.44
CA GLY C 111 8.27 0.71 -50.57
C GLY C 111 6.80 0.74 -50.89
N ALA C 112 6.28 1.96 -51.11
CA ALA C 112 4.85 2.17 -51.33
C ALA C 112 4.40 1.64 -52.67
N PHE C 113 5.29 1.56 -53.63
CA PHE C 113 4.91 1.12 -54.97
C PHE C 113 5.98 0.19 -55.52
N PRO C 114 6.01 -1.06 -55.03
CA PRO C 114 7.04 -2.02 -55.39
C PRO C 114 7.29 -2.10 -56.89
N GLY C 115 8.52 -1.81 -57.29
CA GLY C 115 8.97 -2.03 -58.66
C GLY C 115 8.43 -1.05 -59.68
N CYS C 116 7.76 0.02 -59.22
CA CYS C 116 7.04 0.93 -60.11
C CYS C 116 7.89 2.07 -60.68
N GLY C 117 9.16 2.14 -60.31
CA GLY C 117 10.05 3.16 -60.85
C GLY C 117 9.46 4.56 -60.73
N VAL C 118 8.88 4.84 -59.56
CA VAL C 118 8.20 6.11 -59.32
C VAL C 118 9.22 7.21 -59.06
N ALA C 119 9.22 8.22 -59.94
CA ALA C 119 10.15 9.33 -59.80
C ALA C 119 9.68 10.29 -58.71
N ILE C 120 10.64 10.84 -57.98
CA ILE C 120 10.39 11.92 -57.04
C ILE C 120 10.83 13.24 -57.71
N HIS C 121 10.40 14.38 -57.18
CA HIS C 121 10.73 15.67 -57.78
C HIS C 121 11.44 16.60 -56.79
N TYR C 122 12.36 17.42 -57.29
CA TYR C 122 13.08 18.33 -56.42
C TYR C 122 13.53 19.53 -57.22
N ALA C 123 13.69 20.66 -56.56
CA ALA C 123 14.16 21.88 -57.21
C ALA C 123 15.50 21.62 -57.90
N ASN C 124 15.69 22.22 -59.07
CA ASN C 124 16.94 22.08 -59.83
C ASN C 124 18.11 22.80 -59.14
N GLY C 125 17.81 23.78 -58.29
CA GLY C 125 18.85 24.52 -57.57
C GLY C 125 19.18 23.91 -56.21
N ASP C 126 19.86 24.69 -55.39
CA ASP C 126 20.15 24.33 -53.99
C ASP C 126 19.01 24.70 -53.04
N ALA C 127 18.09 25.54 -53.50
CA ALA C 127 17.05 26.12 -52.64
C ALA C 127 15.65 25.83 -53.15
N ASP C 128 14.87 25.14 -52.33
CA ASP C 128 13.45 24.97 -52.56
C ASP C 128 12.72 25.91 -51.58
N PRO C 129 11.83 26.77 -52.08
CA PRO C 129 11.19 27.77 -51.22
C PRO C 129 10.22 27.24 -50.15
N LEU C 130 9.80 25.98 -50.25
CA LEU C 130 9.06 25.36 -49.16
C LEU C 130 9.97 24.94 -47.99
N PHE C 131 11.26 24.76 -48.25
CA PHE C 131 12.14 24.07 -47.29
C PHE C 131 13.35 24.89 -46.88
N GLN C 132 14.16 25.30 -47.85
CA GLN C 132 15.33 26.14 -47.58
C GLN C 132 14.88 27.61 -47.56
N THR C 133 13.95 27.88 -46.64
CA THR C 133 13.21 29.13 -46.60
C THR C 133 14.06 30.32 -46.17
N ASP C 134 15.22 30.06 -45.56
CA ASP C 134 16.17 31.14 -45.25
C ASP C 134 16.88 31.66 -46.50
N LYS C 135 16.70 31.01 -47.64
CA LYS C 135 17.31 31.47 -48.90
C LYS C 135 16.40 32.38 -49.71
N PHE C 136 15.25 32.77 -49.14
CA PHE C 136 14.27 33.60 -49.88
C PHE C 136 13.83 34.78 -49.01
N ALA C 137 13.83 35.97 -49.61
CA ALA C 137 13.59 37.22 -48.88
C ALA C 137 12.34 37.16 -48.01
N ALA C 138 11.22 36.78 -48.59
CA ALA C 138 9.95 36.79 -47.85
C ALA C 138 9.90 35.84 -46.65
N THR C 139 10.68 34.78 -46.69
CA THR C 139 10.59 33.73 -45.68
C THR C 139 11.85 33.71 -44.79
N GLN C 140 12.56 34.84 -44.72
CA GLN C 140 13.75 34.97 -43.86
C GLN C 140 13.37 35.61 -42.54
N THR C 141 14.15 35.30 -41.50
CA THR C 141 14.01 36.00 -40.23
C THR C 141 14.89 37.25 -40.23
N ASP C 142 14.43 38.25 -39.50
CA ASP C 142 15.23 39.44 -39.23
C ASP C 142 16.08 39.16 -38.02
N PRO C 143 17.41 39.30 -38.15
CA PRO C 143 18.34 39.19 -37.03
C PRO C 143 17.86 39.82 -35.74
N ALA C 144 17.49 41.09 -35.75
CA ALA C 144 17.07 41.75 -34.49
C ALA C 144 15.88 41.01 -33.88
N ARG C 145 14.87 40.73 -34.69
CA ARG C 145 13.65 40.07 -34.22
C ARG C 145 13.92 38.66 -33.70
N GLN C 146 14.76 37.93 -34.43
CA GLN C 146 15.20 36.58 -34.04
C GLN C 146 15.82 36.64 -32.64
N LEU C 147 16.92 37.38 -32.50
CA LEU C 147 17.60 37.53 -31.22
C LEU C 147 16.64 37.80 -30.06
N ALA C 148 15.69 38.70 -30.28
CA ALA C 148 14.74 39.10 -29.24
C ALA C 148 13.80 37.95 -28.90
N ALA C 149 13.29 37.25 -29.92
CA ALA C 149 12.35 36.15 -29.70
C ALA C 149 13.01 34.94 -29.00
N VAL C 150 14.23 34.60 -29.39
CA VAL C 150 14.97 33.54 -28.71
C VAL C 150 15.27 33.93 -27.26
N LYS C 151 15.82 35.12 -27.07
CA LYS C 151 16.08 35.65 -25.71
C LYS C 151 14.84 35.58 -24.82
N GLU C 152 13.73 36.05 -25.36
CA GLU C 152 12.49 36.13 -24.62
C GLU C 152 11.94 34.75 -24.26
N LYS C 153 12.03 33.80 -25.18
CA LYS C 153 11.59 32.43 -24.87
C LYS C 153 12.57 31.72 -23.94
N ALA C 154 13.86 31.98 -24.11
CA ALA C 154 14.90 31.31 -23.31
C ALA C 154 14.86 31.71 -21.85
N GLY C 155 14.59 32.99 -21.56
CA GLY C 155 14.59 33.47 -20.18
C GLY C 155 15.95 33.26 -19.57
N ASP C 156 15.99 32.81 -18.33
CA ASP C 156 17.22 32.53 -17.61
C ASP C 156 17.86 31.22 -18.11
N LEU C 157 18.92 31.33 -18.90
CA LEU C 157 19.63 30.16 -19.43
C LEU C 157 20.45 29.42 -18.37
N ALA C 158 20.96 30.14 -17.38
CA ALA C 158 21.61 29.48 -16.23
C ALA C 158 20.67 28.45 -15.59
N GLN C 159 19.41 28.84 -15.42
CA GLN C 159 18.42 28.01 -14.77
C GLN C 159 17.90 26.87 -15.66
N ARG C 160 17.90 27.08 -16.97
CA ARG C 160 17.56 26.00 -17.90
C ARG C 160 18.65 24.92 -17.85
N ARG C 161 19.89 25.36 -17.88
CA ARG C 161 21.05 24.47 -17.84
C ARG C 161 21.07 23.68 -16.56
N GLN C 162 20.91 24.37 -15.43
CA GLN C 162 20.85 23.71 -14.14
C GLN C 162 19.76 22.64 -14.09
N ALA C 163 18.57 22.96 -14.61
CA ALA C 163 17.45 22.03 -14.63
C ALA C 163 17.76 20.80 -15.49
N LEU C 164 18.59 20.97 -16.52
CA LEU C 164 19.02 19.87 -17.38
C LEU C 164 20.40 19.27 -16.99
N ALA C 165 20.91 19.57 -15.79
CA ALA C 165 22.23 19.08 -15.36
C ALA C 165 22.32 17.55 -15.33
N PRO C 166 21.28 16.87 -14.80
CA PRO C 166 21.30 15.41 -14.83
C PRO C 166 21.51 14.87 -16.24
N THR C 167 20.78 15.45 -17.21
CA THR C 167 20.84 15.00 -18.60
C THR C 167 22.18 15.37 -19.20
N ILE C 168 22.63 16.60 -18.95
CA ILE C 168 23.95 17.03 -19.40
C ILE C 168 25.00 16.03 -18.88
N GLN C 169 24.84 15.63 -17.63
CA GLN C 169 25.76 14.70 -17.00
C GLN C 169 25.71 13.33 -17.68
N LEU C 170 24.52 12.81 -17.98
CA LEU C 170 24.39 11.53 -18.71
C LEU C 170 25.11 11.56 -20.08
N LEU C 171 25.12 12.74 -20.70
CA LEU C 171 25.75 12.90 -22.02
C LEU C 171 27.25 13.00 -21.89
N LYS C 172 27.71 13.74 -20.89
CA LYS C 172 29.14 13.87 -20.62
C LYS C 172 29.76 12.47 -20.46
N GLN C 173 29.12 11.62 -19.67
CA GLN C 173 29.58 10.22 -19.46
C GLN C 173 29.64 9.44 -20.75
N ALA C 174 28.69 9.68 -21.64
CA ALA C 174 28.66 8.98 -22.91
C ALA C 174 29.80 9.40 -23.81
N VAL C 175 30.00 10.70 -23.96
CA VAL C 175 30.81 11.23 -25.05
C VAL C 175 32.19 11.80 -24.67
N CYS C 176 32.41 12.16 -23.41
CA CYS C 176 33.76 12.59 -22.97
C CYS C 176 34.64 11.41 -22.63
N GLN C 177 35.92 11.52 -22.97
CA GLN C 177 36.89 10.53 -22.51
C GLN C 177 37.45 10.98 -21.15
N ALA C 178 37.44 10.07 -20.19
CA ALA C 178 37.85 10.35 -18.80
C ALA C 178 39.23 11.02 -18.73
N ASP C 179 39.31 12.10 -17.97
CA ASP C 179 40.55 12.88 -17.79
C ASP C 179 41.18 13.49 -19.07
N LYS C 180 40.36 13.63 -20.12
CA LYS C 180 40.72 14.42 -21.28
C LYS C 180 39.73 15.60 -21.25
N PRO C 181 40.21 16.83 -21.54
CA PRO C 181 39.31 17.99 -21.47
C PRO C 181 38.10 17.86 -22.39
N CYS C 182 36.97 18.41 -21.95
CA CYS C 182 35.69 18.28 -22.65
C CYS C 182 34.98 19.64 -22.68
N PRO C 183 35.43 20.53 -23.58
CA PRO C 183 35.17 21.98 -23.48
C PRO C 183 33.70 22.42 -23.40
N ILE C 184 32.85 21.85 -24.25
CA ILE C 184 31.44 22.24 -24.37
C ILE C 184 30.63 22.12 -23.05
N PHE C 185 31.03 21.23 -22.16
CA PHE C 185 30.34 21.04 -20.89
C PHE C 185 30.72 22.09 -19.84
N ASP C 186 31.76 22.87 -20.14
CA ASP C 186 32.22 23.94 -19.27
C ASP C 186 31.72 25.32 -19.72
N THR C 187 31.17 25.40 -20.94
CA THR C 187 30.69 26.67 -21.48
C THR C 187 29.28 26.99 -20.95
N PRO C 188 29.04 28.23 -20.52
CA PRO C 188 27.68 28.58 -20.11
C PRO C 188 26.80 28.84 -21.31
N TRP C 189 25.48 28.91 -21.11
CA TRP C 189 24.54 29.00 -22.21
C TRP C 189 24.13 30.44 -22.52
N ARG C 190 24.56 30.93 -23.67
CA ARG C 190 24.24 32.28 -24.12
C ARG C 190 23.57 32.23 -25.46
N VAL C 191 22.67 33.17 -25.72
CA VAL C 191 22.12 33.33 -27.06
C VAL C 191 23.23 33.92 -27.89
N GLU C 192 23.56 33.28 -29.00
CA GLU C 192 24.61 33.78 -29.88
C GLU C 192 24.05 33.95 -31.28
N GLN C 193 24.62 34.90 -32.01
CA GLN C 193 24.17 35.18 -33.35
C GLN C 193 25.35 35.19 -34.29
N SER C 194 25.22 34.43 -35.38
CA SER C 194 26.22 34.42 -36.43
C SER C 194 26.07 35.66 -37.30
N LYS C 195 27.07 35.93 -38.13
CA LYS C 195 27.04 37.06 -39.05
C LYS C 195 25.82 36.97 -40.00
N SER C 196 25.47 35.76 -40.44
CA SER C 196 24.28 35.52 -41.26
C SER C 196 22.97 35.68 -40.46
N GLY C 197 23.08 35.96 -39.16
CA GLY C 197 21.91 36.22 -38.32
C GLY C 197 21.28 34.99 -37.68
N LYS C 198 21.90 33.83 -37.85
CA LYS C 198 21.40 32.61 -37.20
C LYS C 198 21.61 32.71 -35.69
N THR C 199 20.59 32.32 -34.91
CA THR C 199 20.73 32.27 -33.45
C THR C 199 20.89 30.83 -32.97
N THR C 200 21.86 30.63 -32.11
CA THR C 200 22.12 29.33 -31.49
C THR C 200 22.24 29.58 -30.00
N ILE C 201 22.14 28.53 -29.19
CA ILE C 201 22.46 28.63 -27.77
C ILE C 201 23.81 27.95 -27.57
N SER C 202 24.77 28.68 -27.00
CA SER C 202 26.10 28.14 -26.77
C SER C 202 25.99 26.97 -25.81
N GLY C 203 26.71 25.88 -26.12
CA GLY C 203 26.68 24.69 -25.30
C GLY C 203 25.49 23.80 -25.64
N LEU C 204 24.28 24.30 -25.37
CA LEU C 204 23.06 23.54 -25.64
C LEU C 204 23.01 23.07 -27.08
N SER C 205 23.28 23.97 -28.02
CA SER C 205 23.11 23.67 -29.44
C SER C 205 24.00 22.54 -29.91
N VAL C 206 25.29 22.64 -29.63
CA VAL C 206 26.21 21.58 -30.00
C VAL C 206 25.94 20.30 -29.19
N MET C 207 25.40 20.43 -27.97
CA MET C 207 24.96 19.25 -27.22
C MET C 207 23.79 18.56 -27.91
N ALA C 208 22.83 19.34 -28.39
CA ALA C 208 21.68 18.80 -29.12
C ALA C 208 22.11 18.11 -30.42
N ASN C 209 23.13 18.66 -31.08
CA ASN C 209 23.77 18.02 -32.23
C ASN C 209 24.34 16.65 -31.86
N MET C 210 24.99 16.59 -30.70
CA MET C 210 25.54 15.34 -30.20
C MET C 210 24.43 14.33 -29.93
N VAL C 211 23.37 14.76 -29.24
CA VAL C 211 22.24 13.88 -28.94
C VAL C 211 21.53 13.37 -30.22
N GLU C 212 21.37 14.21 -31.22
CA GLU C 212 20.82 13.78 -32.49
C GLU C 212 21.73 12.73 -33.14
N THR C 213 23.04 12.98 -33.14
CA THR C 213 24.00 12.03 -33.69
C THR C 213 23.93 10.71 -32.97
N LEU C 214 23.91 10.76 -31.63
CA LEU C 214 23.77 9.53 -30.85
C LEU C 214 22.47 8.82 -31.17
N ARG C 215 21.37 9.57 -31.27
CA ARG C 215 20.10 8.94 -31.57
C ARG C 215 20.13 8.29 -32.95
N LEU C 216 20.76 8.96 -33.91
CA LEU C 216 20.83 8.42 -35.27
C LEU C 216 21.67 7.14 -35.29
N GLY C 217 22.87 7.20 -34.71
CA GLY C 217 23.76 6.04 -34.58
C GLY C 217 23.10 4.84 -33.93
N TRP C 218 22.27 5.07 -32.92
CA TRP C 218 21.44 4.03 -32.36
C TRP C 218 20.47 3.48 -33.42
N SER C 219 19.67 4.36 -34.02
CA SER C 219 18.65 3.94 -34.98
C SER C 219 19.27 3.26 -36.19
N GLU C 220 20.51 3.65 -36.49
CA GLU C 220 21.28 3.12 -37.59
C GLU C 220 21.74 1.68 -37.39
N ASN C 221 21.62 1.17 -36.18
CA ASN C 221 22.26 -0.08 -35.79
C ASN C 221 23.77 -0.07 -35.96
N LEU C 222 24.43 1.05 -35.69
CA LEU C 222 25.89 1.04 -35.54
C LEU C 222 26.26 0.07 -34.42
N PRO C 223 27.42 -0.60 -34.54
CA PRO C 223 27.91 -1.30 -33.35
C PRO C 223 28.03 -0.37 -32.14
N LEU C 224 27.85 -0.92 -30.95
CA LEU C 224 27.88 -0.15 -29.72
C LEU C 224 29.24 0.54 -29.51
N SER C 225 30.30 -0.13 -29.97
CA SER C 225 31.64 0.44 -29.89
C SER C 225 31.84 1.69 -30.74
N GLN C 226 31.06 1.84 -31.79
CA GLN C 226 31.24 2.96 -32.73
C GLN C 226 30.22 4.06 -32.47
N LEU C 227 29.32 3.81 -31.52
CA LEU C 227 28.18 4.69 -31.28
C LEU C 227 28.55 5.70 -30.21
N ALA C 228 28.82 5.22 -29.00
CA ALA C 228 29.27 6.07 -27.92
C ALA C 228 30.40 5.38 -27.19
N TRP C 229 31.37 4.88 -27.95
CA TRP C 229 32.52 4.16 -27.39
C TRP C 229 32.10 3.12 -26.34
N GLY C 230 31.02 2.39 -26.64
CA GLY C 230 30.49 1.35 -25.75
C GLY C 230 29.61 1.81 -24.60
N LYS C 231 29.51 3.11 -24.40
CA LYS C 231 28.84 3.67 -23.21
C LYS C 231 27.30 3.60 -23.27
N ILE C 232 26.74 3.63 -24.48
CA ILE C 232 25.29 3.52 -24.68
C ILE C 232 24.99 2.14 -25.26
N ALA C 233 24.22 1.33 -24.51
CA ALA C 233 23.90 -0.05 -24.90
C ALA C 233 22.40 -0.37 -24.93
N GLN C 234 21.54 0.53 -24.46
CA GLN C 234 20.09 0.33 -24.56
C GLN C 234 19.35 1.59 -24.96
N ALA C 235 18.19 1.39 -25.58
CA ALA C 235 17.41 2.48 -26.15
C ALA C 235 17.18 3.54 -25.09
N SER C 236 16.87 3.10 -23.87
CA SER C 236 16.51 4.00 -22.77
C SER C 236 17.60 5.03 -22.46
N GLN C 237 18.86 4.71 -22.76
CA GLN C 237 19.93 5.71 -22.62
C GLN C 237 19.88 6.85 -23.66
N ILE C 238 19.43 6.54 -24.87
CA ILE C 238 19.19 7.56 -25.90
C ILE C 238 17.98 8.41 -25.50
N THR C 239 16.91 7.75 -25.04
CA THR C 239 15.70 8.44 -24.57
C THR C 239 16.02 9.44 -23.42
N ALA C 240 17.03 9.14 -22.62
CA ALA C 240 17.40 9.98 -21.48
C ALA C 240 18.14 11.25 -21.88
N LEU C 241 18.76 11.24 -23.06
CA LEU C 241 19.49 12.40 -23.58
C LEU C 241 18.61 13.34 -24.40
N LEU C 242 17.44 12.86 -24.84
CA LEU C 242 16.60 13.64 -25.74
C LEU C 242 16.08 14.99 -25.17
N PRO C 243 15.89 15.11 -23.85
CA PRO C 243 15.51 16.42 -23.34
C PRO C 243 16.42 17.57 -23.78
N LEU C 244 17.72 17.31 -23.95
CA LEU C 244 18.61 18.33 -24.49
C LEU C 244 18.17 18.70 -25.90
N LEU C 245 17.89 17.69 -26.71
CA LEU C 245 17.43 17.90 -28.08
C LEU C 245 16.13 18.69 -28.13
N THR C 246 15.18 18.34 -27.29
CA THR C 246 13.92 19.08 -27.19
C THR C 246 14.20 20.53 -26.79
N GLU C 247 14.97 20.73 -25.74
CA GLU C 247 15.30 22.09 -25.27
C GLU C 247 15.79 22.97 -26.43
N ASN C 248 16.74 22.47 -27.20
CA ASN C 248 17.31 23.26 -28.26
C ASN C 248 16.27 23.57 -29.33
N TYR C 249 15.31 22.66 -29.51
CA TYR C 249 14.23 22.89 -30.47
C TYR C 249 13.32 24.00 -29.96
N ASP C 250 12.97 23.94 -28.68
CA ASP C 250 12.17 24.98 -28.04
C ASP C 250 12.79 26.37 -28.27
N LEU C 251 14.12 26.45 -28.19
CA LEU C 251 14.81 27.74 -28.29
C LEU C 251 15.37 28.00 -29.67
N SER C 252 14.88 27.29 -30.69
CA SER C 252 15.27 27.56 -32.08
C SER C 252 14.10 27.44 -33.07
N ASN C 253 13.87 26.25 -33.60
CA ASN C 253 12.86 26.04 -34.64
C ASN C 253 11.44 26.16 -34.13
N ASP C 254 11.22 25.93 -32.85
CA ASP C 254 9.89 26.02 -32.25
C ASP C 254 9.67 27.33 -31.49
N VAL C 255 10.57 28.29 -31.70
CA VAL C 255 10.33 29.69 -31.34
C VAL C 255 9.29 30.18 -32.36
N LEU C 256 8.12 30.58 -31.86
CA LEU C 256 6.98 30.94 -32.74
C LEU C 256 7.42 31.86 -33.89
N TYR C 257 8.02 33.00 -33.56
CA TYR C 257 8.45 33.96 -34.57
C TYR C 257 9.32 33.32 -35.70
N THR C 258 10.19 32.39 -35.32
CA THR C 258 11.09 31.74 -36.27
C THR C 258 10.29 30.77 -37.12
N ALA C 259 9.38 30.04 -36.47
CA ALA C 259 8.48 29.12 -37.17
C ALA C 259 7.61 29.90 -38.16
N GLN C 260 7.22 31.11 -37.78
CA GLN C 260 6.33 31.91 -38.60
C GLN C 260 7.02 32.44 -39.84
N LYS C 261 8.20 33.01 -39.68
CA LYS C 261 8.94 33.52 -40.81
C LYS C 261 9.38 32.41 -41.77
N ARG C 262 9.91 31.33 -41.23
CA ARG C 262 10.59 30.31 -42.05
C ARG C 262 9.77 29.05 -42.34
N GLY C 263 8.58 28.94 -41.74
CA GLY C 263 7.75 27.75 -41.86
C GLY C 263 6.34 28.01 -42.32
N SER C 264 5.90 29.28 -42.30
CA SER C 264 4.55 29.63 -42.74
C SER C 264 4.29 29.22 -44.19
N VAL C 265 5.31 29.33 -45.03
CA VAL C 265 5.17 28.97 -46.44
C VAL C 265 4.89 27.48 -46.61
N LEU C 266 5.49 26.66 -45.76
CA LEU C 266 5.31 25.22 -45.84
C LEU C 266 3.97 24.78 -45.28
N LEU C 267 3.62 25.27 -44.09
CA LEU C 267 2.32 24.95 -43.51
C LEU C 267 1.22 25.40 -44.45
N ASN C 268 1.37 26.59 -45.03
CA ASN C 268 0.35 27.14 -45.90
C ASN C 268 0.16 26.25 -47.12
N ALA C 269 1.28 25.81 -47.70
CA ALA C 269 1.26 24.91 -48.85
C ALA C 269 0.59 23.59 -48.50
N MET C 270 0.82 23.13 -47.28
CA MET C 270 0.27 21.86 -46.80
C MET C 270 -1.24 21.95 -46.62
N LEU C 271 -1.67 22.98 -45.88
CA LEU C 271 -3.10 23.23 -45.67
C LEU C 271 -3.82 23.42 -47.00
N ASP C 272 -3.23 24.21 -47.89
CA ASP C 272 -3.84 24.42 -49.21
C ASP C 272 -3.93 23.13 -49.97
N GLY C 273 -2.88 22.31 -49.87
CA GLY C 273 -2.84 21.00 -50.55
C GLY C 273 -3.87 19.98 -50.07
N VAL C 274 -4.38 20.16 -48.86
CA VAL C 274 -5.35 19.24 -48.30
C VAL C 274 -6.78 19.71 -48.59
N LYS C 275 -6.93 20.90 -49.14
CA LYS C 275 -8.25 21.41 -49.55
C LYS C 275 -8.69 20.77 -50.85
N PRO C 276 -10.03 20.62 -51.02
CA PRO C 276 -10.54 20.36 -52.36
C PRO C 276 -10.05 21.42 -53.35
N GLU C 277 -9.80 20.97 -54.59
CA GLU C 277 -9.32 21.83 -55.69
C GLU C 277 -7.90 22.31 -55.47
N ALA C 278 -7.18 21.58 -54.61
CA ALA C 278 -5.76 21.81 -54.42
C ALA C 278 -5.05 21.50 -55.72
N SER C 279 -3.93 22.16 -55.93
CA SER C 279 -3.11 21.92 -57.12
C SER C 279 -1.69 21.46 -56.69
N PRO C 280 -1.21 20.31 -57.21
CA PRO C 280 -1.88 19.47 -58.22
C PRO C 280 -3.01 18.63 -57.61
N ASN C 281 -3.85 18.11 -58.48
CA ASN C 281 -4.87 17.18 -58.08
C ASN C 281 -4.27 15.78 -57.98
N VAL C 282 -3.76 15.44 -56.80
CA VAL C 282 -3.26 14.10 -56.53
C VAL C 282 -3.97 13.55 -55.31
N ARG C 283 -4.03 12.23 -55.19
CA ARG C 283 -4.58 11.58 -54.01
C ARG C 283 -3.61 11.65 -52.82
N TRP C 284 -2.32 11.75 -53.09
CA TRP C 284 -1.30 11.78 -52.02
C TRP C 284 -0.14 12.71 -52.37
N LEU C 285 -0.09 13.85 -51.67
CA LEU C 285 1.03 14.79 -51.76
C LEU C 285 2.06 14.47 -50.68
N LEU C 286 3.25 14.03 -51.11
CA LEU C 286 4.33 13.66 -50.20
C LEU C 286 5.45 14.67 -50.28
N LEU C 287 5.70 15.35 -49.17
CA LEU C 287 6.78 16.33 -49.06
C LEU C 287 7.82 15.71 -48.16
N VAL C 288 9.09 15.78 -48.58
CA VAL C 288 10.16 15.14 -47.83
C VAL C 288 11.24 16.17 -47.56
N ALA C 289 11.36 16.57 -46.30
CA ALA C 289 12.26 17.63 -45.91
C ALA C 289 12.97 17.26 -44.61
N HIS C 290 13.11 18.22 -43.71
CA HIS C 290 14.03 18.07 -42.59
C HIS C 290 13.29 18.25 -41.28
N ASP C 291 13.93 17.82 -40.20
CA ASP C 291 13.35 17.99 -38.88
C ASP C 291 13.05 19.43 -38.61
N THR C 292 13.98 20.33 -38.98
CA THR C 292 13.79 21.76 -38.81
C THR C 292 12.43 22.20 -39.44
N ASN C 293 12.10 21.67 -40.61
CA ASN C 293 10.85 22.02 -41.28
C ASN C 293 9.62 21.48 -40.54
N ILE C 294 9.67 20.22 -40.14
CA ILE C 294 8.55 19.59 -39.46
C ILE C 294 8.30 20.32 -38.16
N ALA C 295 9.37 20.65 -37.45
CA ALA C 295 9.27 21.38 -36.18
C ALA C 295 8.58 22.73 -36.35
N MET C 296 8.91 23.42 -37.43
CA MET C 296 8.35 24.74 -37.63
C MET C 296 6.88 24.64 -37.98
N VAL C 297 6.51 23.63 -38.77
CA VAL C 297 5.10 23.43 -39.15
C VAL C 297 4.21 23.06 -37.95
N ARG C 298 4.68 22.14 -37.13
CA ARG C 298 3.92 21.70 -35.95
C ARG C 298 3.82 22.80 -34.88
N THR C 299 4.82 23.70 -34.82
CA THR C 299 4.73 24.87 -33.94
C THR C 299 3.68 25.89 -34.43
N LEU C 300 3.52 26.06 -35.73
CA LEU C 300 2.43 26.87 -36.25
C LEU C 300 1.06 26.20 -36.07
N MET C 301 1.03 24.87 -36.11
CA MET C 301 -0.18 24.12 -35.78
C MET C 301 -0.51 24.16 -34.28
N ASN C 302 0.47 24.53 -33.46
CA ASN C 302 0.36 24.40 -32.01
C ASN C 302 0.05 22.96 -31.61
N PHE C 303 0.80 22.07 -32.22
CA PHE C 303 0.62 20.63 -32.10
C PHE C 303 1.84 20.07 -31.41
N SER C 304 1.68 19.76 -30.13
CA SER C 304 2.73 19.10 -29.37
C SER C 304 2.40 17.62 -29.27
N TRP C 305 3.43 16.81 -29.41
CA TRP C 305 3.29 15.39 -29.23
C TRP C 305 4.43 14.87 -28.41
N GLN C 306 4.24 13.68 -27.86
CA GLN C 306 5.28 12.95 -27.14
C GLN C 306 5.03 11.45 -27.30
N LEU C 307 5.79 10.83 -28.19
CA LEU C 307 5.65 9.42 -28.48
C LEU C 307 6.48 8.58 -27.51
N PRO C 308 6.03 7.35 -27.21
CA PRO C 308 6.82 6.57 -26.24
C PRO C 308 8.28 6.38 -26.68
N GLY C 309 9.20 6.46 -25.72
CA GLY C 309 10.64 6.32 -25.98
C GLY C 309 11.30 7.59 -26.47
N TYR C 310 10.50 8.63 -26.65
CA TYR C 310 10.96 9.90 -27.18
C TYR C 310 10.51 11.03 -26.29
N SER C 311 11.38 12.02 -26.13
CA SER C 311 11.02 13.25 -25.44
C SER C 311 10.07 14.09 -26.30
N ARG C 312 9.51 15.13 -25.71
CA ARG C 312 8.45 15.91 -26.30
C ARG C 312 8.91 16.47 -27.64
N GLY C 313 8.02 16.45 -28.61
CA GLY C 313 8.28 17.02 -29.92
C GLY C 313 9.34 16.32 -30.76
N ASN C 314 9.93 15.26 -30.26
CA ASN C 314 11.03 14.63 -31.00
C ASN C 314 10.56 14.21 -32.40
N ILE C 315 11.40 14.48 -33.41
CA ILE C 315 11.12 14.13 -34.80
C ILE C 315 12.12 13.09 -35.30
N PRO C 316 11.77 11.79 -35.16
CA PRO C 316 12.69 10.74 -35.60
C PRO C 316 12.99 10.75 -37.07
N PRO C 317 14.10 10.12 -37.46
CA PRO C 317 14.37 9.94 -38.89
C PRO C 317 13.23 9.14 -39.54
N GLY C 318 12.75 9.63 -40.68
CA GLY C 318 11.70 8.94 -41.46
C GLY C 318 10.32 9.09 -40.86
N SER C 319 10.19 9.92 -39.83
CA SER C 319 8.88 10.21 -39.26
C SER C 319 8.12 11.15 -40.18
N SER C 320 6.82 11.27 -39.98
CA SER C 320 6.04 12.13 -40.83
C SER C 320 4.84 12.78 -40.14
N LEU C 321 4.53 13.99 -40.59
CA LEU C 321 3.38 14.76 -40.15
C LEU C 321 2.36 14.54 -41.27
N VAL C 322 1.14 14.16 -40.93
CA VAL C 322 0.17 13.79 -41.94
C VAL C 322 -1.11 14.56 -41.75
N LEU C 323 -1.62 15.08 -42.86
CA LEU C 323 -2.97 15.61 -42.93
C LEU C 323 -3.77 14.69 -43.84
N GLU C 324 -4.89 14.17 -43.35
CA GLU C 324 -5.83 13.37 -44.14
C GLU C 324 -7.17 14.09 -44.26
N ARG C 325 -7.67 14.23 -45.48
CA ARG C 325 -9.03 14.71 -45.65
C ARG C 325 -9.99 13.53 -45.84
N TRP C 326 -10.92 13.41 -44.91
CA TRP C 326 -11.91 12.35 -44.91
C TRP C 326 -13.30 12.86 -45.23
N ARG C 327 -14.15 11.97 -45.74
CA ARG C 327 -15.52 12.32 -46.08
C ARG C 327 -16.45 11.29 -45.44
N ASP C 328 -17.56 11.74 -44.86
CA ASP C 328 -18.64 10.83 -44.49
C ASP C 328 -19.47 10.51 -45.74
N ALA C 329 -19.47 9.25 -46.14
CA ALA C 329 -20.30 8.77 -47.27
C ALA C 329 -21.77 9.23 -47.16
N LYS C 330 -22.39 9.02 -45.99
CA LYS C 330 -23.82 9.35 -45.81
C LYS C 330 -24.07 10.84 -46.03
N SER C 331 -23.39 11.67 -45.25
CA SER C 331 -23.67 13.10 -45.17
C SER C 331 -22.85 13.94 -46.14
N GLY C 332 -21.66 13.47 -46.51
CA GLY C 332 -20.75 14.22 -47.37
C GLY C 332 -19.89 15.24 -46.63
N GLU C 333 -20.10 15.35 -45.32
CA GLU C 333 -19.29 16.25 -44.52
C GLU C 333 -17.82 15.91 -44.68
N ARG C 334 -16.97 16.92 -44.56
CA ARG C 334 -15.54 16.73 -44.66
C ARG C 334 -14.88 16.90 -43.32
N TYR C 335 -13.82 16.12 -43.10
CA TYR C 335 -13.09 16.12 -41.86
C TYR C 335 -11.60 16.08 -42.13
N LEU C 336 -10.84 16.69 -41.24
CA LEU C 336 -9.41 16.60 -41.32
C LEU C 336 -8.95 15.71 -40.17
N ARG C 337 -8.03 14.80 -40.47
CA ARG C 337 -7.30 14.04 -39.45
C ARG C 337 -5.84 14.43 -39.57
N VAL C 338 -5.26 14.82 -38.45
CA VAL C 338 -3.89 15.28 -38.38
C VAL C 338 -3.13 14.43 -37.36
N TYR C 339 -1.95 13.95 -37.75
CA TYR C 339 -1.15 13.16 -36.83
C TYR C 339 0.32 13.11 -37.19
N PHE C 340 1.14 12.86 -36.19
CA PHE C 340 2.56 12.66 -36.38
C PHE C 340 2.80 11.18 -36.11
N GLN C 341 3.61 10.54 -36.95
CA GLN C 341 3.92 9.13 -36.79
C GLN C 341 5.40 8.89 -36.91
N ALA C 342 5.88 7.88 -36.19
CA ALA C 342 7.28 7.48 -36.27
C ALA C 342 7.43 6.06 -35.77
N GLN C 343 8.61 5.48 -35.94
CA GLN C 343 8.95 4.22 -35.29
C GLN C 343 9.74 4.54 -34.05
N GLY C 344 9.67 3.64 -33.06
CA GLY C 344 10.49 3.72 -31.84
C GLY C 344 11.97 3.43 -32.13
N LEU C 345 12.80 3.67 -31.11
CA LEU C 345 14.24 3.58 -31.28
C LEU C 345 14.71 2.17 -31.64
N ASP C 346 14.19 1.16 -30.96
CA ASP C 346 14.61 -0.21 -31.22
C ASP C 346 14.02 -0.73 -32.51
N ASP C 347 12.83 -0.25 -32.88
CA ASP C 347 12.24 -0.66 -34.16
C ASP C 347 13.10 -0.18 -35.34
N LEU C 348 13.53 1.08 -35.30
CA LEU C 348 14.45 1.60 -36.31
C LEU C 348 15.71 0.78 -36.30
N ARG C 349 16.27 0.59 -35.12
CA ARG C 349 17.53 -0.11 -35.00
C ARG C 349 17.40 -1.53 -35.56
N ARG C 350 16.27 -2.19 -35.31
CA ARG C 350 16.07 -3.58 -35.76
C ARG C 350 15.56 -3.71 -37.18
N LEU C 351 15.40 -2.57 -37.86
CA LEU C 351 14.67 -2.50 -39.13
C LEU C 351 13.31 -3.19 -39.05
N GLN C 352 12.62 -2.91 -37.95
CA GLN C 352 11.33 -3.54 -37.70
C GLN C 352 10.32 -3.13 -38.73
N THR C 353 9.78 -4.13 -39.43
CA THR C 353 8.67 -3.92 -40.34
C THR C 353 7.39 -3.71 -39.50
N PRO C 354 6.77 -2.51 -39.58
CA PRO C 354 5.67 -2.14 -38.70
C PRO C 354 4.43 -2.99 -38.87
N ASP C 355 3.91 -3.50 -37.76
CA ASP C 355 2.81 -4.46 -37.77
C ASP C 355 2.04 -4.49 -36.44
N ALA C 356 1.14 -5.46 -36.30
CA ALA C 356 0.43 -5.75 -35.06
C ALA C 356 1.31 -5.63 -33.80
N GLN C 357 2.33 -6.50 -33.65
CA GLN C 357 3.17 -6.52 -32.43
C GLN C 357 4.13 -5.33 -32.34
N HIS C 358 4.37 -4.65 -33.46
CA HIS C 358 5.30 -3.52 -33.49
C HIS C 358 4.76 -2.35 -34.32
N PRO C 359 3.70 -1.70 -33.83
CA PRO C 359 3.02 -0.67 -34.63
C PRO C 359 3.80 0.64 -34.73
N MET C 360 3.56 1.40 -35.78
CA MET C 360 4.06 2.77 -35.85
C MET C 360 3.62 3.49 -34.58
N LEU C 361 4.51 4.28 -34.01
CA LEU C 361 4.10 5.18 -32.94
C LEU C 361 3.31 6.27 -33.64
N ARG C 362 2.28 6.77 -32.98
CA ARG C 362 1.41 7.74 -33.59
C ARG C 362 0.73 8.57 -32.53
N GLN C 363 0.54 9.85 -32.80
CA GLN C 363 -0.29 10.68 -31.96
C GLN C 363 -1.12 11.59 -32.85
N GLU C 364 -2.42 11.64 -32.58
CA GLU C 364 -3.34 12.50 -33.30
C GLU C 364 -3.48 13.86 -32.65
N TRP C 365 -3.66 14.88 -33.48
CA TRP C 365 -3.99 16.23 -33.03
C TRP C 365 -5.49 16.26 -32.78
N ARG C 366 -5.90 17.03 -31.79
CA ARG C 366 -7.30 17.07 -31.40
C ARG C 366 -7.66 18.48 -30.93
N GLN C 367 -8.95 18.77 -30.93
CA GLN C 367 -9.47 20.03 -30.39
C GLN C 367 -10.95 19.86 -30.19
N PRO C 368 -11.60 20.79 -29.48
CA PRO C 368 -13.05 20.61 -29.35
C PRO C 368 -13.70 20.55 -30.71
N GLY C 369 -14.67 19.65 -30.87
CA GLY C 369 -15.34 19.42 -32.15
C GLY C 369 -14.97 18.09 -32.79
N CYS C 370 -13.72 17.63 -32.58
CA CYS C 370 -13.27 16.42 -33.23
C CYS C 370 -14.07 15.23 -32.78
N ARG C 371 -14.25 14.27 -33.68
CA ARG C 371 -15.03 13.10 -33.39
C ARG C 371 -14.16 11.86 -33.46
N GLN C 372 -14.40 10.94 -32.55
CA GLN C 372 -13.77 9.64 -32.57
C GLN C 372 -14.54 8.76 -33.58
N THR C 373 -13.80 8.12 -34.48
CA THR C 373 -14.37 7.32 -35.57
C THR C 373 -13.56 6.02 -35.77
N ASP C 374 -14.14 5.06 -36.50
CA ASP C 374 -13.47 3.82 -36.90
C ASP C 374 -12.07 4.04 -37.47
N VAL C 375 -11.87 5.17 -38.16
CA VAL C 375 -10.63 5.45 -38.90
C VAL C 375 -9.70 6.46 -38.23
N GLY C 376 -10.03 6.89 -37.00
CA GLY C 376 -9.20 7.81 -36.22
C GLY C 376 -9.97 9.04 -35.76
N THR C 377 -9.23 10.06 -35.37
CA THR C 377 -9.83 11.27 -34.83
C THR C 377 -10.08 12.24 -35.97
N LEU C 378 -11.36 12.47 -36.25
CA LEU C 378 -11.76 13.29 -37.37
C LEU C 378 -12.37 14.61 -36.91
N CYS C 379 -11.80 15.73 -37.36
CA CYS C 379 -12.28 17.04 -36.96
C CYS C 379 -12.94 17.74 -38.12
N PRO C 380 -14.07 18.41 -37.85
CA PRO C 380 -14.73 19.15 -38.90
C PRO C 380 -13.68 19.91 -39.67
N PHE C 381 -13.80 19.90 -40.99
CA PHE C 381 -12.72 20.32 -41.86
C PHE C 381 -12.39 21.82 -41.73
N GLN C 382 -13.41 22.67 -41.86
CA GLN C 382 -13.14 24.11 -41.86
C GLN C 382 -12.62 24.56 -40.49
N ALA C 383 -13.28 24.13 -39.42
CA ALA C 383 -12.85 24.40 -38.05
C ALA C 383 -11.37 24.01 -37.85
N ALA C 384 -10.97 22.88 -38.43
CA ALA C 384 -9.58 22.40 -38.30
C ALA C 384 -8.63 23.31 -39.09
N ILE C 385 -8.89 23.51 -40.38
CA ILE C 385 -7.99 24.29 -41.21
C ILE C 385 -7.75 25.64 -40.57
N THR C 386 -8.82 26.26 -40.07
CA THR C 386 -8.71 27.53 -39.38
C THR C 386 -7.82 27.47 -38.12
N ALA C 387 -8.05 26.49 -37.24
CA ALA C 387 -7.25 26.37 -36.02
C ALA C 387 -5.78 26.12 -36.35
N LEU C 388 -5.52 25.25 -37.32
CA LEU C 388 -4.14 24.91 -37.70
C LEU C 388 -3.42 26.05 -38.44
N GLY C 389 -4.18 26.97 -39.03
CA GLY C 389 -3.61 28.08 -39.80
C GLY C 389 -3.55 29.41 -39.07
N GLN C 390 -4.26 29.51 -37.95
CA GLN C 390 -4.22 30.66 -37.05
C GLN C 390 -2.91 31.40 -37.02
N ARG C 391 -1.82 30.68 -36.82
CA ARG C 391 -0.51 31.27 -36.52
C ARG C 391 0.35 31.59 -37.75
N ILE C 392 -0.15 31.26 -38.94
CA ILE C 392 0.54 31.62 -40.18
C ILE C 392 0.73 33.13 -40.24
N ASP C 393 1.94 33.55 -40.59
CA ASP C 393 2.21 34.94 -40.94
C ASP C 393 2.07 35.05 -42.46
N ARG C 394 0.97 35.66 -42.90
CA ARG C 394 0.60 35.68 -44.32
C ARG C 394 1.69 36.26 -45.24
N PRO C 395 2.31 37.40 -44.84
CA PRO C 395 3.43 37.94 -45.63
C PRO C 395 4.63 37.02 -45.76
N SER C 396 4.73 35.98 -44.94
CA SER C 396 5.80 34.99 -45.05
C SER C 396 5.31 33.69 -45.69
N ALA C 397 4.06 33.69 -46.18
CA ALA C 397 3.48 32.50 -46.78
C ALA C 397 3.09 32.77 -48.23
N PRO C 398 4.07 33.02 -49.10
CA PRO C 398 3.70 33.22 -50.50
C PRO C 398 3.26 31.89 -51.10
N ALA C 399 2.41 31.94 -52.12
CA ALA C 399 2.00 30.72 -52.78
C ALA C 399 3.21 30.16 -53.53
N VAL C 400 3.37 28.84 -53.49
CA VAL C 400 4.37 28.17 -54.32
C VAL C 400 3.65 27.26 -55.31
N ALA C 401 4.06 27.30 -56.58
CA ALA C 401 3.59 26.31 -57.56
C ALA C 401 4.09 24.93 -57.09
N MET C 402 3.18 24.10 -56.58
CA MET C 402 3.56 22.84 -55.91
C MET C 402 4.19 21.83 -56.88
N VAL C 403 3.74 21.82 -58.13
CA VAL C 403 4.39 21.03 -59.17
C VAL C 403 5.64 21.77 -59.63
N LEU C 404 6.82 21.19 -59.38
CA LEU C 404 8.09 21.73 -59.85
C LEU C 404 8.24 21.52 -61.36
N PRO C 405 9.20 22.24 -61.98
CA PRO C 405 9.67 21.99 -63.36
C PRO C 405 10.25 20.58 -63.60
N LYS C 406 10.76 20.37 -64.82
CA LYS C 406 11.18 19.06 -65.36
C LYS C 406 9.99 18.19 -65.76
N ASP D 13 -27.28 -32.51 7.77
CA ASP D 13 -26.18 -33.06 6.93
C ASP D 13 -24.92 -32.16 6.91
N TRP D 14 -23.82 -32.73 7.39
CA TRP D 14 -22.59 -32.02 7.56
C TRP D 14 -21.56 -32.52 6.58
N GLN D 15 -20.68 -31.62 6.13
CA GLN D 15 -19.65 -31.95 5.16
C GLN D 15 -18.29 -31.61 5.79
N LEU D 16 -17.40 -32.59 5.90
CA LEU D 16 -16.04 -32.35 6.35
C LEU D 16 -15.24 -31.77 5.19
N GLU D 17 -14.71 -30.57 5.39
CA GLU D 17 -13.96 -29.85 4.36
C GLU D 17 -12.43 -29.99 4.48
N LYS D 18 -11.90 -30.02 5.70
CA LYS D 18 -10.46 -29.92 5.92
C LYS D 18 -10.10 -30.46 7.30
N VAL D 19 -9.02 -31.24 7.34
CA VAL D 19 -8.44 -31.77 8.58
C VAL D 19 -6.99 -31.28 8.71
N VAL D 20 -6.69 -30.66 9.84
CA VAL D 20 -5.32 -30.38 10.22
C VAL D 20 -5.06 -31.20 11.48
N GLU D 21 -3.96 -31.94 11.46
CA GLU D 21 -3.68 -32.90 12.51
C GLU D 21 -2.23 -32.83 12.94
N LEU D 22 -2.02 -32.90 14.24
CA LEU D 22 -0.69 -32.90 14.82
C LEU D 22 -0.54 -34.20 15.60
N SER D 23 0.29 -35.09 15.09
CA SER D 23 0.51 -36.39 15.73
C SER D 23 1.82 -36.42 16.49
N ARG D 24 1.86 -37.18 17.57
CA ARG D 24 3.12 -37.56 18.19
C ARG D 24 3.75 -38.70 17.41
N ALA D 25 5.09 -38.75 17.43
CA ALA D 25 5.82 -39.97 17.07
C ALA D 25 5.23 -41.18 17.79
N GLY D 26 5.34 -42.33 17.15
CA GLY D 26 4.89 -43.59 17.76
C GLY D 26 5.89 -44.06 18.79
N ILE D 27 5.71 -45.30 19.25
CA ILE D 27 6.49 -45.81 20.36
C ILE D 27 7.98 -45.79 20.02
N ARG D 28 8.80 -45.33 20.95
CA ARG D 28 10.24 -45.36 20.78
C ARG D 28 10.85 -45.87 22.09
N PRO D 29 12.08 -46.39 22.03
CA PRO D 29 12.78 -46.63 23.29
C PRO D 29 13.10 -45.28 23.92
N PRO D 30 13.72 -45.28 25.11
CA PRO D 30 14.14 -44.01 25.65
C PRO D 30 15.11 -43.31 24.72
N THR D 31 15.09 -41.99 24.69
CA THR D 31 16.02 -41.24 23.87
C THR D 31 17.41 -41.45 24.47
N ALA D 32 18.46 -41.12 23.73
CA ALA D 32 19.83 -41.29 24.25
C ALA D 32 20.02 -40.53 25.56
N GLY D 33 19.49 -39.30 25.59
CA GLY D 33 19.56 -38.46 26.78
C GLY D 33 18.74 -38.99 27.93
N ASN D 34 17.55 -39.52 27.62
CA ASN D 34 16.73 -40.20 28.62
C ASN D 34 17.50 -41.33 29.28
N ARG D 35 18.20 -42.14 28.48
CA ARG D 35 18.91 -43.29 28.99
C ARG D 35 19.99 -42.85 29.97
N GLU D 36 20.87 -41.97 29.50
CA GLU D 36 21.90 -41.43 30.36
C GLU D 36 21.26 -41.04 31.69
N ALA D 37 20.20 -40.24 31.63
CA ALA D 37 19.60 -39.69 32.84
C ALA D 37 19.02 -40.77 33.78
N ILE D 38 18.28 -41.72 33.24
CA ILE D 38 17.60 -42.71 34.07
C ILE D 38 18.56 -43.75 34.67
N GLU D 39 19.52 -44.21 33.86
CA GLU D 39 20.52 -45.18 34.31
C GLU D 39 21.48 -44.60 35.36
N ALA D 40 21.70 -43.30 35.29
CA ALA D 40 22.47 -42.59 36.30
C ALA D 40 21.65 -42.48 37.62
N ALA D 41 20.43 -41.95 37.51
CA ALA D 41 19.52 -41.79 38.66
C ALA D 41 19.24 -43.09 39.46
N THR D 42 19.15 -44.23 38.76
CA THR D 42 18.81 -45.53 39.36
C THR D 42 20.02 -46.43 39.51
N GLY D 43 21.19 -45.96 39.05
CA GLY D 43 22.45 -46.70 39.26
C GLY D 43 22.51 -48.10 38.70
N ARG D 44 21.82 -48.32 37.58
CA ARG D 44 21.71 -49.64 36.94
C ARG D 44 21.41 -49.42 35.47
N PRO D 45 21.85 -50.35 34.59
CA PRO D 45 21.39 -50.27 33.21
C PRO D 45 19.91 -50.57 33.10
N TRP D 46 19.26 -50.00 32.09
CA TRP D 46 17.90 -50.34 31.71
C TRP D 46 17.98 -51.08 30.38
N THR D 47 16.88 -51.74 30.02
CA THR D 47 16.85 -52.59 28.84
C THR D 47 17.20 -51.84 27.56
N GLU D 48 18.13 -52.39 26.77
CA GLU D 48 18.36 -51.94 25.40
C GLU D 48 17.38 -52.68 24.50
N TRP D 49 16.55 -51.92 23.78
CA TRP D 49 15.49 -52.49 22.96
C TRP D 49 16.11 -52.98 21.67
N THR D 50 15.32 -53.61 20.83
CA THR D 50 15.77 -54.04 19.49
C THR D 50 15.91 -52.83 18.56
N THR D 51 15.25 -51.74 18.94
CA THR D 51 15.32 -50.45 18.25
C THR D 51 16.35 -49.56 18.95
N HIS D 52 17.11 -48.81 18.16
CA HIS D 52 18.06 -47.86 18.74
C HIS D 52 17.29 -46.77 19.49
N ASP D 53 17.87 -46.36 20.61
CA ASP D 53 17.32 -45.28 21.43
C ASP D 53 16.80 -44.13 20.57
N GLY D 54 15.57 -43.73 20.83
CA GLY D 54 14.97 -42.59 20.15
C GLY D 54 14.43 -42.83 18.75
N GLU D 55 14.56 -44.05 18.23
CA GLU D 55 14.00 -44.34 16.93
C GLU D 55 12.67 -45.02 17.09
N LEU D 56 11.85 -45.01 16.04
CA LEU D 56 10.52 -45.63 16.09
C LEU D 56 10.69 -47.14 16.07
N THR D 57 10.20 -47.80 17.11
CA THR D 57 10.24 -49.25 17.17
C THR D 57 9.36 -49.85 16.08
N GLY D 58 9.65 -51.08 15.69
CA GLY D 58 8.78 -51.80 14.76
C GLY D 58 7.38 -51.94 15.31
N HIS D 59 7.27 -52.18 16.62
CA HIS D 59 5.99 -52.27 17.28
C HIS D 59 5.27 -50.93 17.12
N GLY D 60 6.04 -49.87 17.35
CA GLY D 60 5.52 -48.49 17.26
C GLY D 60 4.94 -48.16 15.92
N TYR D 61 5.70 -48.53 14.87
CA TYR D 61 5.23 -48.40 13.48
C TYR D 61 3.89 -49.14 13.26
N ALA D 62 3.81 -50.39 13.72
CA ALA D 62 2.62 -51.17 13.53
C ALA D 62 1.44 -50.47 14.18
N ALA D 63 1.63 -49.95 15.40
CA ALA D 63 0.54 -49.28 16.10
C ALA D 63 0.07 -48.07 15.31
N VAL D 64 1.02 -47.33 14.74
CA VAL D 64 0.70 -46.13 13.99
C VAL D 64 -0.01 -46.50 12.70
N VAL D 65 0.39 -47.61 12.08
CA VAL D 65 -0.29 -48.09 10.86
C VAL D 65 -1.74 -48.38 11.19
N ASN D 66 -1.95 -49.05 12.30
CA ASN D 66 -3.30 -49.37 12.73
C ASN D 66 -4.20 -48.14 12.76
N LYS D 67 -3.73 -47.08 13.42
CA LYS D 67 -4.49 -45.85 13.51
C LYS D 67 -4.66 -45.24 12.14
N GLY D 68 -3.56 -45.13 11.41
CA GLY D 68 -3.59 -44.60 10.06
C GLY D 68 -4.63 -45.29 9.18
N ARG D 69 -4.73 -46.61 9.32
CA ARG D 69 -5.68 -47.39 8.53
C ARG D 69 -7.11 -46.99 8.79
N GLU D 70 -7.48 -46.91 10.06
CA GLU D 70 -8.82 -46.48 10.45
C GLU D 70 -9.08 -45.04 10.00
N GLU D 71 -8.09 -44.18 10.16
CA GLU D 71 -8.24 -42.78 9.83
C GLU D 71 -8.46 -42.60 8.32
N GLY D 72 -7.75 -43.39 7.52
CA GLY D 72 -7.96 -43.46 6.08
C GLY D 72 -9.35 -43.94 5.68
N GLN D 73 -9.85 -44.98 6.31
CA GLN D 73 -11.19 -45.46 6.02
C GLN D 73 -12.21 -44.44 6.48
N HIS D 74 -11.92 -43.81 7.62
CA HIS D 74 -12.80 -42.83 8.22
C HIS D 74 -12.99 -41.63 7.30
N TYR D 75 -11.87 -41.08 6.84
CA TYR D 75 -11.90 -39.88 6.03
C TYR D 75 -12.29 -40.12 4.58
N ARG D 76 -12.20 -41.36 4.10
CA ARG D 76 -12.77 -41.71 2.77
C ARG D 76 -14.28 -41.90 2.88
N GLN D 77 -14.71 -42.49 3.99
CA GLN D 77 -16.13 -42.68 4.23
C GLN D 77 -16.80 -41.33 4.41
N LEU D 78 -16.10 -40.38 5.03
CA LEU D 78 -16.66 -39.02 5.21
C LEU D 78 -16.60 -38.13 3.96
N GLY D 79 -15.98 -38.61 2.88
CA GLY D 79 -15.91 -37.87 1.62
C GLY D 79 -14.79 -36.83 1.48
N LEU D 80 -13.92 -36.76 2.48
CA LEU D 80 -12.81 -35.84 2.46
C LEU D 80 -11.75 -36.28 1.46
N LEU D 81 -11.33 -37.54 1.59
CA LEU D 81 -10.40 -38.18 0.66
C LEU D 81 -11.21 -39.00 -0.33
N GLN D 82 -10.72 -39.12 -1.54
CA GLN D 82 -11.40 -39.91 -2.57
C GLN D 82 -10.91 -41.34 -2.48
N ALA D 83 -11.51 -42.23 -3.26
CA ALA D 83 -11.10 -43.65 -3.27
C ALA D 83 -9.66 -43.72 -3.76
N GLY D 84 -8.96 -44.78 -3.37
CA GLY D 84 -7.66 -45.07 -3.95
C GLY D 84 -6.53 -44.23 -3.40
N CYS D 85 -5.59 -43.87 -4.28
CA CYS D 85 -4.40 -43.16 -3.82
C CYS D 85 -4.63 -41.68 -3.77
N PRO D 86 -3.94 -41.02 -2.83
CA PRO D 86 -4.04 -39.57 -2.71
C PRO D 86 -3.30 -38.87 -3.84
N THR D 87 -3.71 -37.65 -4.14
CA THR D 87 -2.92 -36.71 -4.95
C THR D 87 -2.31 -35.63 -4.03
N ALA D 88 -1.65 -34.65 -4.64
CA ALA D 88 -1.15 -33.47 -3.91
C ALA D 88 -2.31 -32.76 -3.20
N GLU D 89 -3.47 -32.77 -3.86
CA GLU D 89 -4.72 -32.19 -3.33
C GLU D 89 -5.28 -32.92 -2.10
N SER D 90 -4.95 -34.21 -1.95
CA SER D 90 -5.53 -35.03 -0.90
C SER D 90 -4.85 -34.85 0.46
N ILE D 91 -3.52 -34.94 0.48
CA ILE D 91 -2.81 -34.90 1.76
C ILE D 91 -1.45 -34.24 1.58
N TYR D 92 -1.01 -33.52 2.61
CA TYR D 92 0.38 -33.07 2.72
C TYR D 92 0.87 -33.39 4.11
N VAL D 93 1.96 -34.15 4.18
CA VAL D 93 2.48 -34.65 5.44
C VAL D 93 3.83 -34.02 5.71
N ARG D 94 3.95 -33.38 6.86
CA ARG D 94 5.17 -32.67 7.25
C ARG D 94 5.64 -33.17 8.60
N ALA D 95 6.80 -33.82 8.63
CA ALA D 95 7.30 -34.42 9.84
C ALA D 95 8.55 -33.73 10.35
N SER D 96 8.62 -33.58 11.66
CA SER D 96 9.88 -33.28 12.32
C SER D 96 10.94 -34.15 11.68
N PRO D 97 12.14 -33.59 11.43
CA PRO D 97 13.19 -34.35 10.72
C PRO D 97 13.82 -35.51 11.51
N LEU D 98 13.47 -35.70 12.78
CA LEU D 98 13.96 -36.85 13.54
C LEU D 98 13.49 -38.14 12.88
N GLN D 99 14.25 -39.22 13.09
CA GLN D 99 13.94 -40.47 12.43
C GLN D 99 12.55 -40.95 12.81
N ARG D 100 12.18 -40.81 14.09
CA ARG D 100 10.94 -41.43 14.58
C ARG D 100 9.67 -40.73 14.09
N THR D 101 9.76 -39.42 13.91
CA THR D 101 8.66 -38.61 13.39
C THR D 101 8.47 -38.81 11.89
N ARG D 102 9.57 -38.91 11.15
CA ARG D 102 9.48 -39.30 9.75
C ARG D 102 8.93 -40.71 9.62
N ALA D 103 9.52 -41.64 10.34
CA ALA D 103 9.09 -43.03 10.34
C ALA D 103 7.60 -43.16 10.70
N THR D 104 7.17 -42.36 11.68
CA THR D 104 5.78 -42.32 12.11
C THR D 104 4.89 -41.77 10.99
N ALA D 105 5.28 -40.61 10.45
CA ALA D 105 4.61 -40.01 9.31
C ALA D 105 4.43 -41.05 8.21
N GLN D 106 5.48 -41.77 7.87
CA GLN D 106 5.40 -42.83 6.86
C GLN D 106 4.45 -43.92 7.29
N ALA D 107 4.51 -44.28 8.57
CA ALA D 107 3.58 -45.22 9.15
C ALA D 107 2.12 -44.79 8.90
N LEU D 108 1.84 -43.50 9.10
CA LEU D 108 0.46 -43.01 9.02
C LEU D 108 -0.14 -43.11 7.63
N VAL D 109 0.62 -42.71 6.62
CA VAL D 109 0.18 -42.79 5.23
C VAL D 109 0.28 -44.21 4.68
N ASP D 110 1.09 -45.05 5.31
CA ASP D 110 1.16 -46.47 4.98
C ASP D 110 -0.19 -47.12 5.30
N GLY D 111 -0.68 -46.90 6.52
CA GLY D 111 -1.99 -47.38 6.91
C GLY D 111 -3.11 -46.69 6.17
N ALA D 112 -3.07 -45.36 6.14
CA ALA D 112 -4.10 -44.52 5.51
C ALA D 112 -4.30 -44.79 4.02
N PHE D 113 -3.22 -45.09 3.29
CA PHE D 113 -3.25 -45.25 1.85
C PHE D 113 -2.46 -46.49 1.41
N PRO D 114 -3.00 -47.68 1.72
CA PRO D 114 -2.25 -48.92 1.56
C PRO D 114 -1.65 -49.05 0.16
N GLY D 115 -0.36 -49.34 0.09
CA GLY D 115 0.34 -49.59 -1.15
C GLY D 115 0.59 -48.40 -2.06
N CYS D 116 0.34 -47.19 -1.58
CA CYS D 116 0.39 -46.01 -2.46
C CYS D 116 1.73 -45.29 -2.52
N GLY D 117 2.72 -45.72 -1.73
CA GLY D 117 4.02 -45.09 -1.79
C GLY D 117 3.91 -43.60 -1.57
N VAL D 118 3.10 -43.21 -0.61
CA VAL D 118 2.87 -41.82 -0.33
C VAL D 118 4.13 -41.30 0.35
N ALA D 119 4.65 -40.19 -0.15
CA ALA D 119 5.88 -39.62 0.36
C ALA D 119 5.51 -38.67 1.48
N ILE D 120 6.36 -38.58 2.49
CA ILE D 120 6.23 -37.53 3.50
C ILE D 120 7.37 -36.53 3.37
N HIS D 121 7.21 -35.36 3.96
CA HIS D 121 8.18 -34.27 3.77
C HIS D 121 8.75 -33.82 5.09
N TYR D 122 9.99 -33.34 5.07
CA TYR D 122 10.65 -32.87 6.29
C TYR D 122 11.79 -31.95 5.92
N ALA D 123 12.18 -31.09 6.86
CA ALA D 123 13.27 -30.14 6.65
C ALA D 123 14.60 -30.87 6.33
N ASN D 124 15.30 -30.38 5.31
CA ASN D 124 16.58 -30.96 4.85
C ASN D 124 17.70 -30.74 5.87
N GLY D 125 17.46 -29.83 6.82
CA GLY D 125 18.37 -29.59 7.92
C GLY D 125 17.95 -30.43 9.10
N ASP D 126 18.37 -30.02 10.30
CA ASP D 126 17.97 -30.69 11.57
C ASP D 126 16.91 -29.90 12.33
N ALA D 127 16.54 -28.74 11.79
CA ALA D 127 15.66 -27.80 12.47
C ALA D 127 14.45 -27.51 11.59
N ASP D 128 13.26 -27.85 12.08
CA ASP D 128 12.03 -27.39 11.45
C ASP D 128 11.42 -26.29 12.33
N PRO D 129 11.15 -25.09 11.77
CA PRO D 129 10.70 -23.95 12.60
C PRO D 129 9.31 -24.12 13.24
N LEU D 130 8.55 -25.13 12.80
CA LEU D 130 7.31 -25.50 13.47
C LEU D 130 7.54 -26.32 14.71
N PHE D 131 8.66 -27.04 14.73
CA PHE D 131 8.88 -28.09 15.73
C PHE D 131 10.10 -27.85 16.60
N GLN D 132 11.27 -27.66 15.98
CA GLN D 132 12.51 -27.39 16.68
C GLN D 132 12.66 -25.88 16.87
N THR D 133 11.75 -25.34 17.68
CA THR D 133 11.53 -23.90 17.79
C THR D 133 12.61 -23.18 18.58
N ASP D 134 13.32 -23.92 19.43
CA ASP D 134 14.45 -23.38 20.16
C ASP D 134 15.65 -23.10 19.24
N LYS D 135 15.62 -23.57 17.99
CA LYS D 135 16.68 -23.26 17.04
C LYS D 135 16.44 -21.99 16.20
N PHE D 136 15.42 -21.19 16.55
CA PHE D 136 15.11 -19.95 15.82
C PHE D 136 14.85 -18.74 16.75
N ALA D 137 15.45 -17.61 16.39
CA ALA D 137 15.43 -16.41 17.25
C ALA D 137 14.05 -16.02 17.73
N ALA D 138 13.08 -15.95 16.83
CA ALA D 138 11.71 -15.50 17.16
C ALA D 138 10.97 -16.39 18.15
N THR D 139 11.37 -17.67 18.21
CA THR D 139 10.67 -18.66 18.99
C THR D 139 11.54 -19.30 20.10
N GLN D 140 12.59 -18.60 20.52
CA GLN D 140 13.49 -19.03 21.61
C GLN D 140 13.06 -18.39 22.89
N THR D 141 12.94 -19.16 23.96
CA THR D 141 12.62 -18.62 25.26
C THR D 141 13.79 -17.78 25.79
N ASP D 142 13.47 -16.74 26.56
CA ASP D 142 14.47 -15.97 27.32
C ASP D 142 14.77 -16.71 28.62
N PRO D 143 16.05 -17.01 28.87
CA PRO D 143 16.43 -17.70 30.11
C PRO D 143 15.86 -17.13 31.40
N ALA D 144 16.02 -15.84 31.64
CA ALA D 144 15.50 -15.21 32.88
C ALA D 144 13.97 -15.32 32.97
N ARG D 145 13.27 -15.07 31.86
CA ARG D 145 11.83 -15.17 31.81
C ARG D 145 11.35 -16.60 32.00
N GLN D 146 11.93 -17.53 31.26
CA GLN D 146 11.61 -18.95 31.40
C GLN D 146 11.76 -19.37 32.85
N LEU D 147 12.85 -18.98 33.48
CA LEU D 147 13.08 -19.32 34.87
C LEU D 147 12.02 -18.72 35.81
N ALA D 148 11.65 -17.46 35.60
CA ALA D 148 10.66 -16.83 36.47
C ALA D 148 9.31 -17.53 36.31
N ALA D 149 8.92 -17.78 35.05
CA ALA D 149 7.64 -18.43 34.73
C ALA D 149 7.49 -19.79 35.39
N VAL D 150 8.56 -20.60 35.31
CA VAL D 150 8.55 -21.93 35.91
C VAL D 150 8.51 -21.82 37.43
N LYS D 151 9.44 -21.06 38.01
CA LYS D 151 9.48 -20.84 39.46
C LYS D 151 8.09 -20.42 39.96
N GLU D 152 7.54 -19.43 39.29
CA GLU D 152 6.25 -18.88 39.61
C GLU D 152 5.10 -19.90 39.60
N LYS D 153 5.05 -20.73 38.56
CA LYS D 153 4.02 -21.78 38.48
C LYS D 153 4.34 -22.94 39.40
N ALA D 154 5.62 -23.23 39.57
CA ALA D 154 6.05 -24.31 40.46
C ALA D 154 5.61 -24.00 41.89
N GLY D 155 5.82 -22.76 42.32
CA GLY D 155 5.49 -22.36 43.67
C GLY D 155 6.31 -23.17 44.64
N ASP D 156 5.65 -23.68 45.68
CA ASP D 156 6.30 -24.49 46.72
C ASP D 156 6.51 -25.92 46.20
N LEU D 157 7.74 -26.24 45.81
CA LEU D 157 8.05 -27.56 45.24
C LEU D 157 8.13 -28.68 46.28
N ALA D 158 8.46 -28.33 47.52
CA ALA D 158 8.37 -29.26 48.65
C ALA D 158 6.94 -29.78 48.79
N GLN D 159 5.97 -28.88 48.71
CA GLN D 159 4.57 -29.22 48.88
C GLN D 159 4.05 -30.03 47.70
N ARG D 160 4.57 -29.73 46.51
CA ARG D 160 4.29 -30.49 45.30
C ARG D 160 4.87 -31.89 45.35
N ARG D 161 6.10 -31.98 45.87
CA ARG D 161 6.76 -33.25 46.05
C ARG D 161 6.02 -34.11 47.06
N GLN D 162 5.50 -33.50 48.11
CA GLN D 162 4.76 -34.22 49.13
C GLN D 162 3.45 -34.77 48.56
N ALA D 163 2.67 -33.92 47.89
CA ALA D 163 1.42 -34.36 47.27
C ALA D 163 1.65 -35.60 46.39
N LEU D 164 2.81 -35.66 45.74
CA LEU D 164 3.13 -36.77 44.84
C LEU D 164 3.88 -37.91 45.54
N ALA D 165 4.01 -37.85 46.87
CA ALA D 165 4.76 -38.87 47.64
C ALA D 165 4.39 -40.32 47.31
N PRO D 166 3.08 -40.66 47.31
CA PRO D 166 2.67 -42.03 46.97
C PRO D 166 3.12 -42.47 45.58
N THR D 167 3.00 -41.60 44.59
CA THR D 167 3.41 -41.92 43.22
C THR D 167 4.94 -42.05 43.11
N ILE D 168 5.68 -41.20 43.81
CA ILE D 168 7.15 -41.31 43.83
C ILE D 168 7.57 -42.66 44.44
N GLN D 169 6.84 -43.08 45.47
CA GLN D 169 7.10 -44.38 46.12
C GLN D 169 6.84 -45.53 45.14
N LEU D 170 5.65 -45.55 44.54
CA LEU D 170 5.35 -46.54 43.49
C LEU D 170 6.44 -46.55 42.42
N LEU D 171 6.91 -45.39 42.01
CA LEU D 171 7.99 -45.37 41.00
C LEU D 171 9.24 -46.02 41.57
N LYS D 172 9.59 -45.65 42.81
CA LYS D 172 10.81 -46.13 43.47
C LYS D 172 10.83 -47.65 43.60
N GLN D 173 9.72 -48.24 44.03
CA GLN D 173 9.56 -49.70 44.07
C GLN D 173 9.81 -50.34 42.70
N ALA D 174 9.27 -49.73 41.64
CA ALA D 174 9.44 -50.28 40.30
C ALA D 174 10.89 -50.29 39.81
N VAL D 175 11.62 -49.21 40.07
CA VAL D 175 12.88 -48.97 39.39
C VAL D 175 14.14 -49.06 40.25
N CYS D 176 14.05 -48.91 41.57
CA CYS D 176 15.25 -49.01 42.41
C CYS D 176 15.46 -50.42 42.88
N GLN D 177 16.68 -50.91 42.79
CA GLN D 177 16.98 -52.23 43.31
C GLN D 177 17.12 -52.19 44.83
N ALA D 178 16.65 -53.26 45.48
CA ALA D 178 16.62 -53.39 46.94
C ALA D 178 17.99 -53.13 47.56
N ASP D 179 18.02 -52.41 48.68
CA ASP D 179 19.25 -52.17 49.44
C ASP D 179 20.23 -51.18 48.82
N LYS D 180 20.39 -51.20 47.50
CA LYS D 180 21.33 -50.30 46.85
C LYS D 180 20.68 -48.91 46.75
N PRO D 181 21.43 -47.85 47.10
CA PRO D 181 20.87 -46.52 47.21
C PRO D 181 20.40 -45.98 45.87
N CYS D 182 19.54 -44.97 45.93
CA CYS D 182 18.77 -44.54 44.79
C CYS D 182 18.48 -43.04 44.95
N PRO D 183 19.53 -42.21 44.84
CA PRO D 183 19.51 -40.84 45.32
C PRO D 183 18.33 -39.98 44.81
N ILE D 184 17.93 -40.15 43.55
CA ILE D 184 16.91 -39.30 42.93
C ILE D 184 15.62 -39.16 43.74
N PHE D 185 15.22 -40.23 44.42
CA PHE D 185 13.98 -40.24 45.23
C PHE D 185 14.16 -39.58 46.60
N ASP D 186 15.40 -39.25 46.95
CA ASP D 186 15.74 -38.56 48.18
C ASP D 186 16.33 -37.16 47.93
N THR D 187 16.27 -36.68 46.68
CA THR D 187 16.72 -35.33 46.40
C THR D 187 15.49 -34.44 46.38
N PRO D 188 15.57 -33.25 47.00
CA PRO D 188 14.41 -32.36 46.97
C PRO D 188 14.24 -31.78 45.58
N TRP D 189 13.11 -31.14 45.35
CA TRP D 189 12.74 -30.62 44.04
C TRP D 189 13.09 -29.14 43.93
N ARG D 190 13.93 -28.78 42.96
CA ARG D 190 14.28 -27.39 42.71
C ARG D 190 14.29 -27.10 41.23
N VAL D 191 14.03 -25.86 40.88
CA VAL D 191 14.10 -25.42 39.50
C VAL D 191 15.56 -25.23 39.17
N GLU D 192 16.00 -25.86 38.09
CA GLU D 192 17.38 -25.76 37.64
C GLU D 192 17.36 -25.23 36.24
N GLN D 193 18.49 -24.69 35.80
CA GLN D 193 18.60 -24.16 34.44
C GLN D 193 20.03 -24.40 33.92
N SER D 194 20.13 -25.14 32.81
CA SER D 194 21.43 -25.42 32.21
C SER D 194 22.03 -24.18 31.59
N LYS D 195 23.32 -24.24 31.32
CA LYS D 195 24.04 -23.11 30.71
C LYS D 195 23.41 -22.71 29.36
N SER D 196 22.77 -23.66 28.68
CA SER D 196 21.97 -23.35 27.48
C SER D 196 20.54 -22.86 27.77
N GLY D 197 20.26 -22.43 29.01
CA GLY D 197 18.96 -21.84 29.37
C GLY D 197 17.79 -22.80 29.53
N LYS D 198 18.01 -24.09 29.27
CA LYS D 198 16.97 -25.09 29.41
C LYS D 198 16.67 -25.31 30.90
N THR D 199 15.42 -25.12 31.30
CA THR D 199 15.04 -25.23 32.72
C THR D 199 14.34 -26.54 33.01
N THR D 200 14.66 -27.13 34.14
CA THR D 200 14.10 -28.41 34.54
C THR D 200 13.80 -28.37 36.04
N ILE D 201 13.08 -29.39 36.54
CA ILE D 201 12.89 -29.55 37.97
C ILE D 201 13.72 -30.73 38.46
N SER D 202 14.68 -30.48 39.33
CA SER D 202 15.50 -31.57 39.89
C SER D 202 14.59 -32.64 40.49
N GLY D 203 14.99 -33.90 40.30
CA GLY D 203 14.22 -35.02 40.79
C GLY D 203 13.06 -35.32 39.86
N LEU D 204 12.11 -34.39 39.78
CA LEU D 204 10.87 -34.61 39.04
C LEU D 204 11.10 -34.91 37.56
N SER D 205 11.98 -34.15 36.92
CA SER D 205 12.15 -34.26 35.47
C SER D 205 12.57 -35.67 35.10
N VAL D 206 13.61 -36.17 35.78
CA VAL D 206 14.16 -37.47 35.48
C VAL D 206 13.15 -38.53 35.88
N MET D 207 12.44 -38.32 36.99
CA MET D 207 11.35 -39.23 37.32
C MET D 207 10.31 -39.25 36.20
N ALA D 208 10.02 -38.10 35.62
CA ALA D 208 9.13 -38.03 34.47
C ALA D 208 9.70 -38.81 33.29
N ASN D 209 11.02 -38.76 33.10
CA ASN D 209 11.66 -39.50 32.03
C ASN D 209 11.55 -40.99 32.29
N MET D 210 11.67 -41.39 33.55
CA MET D 210 11.49 -42.78 33.93
C MET D 210 10.07 -43.28 33.61
N VAL D 211 9.06 -42.51 34.02
CA VAL D 211 7.66 -42.85 33.76
C VAL D 211 7.40 -42.96 32.24
N GLU D 212 7.90 -42.00 31.48
CA GLU D 212 7.70 -42.01 30.03
C GLU D 212 8.31 -43.27 29.42
N THR D 213 9.47 -43.66 29.90
CA THR D 213 10.16 -44.84 29.40
C THR D 213 9.43 -46.12 29.79
N LEU D 214 8.91 -46.16 31.01
CA LEU D 214 8.08 -47.28 31.44
C LEU D 214 6.77 -47.39 30.62
N ARG D 215 6.12 -46.26 30.34
CA ARG D 215 4.90 -46.31 29.54
C ARG D 215 5.18 -46.80 28.12
N LEU D 216 6.25 -46.28 27.51
CA LEU D 216 6.66 -46.69 26.18
C LEU D 216 6.98 -48.19 26.21
N GLY D 217 7.71 -48.64 27.22
CA GLY D 217 7.99 -50.06 27.43
C GLY D 217 6.74 -50.92 27.52
N TRP D 218 5.78 -50.44 28.30
CA TRP D 218 4.49 -51.13 28.36
C TRP D 218 3.86 -51.20 26.97
N SER D 219 3.72 -50.02 26.36
CA SER D 219 3.06 -49.90 25.07
C SER D 219 3.80 -50.68 23.98
N GLU D 220 5.10 -50.87 24.19
CA GLU D 220 5.97 -51.58 23.26
C GLU D 220 5.72 -53.08 23.23
N ASN D 221 5.03 -53.59 24.23
CA ASN D 221 4.94 -55.03 24.49
C ASN D 221 6.30 -55.64 24.81
N LEU D 222 7.13 -54.88 25.50
CA LEU D 222 8.34 -55.43 26.07
C LEU D 222 7.96 -56.53 27.03
N PRO D 223 8.76 -57.59 27.09
CA PRO D 223 8.58 -58.53 28.18
C PRO D 223 8.64 -57.85 29.55
N LEU D 224 7.75 -58.26 30.45
CA LEU D 224 7.68 -57.68 31.79
C LEU D 224 9.04 -57.68 32.53
N SER D 225 9.84 -58.73 32.33
CA SER D 225 11.17 -58.80 32.96
C SER D 225 12.16 -57.79 32.40
N GLN D 226 11.86 -57.21 31.24
CA GLN D 226 12.67 -56.16 30.64
C GLN D 226 11.98 -54.80 30.72
N LEU D 227 10.79 -54.73 31.30
CA LEU D 227 10.10 -53.45 31.43
C LEU D 227 10.57 -52.76 32.70
N ALA D 228 10.24 -53.36 33.84
CA ALA D 228 10.68 -52.85 35.15
C ALA D 228 11.07 -54.00 36.04
N TRP D 229 11.92 -54.87 35.50
CA TRP D 229 12.49 -56.01 36.25
C TRP D 229 11.43 -56.85 36.95
N GLY D 230 10.32 -57.05 36.25
CA GLY D 230 9.21 -57.84 36.74
C GLY D 230 8.21 -57.07 37.57
N LYS D 231 8.56 -55.85 37.98
CA LYS D 231 7.78 -55.14 38.98
C LYS D 231 6.48 -54.59 38.44
N ILE D 232 6.42 -54.36 37.12
CA ILE D 232 5.23 -53.80 36.48
C ILE D 232 4.61 -54.89 35.58
N ALA D 233 3.42 -55.35 35.95
CA ALA D 233 2.71 -56.42 35.21
C ALA D 233 1.36 -55.99 34.64
N GLN D 234 0.88 -54.79 34.98
CA GLN D 234 -0.43 -54.33 34.54
C GLN D 234 -0.41 -52.89 34.12
N ALA D 235 -1.25 -52.57 33.13
CA ALA D 235 -1.41 -51.19 32.67
C ALA D 235 -1.67 -50.23 33.83
N SER D 236 -2.49 -50.69 34.79
CA SER D 236 -2.87 -49.88 35.95
C SER D 236 -1.68 -49.39 36.77
N GLN D 237 -0.57 -50.14 36.75
CA GLN D 237 0.67 -49.68 37.37
C GLN D 237 1.35 -48.57 36.60
N ILE D 238 1.23 -48.61 35.27
CA ILE D 238 1.66 -47.47 34.43
C ILE D 238 0.77 -46.28 34.74
N THR D 239 -0.54 -46.45 34.61
CA THR D 239 -1.48 -45.38 34.91
C THR D 239 -1.14 -44.67 36.23
N ALA D 240 -0.87 -45.44 37.27
CA ALA D 240 -0.61 -44.87 38.61
C ALA D 240 0.72 -44.10 38.69
N LEU D 241 1.63 -44.35 37.76
CA LEU D 241 2.89 -43.59 37.69
C LEU D 241 2.78 -42.31 36.90
N LEU D 242 1.69 -42.13 36.15
CA LEU D 242 1.62 -41.03 35.17
C LEU D 242 1.46 -39.63 35.75
N PRO D 243 0.88 -39.50 36.96
CA PRO D 243 0.83 -38.16 37.57
C PRO D 243 2.15 -37.43 37.62
N LEU D 244 3.26 -38.17 37.74
CA LEU D 244 4.59 -37.58 37.70
C LEU D 244 4.92 -37.01 36.34
N LEU D 245 4.35 -37.60 35.29
CA LEU D 245 4.59 -37.15 33.94
C LEU D 245 3.80 -35.86 33.70
N THR D 246 2.54 -35.84 34.14
CA THR D 246 1.70 -34.64 34.11
C THR D 246 2.33 -33.52 34.92
N GLU D 247 2.86 -33.82 36.09
CA GLU D 247 3.40 -32.76 36.90
C GLU D 247 4.56 -32.11 36.15
N ASN D 248 5.43 -32.93 35.56
CA ASN D 248 6.58 -32.35 34.92
C ASN D 248 6.20 -31.54 33.68
N TYR D 249 5.22 -32.05 32.94
CA TYR D 249 4.66 -31.30 31.82
C TYR D 249 4.08 -29.95 32.31
N ASP D 250 3.30 -29.99 33.39
CA ASP D 250 2.76 -28.77 34.00
C ASP D 250 3.82 -27.74 34.35
N LEU D 251 5.00 -28.20 34.77
CA LEU D 251 6.08 -27.30 35.17
C LEU D 251 7.14 -27.14 34.08
N SER D 252 6.83 -27.52 32.85
CA SER D 252 7.74 -27.26 31.74
C SER D 252 7.01 -26.81 30.48
N ASN D 253 6.48 -27.75 29.73
CA ASN D 253 5.89 -27.46 28.43
C ASN D 253 4.55 -26.76 28.50
N ASP D 254 3.81 -26.96 29.59
CA ASP D 254 2.51 -26.34 29.74
C ASP D 254 2.59 -25.05 30.55
N VAL D 255 3.81 -24.60 30.84
CA VAL D 255 4.02 -23.26 31.36
C VAL D 255 3.71 -22.27 30.25
N LEU D 256 2.82 -21.31 30.53
CA LEU D 256 2.27 -20.44 29.50
C LEU D 256 3.37 -19.77 28.71
N TYR D 257 4.31 -19.15 29.41
CA TYR D 257 5.42 -18.47 28.75
C TYR D 257 6.17 -19.35 27.78
N THR D 258 6.52 -20.56 28.22
CA THR D 258 7.30 -21.48 27.41
C THR D 258 6.49 -21.89 26.22
N ALA D 259 5.21 -22.17 26.45
CA ALA D 259 4.30 -22.62 25.41
C ALA D 259 4.06 -21.50 24.39
N GLN D 260 3.93 -20.28 24.87
CA GLN D 260 3.79 -19.11 24.02
C GLN D 260 4.97 -18.95 23.10
N LYS D 261 6.17 -18.94 23.66
CA LYS D 261 7.38 -18.74 22.88
C LYS D 261 7.64 -19.87 21.92
N ARG D 262 7.53 -21.11 22.40
CA ARG D 262 7.99 -22.28 21.64
C ARG D 262 6.90 -23.04 20.89
N GLY D 263 5.64 -22.67 21.15
CA GLY D 263 4.49 -23.32 20.55
C GLY D 263 3.61 -22.44 19.68
N SER D 264 3.73 -21.11 19.81
CA SER D 264 2.85 -20.18 19.09
C SER D 264 2.87 -20.45 17.61
N VAL D 265 4.07 -20.71 17.08
CA VAL D 265 4.28 -20.89 15.64
C VAL D 265 3.51 -22.09 15.08
N LEU D 266 3.35 -23.11 15.90
CA LEU D 266 2.70 -24.34 15.49
C LEU D 266 1.19 -24.18 15.57
N LEU D 267 0.68 -23.65 16.67
CA LEU D 267 -0.76 -23.36 16.75
C LEU D 267 -1.18 -22.42 15.62
N ASN D 268 -0.44 -21.35 15.41
CA ASN D 268 -0.76 -20.42 14.36
C ASN D 268 -0.77 -21.11 13.00
N ALA D 269 0.22 -21.95 12.76
CA ALA D 269 0.32 -22.71 11.52
C ALA D 269 -0.88 -23.63 11.38
N MET D 270 -1.30 -24.21 12.50
CA MET D 270 -2.40 -25.18 12.53
C MET D 270 -3.74 -24.49 12.33
N LEU D 271 -3.97 -23.42 13.07
CA LEU D 271 -5.16 -22.60 12.88
C LEU D 271 -5.20 -22.06 11.43
N ASP D 272 -4.08 -21.58 10.92
CA ASP D 272 -4.07 -21.05 9.55
C ASP D 272 -4.34 -22.15 8.53
N GLY D 273 -3.88 -23.37 8.83
CA GLY D 273 -4.11 -24.53 7.96
C GLY D 273 -5.57 -24.94 7.88
N VAL D 274 -6.32 -24.76 8.98
CA VAL D 274 -7.73 -25.16 9.01
C VAL D 274 -8.70 -24.08 8.50
N LYS D 275 -8.18 -22.90 8.12
CA LYS D 275 -9.04 -21.79 7.63
C LYS D 275 -9.33 -21.94 6.16
N PRO D 276 -10.49 -21.46 5.71
CA PRO D 276 -10.68 -21.40 4.26
C PRO D 276 -9.54 -20.67 3.52
N GLU D 277 -9.36 -21.00 2.25
CA GLU D 277 -8.35 -20.34 1.40
C GLU D 277 -6.91 -20.57 1.90
N ALA D 278 -6.70 -21.71 2.56
CA ALA D 278 -5.41 -22.08 3.14
C ALA D 278 -4.44 -22.52 2.04
N SER D 279 -3.16 -22.33 2.31
CA SER D 279 -2.10 -22.77 1.41
C SER D 279 -1.19 -23.73 2.19
N PRO D 280 -0.99 -24.95 1.68
CA PRO D 280 -1.42 -25.42 0.37
C PRO D 280 -2.88 -25.85 0.39
N ASN D 281 -3.39 -26.10 -0.81
CA ASN D 281 -4.73 -26.61 -1.06
C ASN D 281 -4.70 -28.13 -0.82
N VAL D 282 -5.08 -28.54 0.38
CA VAL D 282 -5.10 -29.96 0.74
C VAL D 282 -6.28 -30.23 1.63
N ARG D 283 -6.79 -31.46 1.60
CA ARG D 283 -7.89 -31.82 2.47
C ARG D 283 -7.41 -32.24 3.85
N TRP D 284 -6.16 -32.71 3.93
CA TRP D 284 -5.64 -33.27 5.17
C TRP D 284 -4.19 -32.83 5.35
N LEU D 285 -3.97 -31.89 6.26
CA LEU D 285 -2.62 -31.43 6.59
C LEU D 285 -2.20 -32.25 7.80
N LEU D 286 -1.15 -33.04 7.65
CA LEU D 286 -0.74 -33.96 8.70
C LEU D 286 0.64 -33.57 9.19
N LEU D 287 0.68 -33.13 10.44
CA LEU D 287 1.92 -32.77 11.08
C LEU D 287 2.26 -33.88 12.06
N VAL D 288 3.52 -34.30 12.06
CA VAL D 288 4.00 -35.36 12.92
C VAL D 288 5.21 -34.82 13.66
N ALA D 289 5.05 -34.55 14.94
CA ALA D 289 6.13 -34.00 15.73
C ALA D 289 6.20 -34.72 17.07
N HIS D 290 6.48 -33.98 18.14
CA HIS D 290 6.77 -34.56 19.45
C HIS D 290 5.77 -34.15 20.49
N ASP D 291 5.71 -34.91 21.58
CA ASP D 291 4.80 -34.63 22.66
C ASP D 291 4.99 -33.22 23.19
N THR D 292 6.24 -32.74 23.24
CA THR D 292 6.50 -31.39 23.74
C THR D 292 5.75 -30.34 22.90
N ASN D 293 5.70 -30.55 21.58
CA ASN D 293 4.98 -29.67 20.68
C ASN D 293 3.47 -29.69 20.96
N ILE D 294 2.90 -30.90 21.02
CA ILE D 294 1.47 -31.06 21.25
C ILE D 294 1.09 -30.41 22.58
N ALA D 295 1.93 -30.63 23.59
CA ALA D 295 1.70 -30.05 24.91
C ALA D 295 1.64 -28.53 24.83
N MET D 296 2.54 -27.93 24.05
CA MET D 296 2.62 -26.49 24.04
C MET D 296 1.39 -25.96 23.30
N VAL D 297 1.02 -26.65 22.22
CA VAL D 297 -0.14 -26.28 21.39
C VAL D 297 -1.45 -26.37 22.19
N ARG D 298 -1.64 -27.46 22.93
CA ARG D 298 -2.87 -27.59 23.72
C ARG D 298 -2.94 -26.64 24.91
N THR D 299 -1.80 -26.25 25.44
CA THR D 299 -1.76 -25.25 26.50
C THR D 299 -2.21 -23.90 25.96
N LEU D 300 -1.65 -23.50 24.82
CA LEU D 300 -2.12 -22.28 24.16
C LEU D 300 -3.62 -22.34 23.83
N MET D 301 -4.13 -23.53 23.55
CA MET D 301 -5.55 -23.77 23.27
C MET D 301 -6.43 -23.79 24.51
N ASN D 302 -5.81 -23.81 25.70
CA ASN D 302 -6.50 -24.07 26.97
C ASN D 302 -7.39 -25.31 26.89
N PHE D 303 -6.90 -26.31 26.18
CA PHE D 303 -7.56 -27.57 25.96
C PHE D 303 -6.92 -28.64 26.83
N SER D 304 -7.63 -29.03 27.87
CA SER D 304 -7.18 -30.02 28.83
C SER D 304 -8.02 -31.29 28.69
N TRP D 305 -7.36 -32.42 28.49
CA TRP D 305 -8.06 -33.69 28.39
C TRP D 305 -7.59 -34.69 29.42
N GLN D 306 -8.41 -35.70 29.64
CA GLN D 306 -8.00 -36.85 30.41
C GLN D 306 -8.71 -38.09 29.86
N LEU D 307 -7.95 -38.92 29.16
CA LEU D 307 -8.47 -40.13 28.55
C LEU D 307 -8.35 -41.31 29.54
N PRO D 308 -9.31 -42.24 29.52
CA PRO D 308 -9.25 -43.41 30.40
C PRO D 308 -7.89 -44.11 30.44
N GLY D 309 -7.39 -44.38 31.65
CA GLY D 309 -6.13 -45.08 31.83
C GLY D 309 -4.91 -44.19 31.81
N TYR D 310 -5.12 -42.89 31.60
CA TYR D 310 -4.03 -41.92 31.49
C TYR D 310 -4.22 -40.78 32.48
N SER D 311 -3.15 -40.09 32.79
CA SER D 311 -3.24 -38.91 33.63
C SER D 311 -3.57 -37.68 32.75
N ARG D 312 -4.03 -36.61 33.40
CA ARG D 312 -4.45 -35.39 32.71
C ARG D 312 -3.34 -34.91 31.77
N GLY D 313 -3.75 -34.56 30.54
CA GLY D 313 -2.85 -34.00 29.57
C GLY D 313 -1.89 -34.99 28.93
N ASN D 314 -1.98 -36.27 29.27
CA ASN D 314 -0.99 -37.20 28.77
C ASN D 314 -1.10 -37.36 27.24
N ILE D 315 0.05 -37.38 26.57
CA ILE D 315 0.15 -37.45 25.09
C ILE D 315 0.79 -38.80 24.73
N PRO D 316 -0.02 -39.86 24.52
CA PRO D 316 0.56 -41.17 24.22
C PRO D 316 1.21 -41.23 22.85
N PRO D 317 2.10 -42.22 22.63
CA PRO D 317 2.72 -42.38 21.33
C PRO D 317 1.66 -42.61 20.26
N GLY D 318 1.84 -41.98 19.11
CA GLY D 318 0.87 -42.08 18.02
C GLY D 318 -0.45 -41.35 18.26
N SER D 319 -0.54 -40.56 19.33
CA SER D 319 -1.75 -39.80 19.61
C SER D 319 -1.75 -38.56 18.75
N SER D 320 -2.89 -37.89 18.64
CA SER D 320 -2.96 -36.74 17.75
C SER D 320 -4.00 -35.73 18.16
N LEU D 321 -3.64 -34.46 17.94
CA LEU D 321 -4.53 -33.32 18.07
C LEU D 321 -5.09 -33.04 16.68
N VAL D 322 -6.41 -32.91 16.58
CA VAL D 322 -7.09 -32.79 15.28
C VAL D 322 -7.98 -31.55 15.26
N LEU D 323 -7.87 -30.77 14.18
CA LEU D 323 -8.78 -29.66 13.88
C LEU D 323 -9.56 -30.02 12.61
N GLU D 324 -10.88 -30.01 12.70
CA GLU D 324 -11.71 -30.30 11.54
C GLU D 324 -12.63 -29.13 11.24
N ARG D 325 -12.57 -28.63 10.00
CA ARG D 325 -13.52 -27.63 9.55
C ARG D 325 -14.65 -28.34 8.85
N TRP D 326 -15.86 -28.08 9.34
CA TRP D 326 -17.08 -28.69 8.82
C TRP D 326 -17.98 -27.61 8.26
N ARG D 327 -18.87 -28.00 7.36
CA ARG D 327 -19.82 -27.08 6.79
C ARG D 327 -21.21 -27.65 6.92
N ASP D 328 -22.15 -26.82 7.37
CA ASP D 328 -23.56 -27.19 7.41
C ASP D 328 -24.06 -27.13 5.98
N ALA D 329 -24.51 -28.28 5.48
CA ALA D 329 -24.99 -28.36 4.10
C ALA D 329 -26.13 -27.37 3.87
N LYS D 330 -27.08 -27.34 4.82
CA LYS D 330 -28.22 -26.41 4.81
C LYS D 330 -27.79 -24.93 4.72
N SER D 331 -27.16 -24.43 5.78
CA SER D 331 -26.95 -22.97 5.97
C SER D 331 -25.70 -22.42 5.28
N GLY D 332 -24.79 -23.31 4.92
CA GLY D 332 -23.47 -22.93 4.43
C GLY D 332 -22.51 -22.48 5.53
N GLU D 333 -22.93 -22.59 6.80
CA GLU D 333 -22.12 -22.11 7.90
C GLU D 333 -21.01 -23.08 8.27
N ARG D 334 -19.87 -22.51 8.61
CA ARG D 334 -18.68 -23.28 8.90
C ARG D 334 -18.53 -23.48 10.39
N TYR D 335 -18.05 -24.67 10.78
CA TYR D 335 -17.86 -25.01 12.17
C TYR D 335 -16.48 -25.65 12.36
N LEU D 336 -15.91 -25.49 13.55
CA LEU D 336 -14.69 -26.20 13.90
C LEU D 336 -14.99 -27.31 14.89
N ARG D 337 -14.30 -28.45 14.72
CA ARG D 337 -14.30 -29.52 15.70
C ARG D 337 -12.88 -29.75 16.12
N VAL D 338 -12.65 -29.91 17.41
CA VAL D 338 -11.31 -30.06 17.93
C VAL D 338 -11.30 -31.23 18.89
N TYR D 339 -10.36 -32.16 18.69
CA TYR D 339 -10.24 -33.27 19.60
C TYR D 339 -8.84 -33.79 19.68
N PHE D 340 -8.59 -34.45 20.81
CA PHE D 340 -7.40 -35.22 21.01
C PHE D 340 -7.78 -36.69 21.04
N GLN D 341 -7.01 -37.51 20.35
CA GLN D 341 -7.28 -38.94 20.31
C GLN D 341 -6.03 -39.73 20.58
N ALA D 342 -6.21 -40.91 21.17
CA ALA D 342 -5.12 -41.86 21.39
C ALA D 342 -5.66 -43.25 21.61
N GLN D 343 -4.76 -44.21 21.64
CA GLN D 343 -5.08 -45.57 22.01
C GLN D 343 -4.66 -45.79 23.45
N GLY D 344 -5.35 -46.73 24.12
CA GLY D 344 -5.05 -47.04 25.52
C GLY D 344 -3.79 -47.88 25.68
N LEU D 345 -3.34 -48.03 26.93
CA LEU D 345 -2.12 -48.76 27.22
C LEU D 345 -2.12 -50.22 26.70
N ASP D 346 -3.20 -50.95 26.98
CA ASP D 346 -3.29 -52.34 26.50
C ASP D 346 -3.52 -52.44 25.01
N ASP D 347 -4.30 -51.51 24.46
CA ASP D 347 -4.52 -51.46 23.02
C ASP D 347 -3.19 -51.27 22.28
N LEU D 348 -2.38 -50.34 22.75
CA LEU D 348 -1.07 -50.13 22.14
C LEU D 348 -0.24 -51.40 22.34
N ARG D 349 -0.17 -51.86 23.57
CA ARG D 349 0.63 -53.03 23.89
C ARG D 349 0.25 -54.23 23.02
N ARG D 350 -1.02 -54.37 22.72
CA ARG D 350 -1.52 -55.56 21.99
C ARG D 350 -1.65 -55.35 20.49
N LEU D 351 -1.14 -54.22 20.00
CA LEU D 351 -1.35 -53.81 18.62
C LEU D 351 -2.81 -53.97 18.19
N GLN D 352 -3.70 -53.53 19.07
CA GLN D 352 -5.12 -53.61 18.82
C GLN D 352 -5.49 -52.65 17.70
N THR D 353 -6.13 -53.23 16.70
CA THR D 353 -6.67 -52.49 15.59
C THR D 353 -7.97 -51.82 16.10
N PRO D 354 -8.06 -50.48 16.04
CA PRO D 354 -9.19 -49.77 16.66
C PRO D 354 -10.53 -49.99 15.96
N ASP D 355 -11.57 -50.31 16.70
CA ASP D 355 -12.85 -50.65 16.10
C ASP D 355 -14.00 -50.57 17.11
N ALA D 356 -15.21 -50.96 16.70
CA ALA D 356 -16.39 -50.92 17.55
C ALA D 356 -16.09 -51.26 19.01
N GLN D 357 -15.53 -52.45 19.24
CA GLN D 357 -15.32 -52.95 20.59
C GLN D 357 -14.01 -52.43 21.23
N HIS D 358 -13.18 -51.74 20.45
CA HIS D 358 -11.88 -51.25 20.90
C HIS D 358 -11.59 -49.88 20.28
N PRO D 359 -12.47 -48.92 20.54
CA PRO D 359 -12.36 -47.66 19.81
C PRO D 359 -11.19 -46.85 20.28
N MET D 360 -10.68 -45.98 19.42
CA MET D 360 -9.74 -44.96 19.84
C MET D 360 -10.35 -44.14 20.97
N LEU D 361 -9.53 -43.84 21.97
CA LEU D 361 -9.94 -42.94 23.00
C LEU D 361 -9.92 -41.55 22.39
N ARG D 362 -10.90 -40.74 22.77
CA ARG D 362 -11.05 -39.41 22.20
C ARG D 362 -11.74 -38.46 23.15
N GLN D 363 -11.24 -37.23 23.24
CA GLN D 363 -11.92 -36.18 23.97
C GLN D 363 -11.99 -34.96 23.08
N GLU D 364 -13.16 -34.34 23.05
CA GLU D 364 -13.40 -33.19 22.22
C GLU D 364 -13.32 -31.92 23.02
N TRP D 365 -12.71 -30.92 22.40
CA TRP D 365 -12.75 -29.57 22.92
C TRP D 365 -14.14 -28.99 22.66
N ARG D 366 -14.57 -28.13 23.56
CA ARG D 366 -15.86 -27.50 23.46
C ARG D 366 -15.75 -26.13 24.10
N GLN D 367 -16.68 -25.24 23.75
CA GLN D 367 -16.82 -23.97 24.43
C GLN D 367 -18.28 -23.59 24.27
N PRO D 368 -18.74 -22.54 24.95
CA PRO D 368 -20.13 -22.13 24.75
C PRO D 368 -20.39 -21.77 23.31
N GLY D 369 -21.58 -22.12 22.82
CA GLY D 369 -21.97 -21.88 21.44
C GLY D 369 -21.82 -23.08 20.53
N CYS D 370 -21.05 -24.07 20.96
CA CYS D 370 -20.91 -25.31 20.20
C CYS D 370 -22.16 -26.16 20.33
N ARG D 371 -22.32 -27.09 19.42
CA ARG D 371 -23.44 -27.99 19.41
C ARG D 371 -23.01 -29.42 19.15
N GLN D 372 -23.70 -30.34 19.82
CA GLN D 372 -23.56 -31.75 19.56
C GLN D 372 -24.20 -32.07 18.23
N THR D 373 -23.46 -32.76 17.36
CA THR D 373 -24.03 -33.27 16.11
C THR D 373 -23.76 -34.77 15.95
N ASP D 374 -24.33 -35.35 14.90
CA ASP D 374 -24.03 -36.73 14.50
C ASP D 374 -22.56 -36.97 14.21
N VAL D 375 -21.82 -35.92 13.85
CA VAL D 375 -20.39 -36.06 13.55
C VAL D 375 -19.45 -35.58 14.67
N GLY D 376 -20.03 -35.22 15.82
CA GLY D 376 -19.26 -34.72 16.95
C GLY D 376 -19.68 -33.33 17.37
N THR D 377 -18.84 -32.71 18.20
CA THR D 377 -19.07 -31.38 18.77
C THR D 377 -18.48 -30.33 17.86
N LEU D 378 -19.38 -29.58 17.23
CA LEU D 378 -19.03 -28.60 16.21
C LEU D 378 -19.21 -27.19 16.79
N CYS D 379 -18.21 -26.33 16.61
CA CYS D 379 -18.26 -24.98 17.16
C CYS D 379 -18.27 -23.94 16.08
N PRO D 380 -19.12 -22.93 16.22
CA PRO D 380 -19.06 -21.88 15.20
C PRO D 380 -17.62 -21.51 14.91
N PHE D 381 -17.28 -21.51 13.62
CA PHE D 381 -15.88 -21.50 13.20
C PHE D 381 -15.08 -20.32 13.71
N GLN D 382 -15.52 -19.09 13.41
CA GLN D 382 -14.75 -17.91 13.75
C GLN D 382 -14.66 -17.69 15.25
N ALA D 383 -15.75 -17.95 15.95
CA ALA D 383 -15.73 -17.88 17.41
C ALA D 383 -14.66 -18.84 17.96
N ALA D 384 -14.57 -20.03 17.36
CA ALA D 384 -13.61 -21.06 17.80
C ALA D 384 -12.16 -20.68 17.48
N ILE D 385 -11.93 -20.20 16.26
CA ILE D 385 -10.61 -19.73 15.83
C ILE D 385 -10.10 -18.61 16.71
N THR D 386 -10.97 -17.65 17.03
CA THR D 386 -10.61 -16.56 17.93
C THR D 386 -10.25 -17.09 19.33
N ALA D 387 -11.04 -18.03 19.83
CA ALA D 387 -10.80 -18.58 21.17
C ALA D 387 -9.47 -19.33 21.20
N LEU D 388 -9.22 -20.21 20.23
CA LEU D 388 -8.03 -21.06 20.25
C LEU D 388 -6.72 -20.27 19.96
N GLY D 389 -6.86 -19.08 19.38
CA GLY D 389 -5.73 -18.24 19.05
C GLY D 389 -5.42 -17.19 20.09
N GLN D 390 -6.35 -16.98 21.02
CA GLN D 390 -6.23 -15.97 22.09
C GLN D 390 -4.83 -15.82 22.67
N ARG D 391 -4.19 -16.93 22.95
CA ARG D 391 -2.97 -16.94 23.74
C ARG D 391 -1.71 -17.00 22.89
N ILE D 392 -1.88 -16.97 21.56
CA ILE D 392 -0.75 -16.92 20.63
C ILE D 392 0.02 -15.63 20.84
N ASP D 393 1.34 -15.73 20.90
CA ASP D 393 2.18 -14.57 20.94
C ASP D 393 2.58 -14.27 19.51
N ARG D 394 2.04 -13.20 18.97
CA ARG D 394 2.21 -12.87 17.54
C ARG D 394 3.69 -12.83 17.13
N PRO D 395 4.54 -12.12 17.88
CA PRO D 395 5.96 -12.12 17.46
C PRO D 395 6.58 -13.50 17.41
N SER D 396 6.06 -14.42 18.23
CA SER D 396 6.57 -15.78 18.29
C SER D 396 5.84 -16.73 17.35
N ALA D 397 5.01 -16.17 16.46
CA ALA D 397 4.29 -16.99 15.49
C ALA D 397 4.56 -16.49 14.09
N PRO D 398 5.81 -16.54 13.66
CA PRO D 398 6.04 -16.13 12.27
C PRO D 398 5.30 -17.05 11.30
N ALA D 399 4.73 -16.48 10.23
CA ALA D 399 4.15 -17.29 9.16
C ALA D 399 5.22 -18.20 8.64
N VAL D 400 4.87 -19.47 8.40
CA VAL D 400 5.76 -20.41 7.76
C VAL D 400 5.05 -20.96 6.52
N ALA D 401 5.81 -21.13 5.44
CA ALA D 401 5.34 -21.81 4.25
C ALA D 401 5.14 -23.25 4.66
N MET D 402 3.91 -23.72 4.62
CA MET D 402 3.64 -25.07 5.09
C MET D 402 4.28 -26.10 4.16
N VAL D 403 4.39 -25.77 2.89
CA VAL D 403 5.05 -26.66 1.94
C VAL D 403 6.56 -26.42 2.02
N LEU D 404 7.28 -27.44 2.50
CA LEU D 404 8.77 -27.45 2.53
C LEU D 404 9.35 -27.67 1.14
N PRO D 405 10.61 -27.25 0.93
CA PRO D 405 11.35 -27.60 -0.29
C PRO D 405 11.62 -29.10 -0.43
N LYS D 406 12.29 -29.46 -1.53
CA LYS D 406 12.66 -30.85 -1.93
C LYS D 406 11.46 -31.50 -2.61
S SO4 E . -10.49 -8.07 3.77
O1 SO4 E . -10.35 -7.68 2.37
O2 SO4 E . -10.03 -7.03 4.70
O3 SO4 E . -11.90 -8.32 4.03
O4 SO4 E . -9.67 -9.29 3.98
S SO4 F . -9.32 -2.65 -1.11
O1 SO4 F . -9.57 -4.05 -0.92
O2 SO4 F . -9.52 -2.37 -2.53
O3 SO4 F . -10.26 -1.89 -0.31
O4 SO4 F . -7.97 -2.28 -0.74
S SO4 G . -5.89 -7.04 -3.62
O1 SO4 G . -5.91 -5.67 -3.14
O2 SO4 G . -6.21 -7.92 -2.48
O3 SO4 G . -6.87 -7.23 -4.69
O4 SO4 G . -4.55 -7.32 -4.13
S SO4 H . -32.18 12.60 -12.92
O1 SO4 H . -30.75 12.73 -13.07
O2 SO4 H . -32.49 11.22 -12.56
O3 SO4 H . -32.64 13.55 -11.90
O4 SO4 H . -32.87 12.93 -14.17
S SO4 I . -6.17 5.83 26.92
O1 SO4 I . -6.32 7.20 27.43
O2 SO4 I . -4.75 5.50 26.92
O3 SO4 I . -6.92 4.92 27.81
O4 SO4 I . -6.68 5.66 25.57
S SO4 J . -8.92 14.06 28.84
O1 SO4 J . -8.58 14.31 27.44
O2 SO4 J . -8.83 12.63 29.10
O3 SO4 J . -7.98 14.74 29.73
O4 SO4 J . -10.30 14.53 29.06
S SO4 K . -4.95 12.56 24.52
O1 SO4 K . -5.10 11.81 25.75
O2 SO4 K . -4.59 13.94 24.90
O3 SO4 K . -3.87 12.02 23.71
O4 SO4 K . -6.20 12.54 23.79
S SO4 L . 22.72 22.89 20.16
O1 SO4 L . 23.53 23.98 20.71
O2 SO4 L . 22.35 21.90 21.17
O3 SO4 L . 21.48 23.46 19.68
O4 SO4 L . 23.43 22.24 19.06
S SO4 M . 23.32 19.80 -44.07
O1 SO4 M . 21.94 19.97 -43.60
O2 SO4 M . 23.46 20.29 -45.44
O3 SO4 M . 24.19 20.57 -43.14
O4 SO4 M . 23.75 18.39 -44.15
S SO4 N . 19.03 18.79 -36.54
O1 SO4 N . 18.90 17.95 -37.72
O2 SO4 N . 20.41 18.70 -36.07
O3 SO4 N . 18.64 20.17 -36.86
O4 SO4 N . 18.15 18.27 -35.49
S SO4 O . 17.40 16.18 -41.36
O1 SO4 O . 18.21 17.31 -40.95
O2 SO4 O . 16.13 16.29 -40.68
O3 SO4 O . 17.19 16.22 -42.80
O4 SO4 O . 18.07 14.94 -41.00
S SO4 P . 15.84 -36.57 21.07
O1 SO4 P . 14.52 -36.24 21.61
O2 SO4 P . 16.14 -35.66 19.96
O3 SO4 P . 16.80 -36.36 22.16
O4 SO4 P . 15.91 -37.94 20.55
S SO4 Q . 9.26 -36.48 26.83
O1 SO4 Q . 9.29 -36.97 25.45
O2 SO4 Q . 10.07 -37.34 27.69
O3 SO4 Q . 9.77 -35.10 26.86
O4 SO4 Q . 7.90 -36.50 27.34
S SO4 R . 8.47 -37.83 21.19
O1 SO4 R . 9.34 -36.97 21.96
O2 SO4 R . 7.10 -37.36 21.29
O3 SO4 R . 8.89 -37.80 19.80
O4 SO4 R . 8.52 -39.19 21.66
S SO4 S . -9.66 -24.63 1.54
O1 SO4 S . -8.28 -24.17 1.76
O2 SO4 S . -10.07 -25.65 2.48
O3 SO4 S . -10.62 -23.55 1.74
O4 SO4 S . -9.74 -25.14 0.17
S SO4 T . -11.18 -20.23 27.34
O1 SO4 T . -10.38 -21.41 27.64
O2 SO4 T . -12.35 -20.23 28.19
O3 SO4 T . -10.38 -19.04 27.59
O4 SO4 T . -11.55 -20.33 25.92
#